data_1NCN
# 
_entry.id   1NCN 
# 
_audit_conform.dict_name       mmcif_pdbx.dic 
_audit_conform.dict_version    5.397 
_audit_conform.dict_location   http://mmcif.pdb.org/dictionaries/ascii/mmcif_pdbx.dic 
# 
loop_
_database_2.database_id 
_database_2.database_code 
_database_2.pdbx_database_accession 
_database_2.pdbx_DOI 
PDB   1NCN         pdb_00001ncn 10.2210/pdb1ncn/pdb 
RCSB  RCSB017766   ?            ?                   
WWPDB D_1000017766 ?            ?                   
# 
loop_
_pdbx_audit_revision_history.ordinal 
_pdbx_audit_revision_history.data_content_type 
_pdbx_audit_revision_history.major_revision 
_pdbx_audit_revision_history.minor_revision 
_pdbx_audit_revision_history.revision_date 
1 'Structure model' 1 0 2003-03-11 
2 'Structure model' 1 1 2008-04-28 
3 'Structure model' 1 2 2011-07-13 
4 'Structure model' 1 3 2024-10-30 
# 
_pdbx_audit_revision_details.ordinal             1 
_pdbx_audit_revision_details.revision_ordinal    1 
_pdbx_audit_revision_details.data_content_type   'Structure model' 
_pdbx_audit_revision_details.provider            repository 
_pdbx_audit_revision_details.type                'Initial release' 
_pdbx_audit_revision_details.description         ? 
_pdbx_audit_revision_details.details             ? 
# 
loop_
_pdbx_audit_revision_group.ordinal 
_pdbx_audit_revision_group.revision_ordinal 
_pdbx_audit_revision_group.data_content_type 
_pdbx_audit_revision_group.group 
1 2 'Structure model' 'Version format compliance' 
2 3 'Structure model' 'Version format compliance' 
3 4 'Structure model' 'Data collection'           
4 4 'Structure model' 'Database references'       
5 4 'Structure model' 'Structure summary'         
# 
loop_
_pdbx_audit_revision_category.ordinal 
_pdbx_audit_revision_category.revision_ordinal 
_pdbx_audit_revision_category.data_content_type 
_pdbx_audit_revision_category.category 
1 4 'Structure model' chem_comp_atom            
2 4 'Structure model' chem_comp_bond            
3 4 'Structure model' database_2                
4 4 'Structure model' pdbx_entry_details        
5 4 'Structure model' pdbx_modification_feature 
6 4 'Structure model' struct_ref_seq_dif        
# 
loop_
_pdbx_audit_revision_item.ordinal 
_pdbx_audit_revision_item.revision_ordinal 
_pdbx_audit_revision_item.data_content_type 
_pdbx_audit_revision_item.item 
1 4 'Structure model' '_database_2.pdbx_DOI'                
2 4 'Structure model' '_database_2.pdbx_database_accession' 
3 4 'Structure model' '_struct_ref_seq_dif.details'         
# 
_pdbx_database_status.entry_id                        1NCN 
_pdbx_database_status.deposit_site                    RCSB 
_pdbx_database_status.process_site                    RCSB 
_pdbx_database_status.recvd_initial_deposition_date   2002-12-05 
_pdbx_database_status.status_code                     REL 
_pdbx_database_status.status_code_sf                  REL 
_pdbx_database_status.SG_entry                        . 
_pdbx_database_status.pdb_format_compatible           Y 
_pdbx_database_status.status_code_mr                  ? 
_pdbx_database_status.status_code_cs                  ? 
_pdbx_database_status.status_code_nmr_data            ? 
_pdbx_database_status.methods_development_category    ? 
# 
_pdbx_database_related.db_name        PDB 
_pdbx_database_related.db_id          1I85 
_pdbx_database_related.details        'the complex between the receptor-binding domain of human B7-2 and dimeric CTLA-4' 
_pdbx_database_related.content_type   unspecified 
# 
loop_
_audit_author.name 
_audit_author.pdbx_ordinal 
'Zhang, X.'       1 
'Schwartz, J.D.'  2 
'Almo, S.C.'      3 
'Nathenson, S.G.' 4 
# 
loop_
_citation.id 
_citation.title 
_citation.journal_abbrev 
_citation.journal_volume 
_citation.page_first 
_citation.page_last 
_citation.year 
_citation.journal_id_ASTM 
_citation.country 
_citation.journal_id_ISSN 
_citation.journal_id_CSD 
_citation.book_publisher 
_citation.pdbx_database_id_PubMed 
_citation.pdbx_database_id_DOI 
primary 'Crystal Structure of the Receptor-Binding Domain of Human B7-2: Insights into Organization and Signaling' 
Proc.Natl.Acad.Sci.USA 100 2586 2591 2003 PNASA6 US 0027-8424 0040 ? 12606712 10.1073/pnas.252771499 
1       
;Expression, Refolding, Purification, Molecular Characterization, Crystallization, and Preliminary X-ray Analysis of the Receptor Binding Domain of Human B7-2
;
'Protein Expr.Purif.'  25  105  113  2002 PEXPEJ US 1046-5928 0757 ? ?        10.1006/prep.2002.1616 
# 
loop_
_citation_author.citation_id 
_citation_author.name 
_citation_author.ordinal 
_citation_author.identifier_ORCID 
primary 'Zhang, X.'         1 ? 
primary 'Schwartz, J.D.'    2 ? 
primary 'Almo, S.C.'        3 ? 
primary 'Nathenson, S.G.'   4 ? 
1       'Zhang, X.'         5 ? 
1       'Schwartz, J.-C.D.' 6 ? 
1       'Almo, S.C.'        7 ? 
1       'Nathenson, S.G.'   8 ? 
# 
_entity.id                         1 
_entity.type                       polymer 
_entity.src_method                 man 
_entity.pdbx_description           'T lymphocyte activation antigen CD86' 
_entity.formula_weight             12849.631 
_entity.pdbx_number_of_molecules   2 
_entity.pdbx_ec                    ? 
_entity.pdbx_mutation              ? 
_entity.pdbx_fragment              'Ig V-type domain' 
_entity.details                    ? 
# 
_entity_name_com.entity_id   1 
_entity_name_com.name        'B7-2, Activation B7-2 antigen, CTLA-4 counter-receptor B7.2, B70, FUN-1, BU63' 
# 
_entity_poly.entity_id                      1 
_entity_poly.type                           'polypeptide(L)' 
_entity_poly.nstd_linkage                   no 
_entity_poly.nstd_monomer                   no 
_entity_poly.pdbx_seq_one_letter_code       
;MLKIQAYFNETADLPCQFANSQNQSLSELVVFWQDQENLVLNEVYLGKEKFDSVHSKYMGRTSFDSDSWTLRLHNLQIKD
KGLYQCIIHHKKPTGMIRIHQMNSELSVLA
;
_entity_poly.pdbx_seq_one_letter_code_can   
;MLKIQAYFNETADLPCQFANSQNQSLSELVVFWQDQENLVLNEVYLGKEKFDSVHSKYMGRTSFDSDSWTLRLHNLQIKD
KGLYQCIIHHKKPTGMIRIHQMNSELSVLA
;
_entity_poly.pdbx_strand_id                 A,B 
_entity_poly.pdbx_target_identifier         ? 
# 
loop_
_entity_poly_seq.entity_id 
_entity_poly_seq.num 
_entity_poly_seq.mon_id 
_entity_poly_seq.hetero 
1 1   MET n 
1 2   LEU n 
1 3   LYS n 
1 4   ILE n 
1 5   GLN n 
1 6   ALA n 
1 7   TYR n 
1 8   PHE n 
1 9   ASN n 
1 10  GLU n 
1 11  THR n 
1 12  ALA n 
1 13  ASP n 
1 14  LEU n 
1 15  PRO n 
1 16  CYS n 
1 17  GLN n 
1 18  PHE n 
1 19  ALA n 
1 20  ASN n 
1 21  SER n 
1 22  GLN n 
1 23  ASN n 
1 24  GLN n 
1 25  SER n 
1 26  LEU n 
1 27  SER n 
1 28  GLU n 
1 29  LEU n 
1 30  VAL n 
1 31  VAL n 
1 32  PHE n 
1 33  TRP n 
1 34  GLN n 
1 35  ASP n 
1 36  GLN n 
1 37  GLU n 
1 38  ASN n 
1 39  LEU n 
1 40  VAL n 
1 41  LEU n 
1 42  ASN n 
1 43  GLU n 
1 44  VAL n 
1 45  TYR n 
1 46  LEU n 
1 47  GLY n 
1 48  LYS n 
1 49  GLU n 
1 50  LYS n 
1 51  PHE n 
1 52  ASP n 
1 53  SER n 
1 54  VAL n 
1 55  HIS n 
1 56  SER n 
1 57  LYS n 
1 58  TYR n 
1 59  MET n 
1 60  GLY n 
1 61  ARG n 
1 62  THR n 
1 63  SER n 
1 64  PHE n 
1 65  ASP n 
1 66  SER n 
1 67  ASP n 
1 68  SER n 
1 69  TRP n 
1 70  THR n 
1 71  LEU n 
1 72  ARG n 
1 73  LEU n 
1 74  HIS n 
1 75  ASN n 
1 76  LEU n 
1 77  GLN n 
1 78  ILE n 
1 79  LYS n 
1 80  ASP n 
1 81  LYS n 
1 82  GLY n 
1 83  LEU n 
1 84  TYR n 
1 85  GLN n 
1 86  CYS n 
1 87  ILE n 
1 88  ILE n 
1 89  HIS n 
1 90  HIS n 
1 91  LYS n 
1 92  LYS n 
1 93  PRO n 
1 94  THR n 
1 95  GLY n 
1 96  MET n 
1 97  ILE n 
1 98  ARG n 
1 99  ILE n 
1 100 HIS n 
1 101 GLN n 
1 102 MET n 
1 103 ASN n 
1 104 SER n 
1 105 GLU n 
1 106 LEU n 
1 107 SER n 
1 108 VAL n 
1 109 LEU n 
1 110 ALA n 
# 
_entity_src_gen.entity_id                          1 
_entity_src_gen.pdbx_src_id                        1 
_entity_src_gen.pdbx_alt_source_flag               sample 
_entity_src_gen.pdbx_seq_type                      ? 
_entity_src_gen.pdbx_beg_seq_num                   ? 
_entity_src_gen.pdbx_end_seq_num                   ? 
_entity_src_gen.gene_src_common_name               human 
_entity_src_gen.gene_src_genus                     Homo 
_entity_src_gen.pdbx_gene_src_gene                 B7-2 
_entity_src_gen.gene_src_species                   ? 
_entity_src_gen.gene_src_strain                    ? 
_entity_src_gen.gene_src_tissue                    ? 
_entity_src_gen.gene_src_tissue_fraction           ? 
_entity_src_gen.gene_src_details                   ? 
_entity_src_gen.pdbx_gene_src_fragment             ? 
_entity_src_gen.pdbx_gene_src_scientific_name      'Homo sapiens' 
_entity_src_gen.pdbx_gene_src_ncbi_taxonomy_id     9606 
_entity_src_gen.pdbx_gene_src_variant              ? 
_entity_src_gen.pdbx_gene_src_cell_line            ? 
_entity_src_gen.pdbx_gene_src_atcc                 ? 
_entity_src_gen.pdbx_gene_src_organ                ? 
_entity_src_gen.pdbx_gene_src_organelle            ? 
_entity_src_gen.pdbx_gene_src_cell                 ? 
_entity_src_gen.pdbx_gene_src_cellular_location    ? 
_entity_src_gen.host_org_common_name               ? 
_entity_src_gen.pdbx_host_org_scientific_name      'Escherichia coli' 
_entity_src_gen.pdbx_host_org_ncbi_taxonomy_id     562 
_entity_src_gen.host_org_genus                     Escherichia 
_entity_src_gen.pdbx_host_org_gene                 ? 
_entity_src_gen.pdbx_host_org_organ                ? 
_entity_src_gen.host_org_species                   ? 
_entity_src_gen.pdbx_host_org_tissue               ? 
_entity_src_gen.pdbx_host_org_tissue_fraction      ? 
_entity_src_gen.pdbx_host_org_strain               'BL21(DE3), B834(DE3)' 
_entity_src_gen.pdbx_host_org_variant              ? 
_entity_src_gen.pdbx_host_org_cell_line            ? 
_entity_src_gen.pdbx_host_org_atcc                 ? 
_entity_src_gen.pdbx_host_org_culture_collection   ? 
_entity_src_gen.pdbx_host_org_cell                 ? 
_entity_src_gen.pdbx_host_org_organelle            ? 
_entity_src_gen.pdbx_host_org_cellular_location    ? 
_entity_src_gen.pdbx_host_org_vector_type          plasmid 
_entity_src_gen.pdbx_host_org_vector               ? 
_entity_src_gen.host_org_details                   ? 
_entity_src_gen.expression_system_id               ? 
_entity_src_gen.plasmid_name                       pET3a 
_entity_src_gen.plasmid_details                    ? 
_entity_src_gen.pdbx_description                   ? 
# 
loop_
_chem_comp.id 
_chem_comp.type 
_chem_comp.mon_nstd_flag 
_chem_comp.name 
_chem_comp.pdbx_synonyms 
_chem_comp.formula 
_chem_comp.formula_weight 
ALA 'L-peptide linking' y ALANINE         ? 'C3 H7 N O2'     89.093  
ARG 'L-peptide linking' y ARGININE        ? 'C6 H15 N4 O2 1' 175.209 
ASN 'L-peptide linking' y ASPARAGINE      ? 'C4 H8 N2 O3'    132.118 
ASP 'L-peptide linking' y 'ASPARTIC ACID' ? 'C4 H7 N O4'     133.103 
CYS 'L-peptide linking' y CYSTEINE        ? 'C3 H7 N O2 S'   121.158 
GLN 'L-peptide linking' y GLUTAMINE       ? 'C5 H10 N2 O3'   146.144 
GLU 'L-peptide linking' y 'GLUTAMIC ACID' ? 'C5 H9 N O4'     147.129 
GLY 'peptide linking'   y GLYCINE         ? 'C2 H5 N O2'     75.067  
HIS 'L-peptide linking' y HISTIDINE       ? 'C6 H10 N3 O2 1' 156.162 
ILE 'L-peptide linking' y ISOLEUCINE      ? 'C6 H13 N O2'    131.173 
LEU 'L-peptide linking' y LEUCINE         ? 'C6 H13 N O2'    131.173 
LYS 'L-peptide linking' y LYSINE          ? 'C6 H15 N2 O2 1' 147.195 
MET 'L-peptide linking' y METHIONINE      ? 'C5 H11 N O2 S'  149.211 
PHE 'L-peptide linking' y PHENYLALANINE   ? 'C9 H11 N O2'    165.189 
PRO 'L-peptide linking' y PROLINE         ? 'C5 H9 N O2'     115.130 
SER 'L-peptide linking' y SERINE          ? 'C3 H7 N O3'     105.093 
THR 'L-peptide linking' y THREONINE       ? 'C4 H9 N O3'     119.119 
TRP 'L-peptide linking' y TRYPTOPHAN      ? 'C11 H12 N2 O2'  204.225 
TYR 'L-peptide linking' y TYROSINE        ? 'C9 H11 N O3'    181.189 
VAL 'L-peptide linking' y VALINE          ? 'C5 H11 N O2'    117.146 
# 
loop_
_pdbx_poly_seq_scheme.asym_id 
_pdbx_poly_seq_scheme.entity_id 
_pdbx_poly_seq_scheme.seq_id 
_pdbx_poly_seq_scheme.mon_id 
_pdbx_poly_seq_scheme.ndb_seq_num 
_pdbx_poly_seq_scheme.pdb_seq_num 
_pdbx_poly_seq_scheme.auth_seq_num 
_pdbx_poly_seq_scheme.pdb_mon_id 
_pdbx_poly_seq_scheme.auth_mon_id 
_pdbx_poly_seq_scheme.pdb_strand_id 
_pdbx_poly_seq_scheme.pdb_ins_code 
_pdbx_poly_seq_scheme.hetero 
A 1 1   MET 1   0   0   MET MET A . n 
A 1 2   LEU 2   1   1   LEU LEU A . n 
A 1 3   LYS 3   2   2   LYS LYS A . n 
A 1 4   ILE 4   3   3   ILE ILE A . n 
A 1 5   GLN 5   4   4   GLN GLN A . n 
A 1 6   ALA 6   5   5   ALA ALA A . n 
A 1 7   TYR 7   6   6   TYR TYR A . n 
A 1 8   PHE 8   7   7   PHE PHE A . n 
A 1 9   ASN 9   8   8   ASN ASN A . n 
A 1 10  GLU 10  9   9   GLU GLU A . n 
A 1 11  THR 11  10  10  THR THR A . n 
A 1 12  ALA 12  11  11  ALA ALA A . n 
A 1 13  ASP 13  12  12  ASP ASP A . n 
A 1 14  LEU 14  13  13  LEU LEU A . n 
A 1 15  PRO 15  14  14  PRO PRO A . n 
A 1 16  CYS 16  15  15  CYS CYS A . n 
A 1 17  GLN 17  16  16  GLN GLN A . n 
A 1 18  PHE 18  17  17  PHE PHE A . n 
A 1 19  ALA 19  18  18  ALA ALA A . n 
A 1 20  ASN 20  19  19  ASN ASN A . n 
A 1 21  SER 21  20  20  SER SER A . n 
A 1 22  GLN 22  21  21  GLN GLN A . n 
A 1 23  ASN 23  22  22  ASN ASN A . n 
A 1 24  GLN 24  23  23  GLN GLN A . n 
A 1 25  SER 25  24  24  SER SER A . n 
A 1 26  LEU 26  25  25  LEU LEU A . n 
A 1 27  SER 27  26  26  SER SER A . n 
A 1 28  GLU 28  27  27  GLU GLU A . n 
A 1 29  LEU 29  28  28  LEU LEU A . n 
A 1 30  VAL 30  29  29  VAL VAL A . n 
A 1 31  VAL 31  30  30  VAL VAL A . n 
A 1 32  PHE 32  31  31  PHE PHE A . n 
A 1 33  TRP 33  32  32  TRP TRP A . n 
A 1 34  GLN 34  33  33  GLN GLN A . n 
A 1 35  ASP 35  34  34  ASP ASP A . n 
A 1 36  GLN 36  35  35  GLN GLN A . n 
A 1 37  GLU 37  36  36  GLU GLU A . n 
A 1 38  ASN 38  37  37  ASN ASN A . n 
A 1 39  LEU 39  38  38  LEU LEU A . n 
A 1 40  VAL 40  39  39  VAL VAL A . n 
A 1 41  LEU 41  40  40  LEU LEU A . n 
A 1 42  ASN 42  41  41  ASN ASN A . n 
A 1 43  GLU 43  42  42  GLU GLU A . n 
A 1 44  VAL 44  43  43  VAL VAL A . n 
A 1 45  TYR 45  44  44  TYR TYR A . n 
A 1 46  LEU 46  45  45  LEU LEU A . n 
A 1 47  GLY 47  46  46  GLY GLY A . n 
A 1 48  LYS 48  47  47  LYS LYS A . n 
A 1 49  GLU 49  48  48  GLU GLU A . n 
A 1 50  LYS 50  49  49  LYS LYS A . n 
A 1 51  PHE 51  50  50  PHE PHE A . n 
A 1 52  ASP 52  51  51  ASP ASP A . n 
A 1 53  SER 53  52  52  SER SER A . n 
A 1 54  VAL 54  53  53  VAL VAL A . n 
A 1 55  HIS 55  54  54  HIS HIS A . n 
A 1 56  SER 56  55  55  SER SER A . n 
A 1 57  LYS 57  56  56  LYS LYS A . n 
A 1 58  TYR 58  57  57  TYR TYR A . n 
A 1 59  MET 59  58  58  MET MET A . n 
A 1 60  GLY 60  59  59  GLY GLY A . n 
A 1 61  ARG 61  60  60  ARG ARG A . n 
A 1 62  THR 62  61  61  THR THR A . n 
A 1 63  SER 63  62  62  SER SER A . n 
A 1 64  PHE 64  63  63  PHE PHE A . n 
A 1 65  ASP 65  64  64  ASP ASP A . n 
A 1 66  SER 66  65  65  SER SER A . n 
A 1 67  ASP 67  66  66  ASP ASP A . n 
A 1 68  SER 68  67  67  SER SER A . n 
A 1 69  TRP 69  68  68  TRP TRP A . n 
A 1 70  THR 70  69  69  THR THR A . n 
A 1 71  LEU 71  70  70  LEU LEU A . n 
A 1 72  ARG 72  71  71  ARG ARG A . n 
A 1 73  LEU 73  72  72  LEU LEU A . n 
A 1 74  HIS 74  73  73  HIS HIS A . n 
A 1 75  ASN 75  74  74  ASN ASN A . n 
A 1 76  LEU 76  75  75  LEU LEU A . n 
A 1 77  GLN 77  76  76  GLN GLN A . n 
A 1 78  ILE 78  77  77  ILE ILE A . n 
A 1 79  LYS 79  78  78  LYS LYS A . n 
A 1 80  ASP 80  79  79  ASP ASP A . n 
A 1 81  LYS 81  80  80  LYS LYS A . n 
A 1 82  GLY 82  81  81  GLY GLY A . n 
A 1 83  LEU 83  82  82  LEU LEU A . n 
A 1 84  TYR 84  83  83  TYR TYR A . n 
A 1 85  GLN 85  84  84  GLN GLN A . n 
A 1 86  CYS 86  85  85  CYS CYS A . n 
A 1 87  ILE 87  86  86  ILE ILE A . n 
A 1 88  ILE 88  87  87  ILE ILE A . n 
A 1 89  HIS 89  88  88  HIS HIS A . n 
A 1 90  HIS 90  89  89  HIS HIS A . n 
A 1 91  LYS 91  90  90  LYS LYS A . n 
A 1 92  LYS 92  91  91  LYS LYS A . n 
A 1 93  PRO 93  92  92  PRO PRO A . n 
A 1 94  THR 94  93  93  THR THR A . n 
A 1 95  GLY 95  94  94  GLY GLY A . n 
A 1 96  MET 96  95  95  MET MET A . n 
A 1 97  ILE 97  96  96  ILE ILE A . n 
A 1 98  ARG 98  97  97  ARG ARG A . n 
A 1 99  ILE 99  98  98  ILE ILE A . n 
A 1 100 HIS 100 99  99  HIS HIS A . n 
A 1 101 GLN 101 100 100 GLN GLN A . n 
A 1 102 MET 102 101 101 MET MET A . n 
A 1 103 ASN 103 102 102 ASN ASN A . n 
A 1 104 SER 104 103 103 SER SER A . n 
A 1 105 GLU 105 104 104 GLU GLU A . n 
A 1 106 LEU 106 105 105 LEU LEU A . n 
A 1 107 SER 107 106 106 SER SER A . n 
A 1 108 VAL 108 107 107 VAL VAL A . n 
A 1 109 LEU 109 108 108 LEU LEU A . n 
A 1 110 ALA 110 109 109 ALA ALA A . n 
B 1 1   MET 1   0   0   MET MET B . n 
B 1 2   LEU 2   1   1   LEU LEU B . n 
B 1 3   LYS 3   2   2   LYS LYS B . n 
B 1 4   ILE 4   3   3   ILE ILE B . n 
B 1 5   GLN 5   4   4   GLN GLN B . n 
B 1 6   ALA 6   5   5   ALA ALA B . n 
B 1 7   TYR 7   6   6   TYR TYR B . n 
B 1 8   PHE 8   7   7   PHE PHE B . n 
B 1 9   ASN 9   8   8   ASN ASN B . n 
B 1 10  GLU 10  9   9   GLU GLU B . n 
B 1 11  THR 11  10  10  THR THR B . n 
B 1 12  ALA 12  11  11  ALA ALA B . n 
B 1 13  ASP 13  12  12  ASP ASP B . n 
B 1 14  LEU 14  13  13  LEU LEU B . n 
B 1 15  PRO 15  14  14  PRO PRO B . n 
B 1 16  CYS 16  15  15  CYS CYS B . n 
B 1 17  GLN 17  16  16  GLN GLN B . n 
B 1 18  PHE 18  17  17  PHE PHE B . n 
B 1 19  ALA 19  18  18  ALA ALA B . n 
B 1 20  ASN 20  19  19  ASN ASN B . n 
B 1 21  SER 21  20  20  SER SER B . n 
B 1 22  GLN 22  21  21  GLN GLN B . n 
B 1 23  ASN 23  22  22  ASN ASN B . n 
B 1 24  GLN 24  23  23  GLN GLN B . n 
B 1 25  SER 25  24  24  SER SER B . n 
B 1 26  LEU 26  25  25  LEU LEU B . n 
B 1 27  SER 27  26  26  SER SER B . n 
B 1 28  GLU 28  27  27  GLU GLU B . n 
B 1 29  LEU 29  28  28  LEU LEU B . n 
B 1 30  VAL 30  29  29  VAL VAL B . n 
B 1 31  VAL 31  30  30  VAL VAL B . n 
B 1 32  PHE 32  31  31  PHE PHE B . n 
B 1 33  TRP 33  32  32  TRP TRP B . n 
B 1 34  GLN 34  33  33  GLN GLN B . n 
B 1 35  ASP 35  34  34  ASP ASP B . n 
B 1 36  GLN 36  35  35  GLN GLN B . n 
B 1 37  GLU 37  36  36  GLU GLU B . n 
B 1 38  ASN 38  37  37  ASN ASN B . n 
B 1 39  LEU 39  38  38  LEU LEU B . n 
B 1 40  VAL 40  39  39  VAL VAL B . n 
B 1 41  LEU 41  40  40  LEU LEU B . n 
B 1 42  ASN 42  41  41  ASN ASN B . n 
B 1 43  GLU 43  42  42  GLU GLU B . n 
B 1 44  VAL 44  43  43  VAL VAL B . n 
B 1 45  TYR 45  44  44  TYR TYR B . n 
B 1 46  LEU 46  45  45  LEU LEU B . n 
B 1 47  GLY 47  46  46  GLY GLY B . n 
B 1 48  LYS 48  47  47  LYS LYS B . n 
B 1 49  GLU 49  48  48  GLU GLU B . n 
B 1 50  LYS 50  49  49  LYS LYS B . n 
B 1 51  PHE 51  50  50  PHE PHE B . n 
B 1 52  ASP 52  51  51  ASP ASP B . n 
B 1 53  SER 53  52  52  SER SER B . n 
B 1 54  VAL 54  53  53  VAL VAL B . n 
B 1 55  HIS 55  54  54  HIS HIS B . n 
B 1 56  SER 56  55  55  SER SER B . n 
B 1 57  LYS 57  56  56  LYS LYS B . n 
B 1 58  TYR 58  57  57  TYR TYR B . n 
B 1 59  MET 59  58  58  MET MET B . n 
B 1 60  GLY 60  59  59  GLY GLY B . n 
B 1 61  ARG 61  60  60  ARG ARG B . n 
B 1 62  THR 62  61  61  THR THR B . n 
B 1 63  SER 63  62  62  SER SER B . n 
B 1 64  PHE 64  63  63  PHE PHE B . n 
B 1 65  ASP 65  64  64  ASP ASP B . n 
B 1 66  SER 66  65  65  SER SER B . n 
B 1 67  ASP 67  66  66  ASP ASP B . n 
B 1 68  SER 68  67  67  SER SER B . n 
B 1 69  TRP 69  68  68  TRP TRP B . n 
B 1 70  THR 70  69  69  THR THR B . n 
B 1 71  LEU 71  70  70  LEU LEU B . n 
B 1 72  ARG 72  71  71  ARG ARG B . n 
B 1 73  LEU 73  72  72  LEU LEU B . n 
B 1 74  HIS 74  73  73  HIS HIS B . n 
B 1 75  ASN 75  74  74  ASN ASN B . n 
B 1 76  LEU 76  75  75  LEU LEU B . n 
B 1 77  GLN 77  76  76  GLN GLN B . n 
B 1 78  ILE 78  77  77  ILE ILE B . n 
B 1 79  LYS 79  78  78  LYS LYS B . n 
B 1 80  ASP 80  79  79  ASP ASP B . n 
B 1 81  LYS 81  80  80  LYS LYS B . n 
B 1 82  GLY 82  81  81  GLY GLY B . n 
B 1 83  LEU 83  82  82  LEU LEU B . n 
B 1 84  TYR 84  83  83  TYR TYR B . n 
B 1 85  GLN 85  84  84  GLN GLN B . n 
B 1 86  CYS 86  85  85  CYS CYS B . n 
B 1 87  ILE 87  86  86  ILE ILE B . n 
B 1 88  ILE 88  87  87  ILE ILE B . n 
B 1 89  HIS 89  88  88  HIS HIS B . n 
B 1 90  HIS 90  89  89  HIS HIS B . n 
B 1 91  LYS 91  90  90  LYS LYS B . n 
B 1 92  LYS 92  91  91  LYS LYS B . n 
B 1 93  PRO 93  92  92  PRO PRO B . n 
B 1 94  THR 94  93  93  THR THR B . n 
B 1 95  GLY 95  94  94  GLY GLY B . n 
B 1 96  MET 96  95  95  MET MET B . n 
B 1 97  ILE 97  96  96  ILE ILE B . n 
B 1 98  ARG 98  97  97  ARG ARG B . n 
B 1 99  ILE 99  98  98  ILE ILE B . n 
B 1 100 HIS 100 99  99  HIS HIS B . n 
B 1 101 GLN 101 100 100 GLN GLN B . n 
B 1 102 MET 102 101 101 MET MET B . n 
B 1 103 ASN 103 102 102 ASN ASN B . n 
B 1 104 SER 104 103 103 SER SER B . n 
B 1 105 GLU 105 104 104 GLU GLU B . n 
B 1 106 LEU 106 105 105 LEU LEU B . n 
B 1 107 SER 107 106 106 SER SER B . n 
B 1 108 VAL 108 107 107 VAL VAL B . n 
B 1 109 LEU 109 108 108 LEU LEU B . n 
B 1 110 ALA 110 109 109 ALA ALA B . n 
# 
loop_
_software.name 
_software.version 
_software.date 
_software.type 
_software.contact_author 
_software.contact_author_email 
_software.location 
_software.classification 
_software.language 
_software.citation_id 
_software.pdbx_ordinal 
CNS       1.0 1998 package 'Axel T. Brunger' axel.brunger@yale.edu . refinement       Fortran ? 1 
DENZO     .   ?    ?       ?                 ?                     ? 'data reduction' ?       ? 2 
SCALEPACK .   ?    ?       ?                 ?                     ? 'data scaling'   ?       ? 3 
SOLVE     .   ?    ?       ?                 ?                     ? phasing          ?       ? 4 
# 
_cell.entry_id           1NCN 
_cell.length_a           56.690 
_cell.length_b           63.010 
_cell.length_c           58.610 
_cell.angle_alpha        90.00 
_cell.angle_beta         90.00 
_cell.angle_gamma        90.00 
_cell.pdbx_unique_axis   ? 
_cell.Z_PDB              8 
# 
_symmetry.entry_id                         1NCN 
_symmetry.space_group_name_H-M             'P 21 21 2' 
_symmetry.pdbx_full_space_group_name_H-M   ? 
_symmetry.Int_Tables_number                18 
_symmetry.cell_setting                     ? 
# 
_exptl.entry_id          1NCN 
_exptl.crystals_number   1 
_exptl.method            'X-RAY DIFFRACTION' 
# 
_exptl_crystal.id                    1 
_exptl_crystal.density_meas          ? 
_exptl_crystal.density_percent_sol   40.18 
_exptl_crystal.density_Matthews      2.07 
_exptl_crystal.description           ? 
# 
_exptl_crystal_grow.crystal_id      1 
_exptl_crystal_grow.method          'VAPOR DIFFUSION, HANGING DROP' 
_exptl_crystal_grow.pH              8.5 
_exptl_crystal_grow.temp            277 
_exptl_crystal_grow.temp_details    ? 
_exptl_crystal_grow.pdbx_details    'PEG4000, NaAC, Tris-HCl, pH 8.5, VAPOR DIFFUSION, HANGING DROP, temperature 277K' 
_exptl_crystal_grow.pdbx_pH_range   ? 
# 
_diffrn.id                     1 
_diffrn.ambient_temp           100 
_diffrn.ambient_temp_details   ? 
_diffrn.crystal_id             1 
# 
_diffrn_detector.diffrn_id              1 
_diffrn_detector.detector               CCD 
_diffrn_detector.type                   'ADSC QUANTUM 4' 
_diffrn_detector.pdbx_collection_date   1999-01-01 
_diffrn_detector.details                ? 
# 
_diffrn_radiation.diffrn_id                        1 
_diffrn_radiation.wavelength_id                    1 
_diffrn_radiation.pdbx_diffrn_protocol             MAD 
_diffrn_radiation.monochromator                    ? 
_diffrn_radiation.pdbx_monochromatic_or_laue_m_l   M 
_diffrn_radiation.pdbx_scattering_type             x-ray 
# 
loop_
_diffrn_radiation_wavelength.id 
_diffrn_radiation_wavelength.wavelength 
_diffrn_radiation_wavelength.wt 
1 0.96110 1.0 
2 0.98000 1.0 
3 0.98019 1.0 
# 
_diffrn_source.diffrn_id                   1 
_diffrn_source.source                      SYNCHROTRON 
_diffrn_source.type                        'NSLS BEAMLINE X9B' 
_diffrn_source.pdbx_wavelength             ? 
_diffrn_source.pdbx_wavelength_list        '0.96110, 0.98000, 0.98019' 
_diffrn_source.pdbx_synchrotron_site       NSLS 
_diffrn_source.pdbx_synchrotron_beamline   X9B 
# 
_reflns.entry_id                     1NCN 
_reflns.d_resolution_high            2.70 
_reflns.d_resolution_low             19.83 
_reflns.limit_h_max                  20 
_reflns.limit_h_min                  0 
_reflns.limit_k_max                  23 
_reflns.limit_k_min                  0 
_reflns.limit_l_max                  21 
_reflns.limit_l_min                  0 
_reflns.number_all                   5843 
_reflns.observed_criterion_sigma_F   0.0 
_reflns.observed_criterion_F_max     1489970.80 
_reflns.observed_criterion_F_min     41.080000 
_reflns.B_iso_Wilson_estimate        31.2 
_reflns.observed_criterion_sigma_I   0.0 
_reflns.number_obs                   5843 
_reflns.percent_possible_obs         95.5 
_reflns.pdbx_Rmerge_I_obs            ? 
_reflns.pdbx_Rsym_value              ? 
_reflns.pdbx_netI_over_sigmaI        ? 
_reflns.pdbx_redundancy              ? 
_reflns.R_free_details               ? 
_reflns.pdbx_diffrn_id               1 
_reflns.pdbx_ordinal                 1 
# 
_reflns_shell.d_res_high             2.7 
_reflns_shell.d_res_low              2.8 
_reflns_shell.percent_possible_obs   ? 
_reflns_shell.percent_possible_all   90.8 
_reflns_shell.Rmerge_I_obs           ? 
_reflns_shell.meanI_over_sigI_obs    ? 
_reflns_shell.pdbx_Rsym_value        ? 
_reflns_shell.pdbx_redundancy        ? 
_reflns_shell.number_unique_all      ? 
_reflns_shell.pdbx_diffrn_id         ? 
_reflns_shell.pdbx_ordinal           1 
# 
_refine.entry_id                                 1NCN 
_refine.ls_number_reflns_all                     ? 
_refine.ls_number_reflns_obs                     5842 
_refine.ls_percent_reflns_obs                    95.6 
_refine.ls_d_res_high                            2.70 
_refine.ls_d_res_low                             19.83 
_refine.B_iso_min                                3.20 
_refine.B_iso_max                                49.42 
_refine.B_iso_mean                               21.94 
_refine.occupancy_min                            1.00 
_refine.occupancy_max                            1.00 
_refine.aniso_B[1][1]                            9.98 
_refine.aniso_B[2][2]                            -3.55 
_refine.aniso_B[3][3]                            -6.43 
_refine.aniso_B[1][2]                            0.00 
_refine.aniso_B[1][3]                            0.00 
_refine.aniso_B[2][3]                            0.00 
_refine.solvent_model_param_bsol                 18.2567 
_refine.solvent_model_param_ksol                 0.37304 
_refine.solvent_model_details                    'CNS bulk solvent model used' 
_refine.ls_R_factor_R_work                       0.214 
_refine.ls_R_factor_R_free                       0.278 
_refine.ls_R_factor_R_free_error                 0.011 
_refine.ls_number_reflns_R_free                  629 
_refine.ls_percent_reflns_R_free                 10.8 
_refine.details                                  ? 
_refine.pdbx_ls_sigma_F                          2 
_refine.pdbx_ls_sigma_I                          ? 
_refine.ls_R_factor_all                          0.258 
_refine.ls_R_factor_obs                          0.252 
_refine.ls_redundancy_reflns_obs                 ? 
_refine.pdbx_data_cutoff_high_absF               ? 
_refine.pdbx_data_cutoff_low_absF                ? 
_refine.ls_number_parameters                     ? 
_refine.ls_number_restraints                     ? 
_refine.ls_R_factor_R_free_error_details         ? 
_refine.pdbx_method_to_determine_struct          MAD 
_refine.pdbx_starting_model                      ? 
_refine.pdbx_ls_cross_valid_method               THROUGHOUT 
_refine.pdbx_R_Free_selection_details            RANDOM 
_refine.pdbx_stereochem_target_val_spec_case     ? 
_refine.pdbx_stereochemistry_target_values       'Engh & Huber' 
_refine.pdbx_isotropic_thermal_model             ? 
_refine.correlation_coeff_Fo_to_Fc               ? 
_refine.correlation_coeff_Fo_to_Fc_free          ? 
_refine.pdbx_solvent_vdw_probe_radii             ? 
_refine.pdbx_solvent_ion_probe_radii             ? 
_refine.pdbx_solvent_shrinkage_radii             ? 
_refine.overall_SU_R_Cruickshank_DPI             ? 
_refine.overall_SU_R_free                        ? 
_refine.overall_SU_B                             ? 
_refine.overall_SU_ML                            ? 
_refine.pdbx_overall_ESU_R                       ? 
_refine.pdbx_overall_ESU_R_Free                  ? 
_refine.pdbx_data_cutoff_high_rms_absF           ? 
_refine.pdbx_refine_id                           'X-RAY DIFFRACTION' 
_refine.pdbx_diffrn_id                           1 
_refine.pdbx_TLS_residual_ADP_flag               ? 
_refine.pdbx_overall_phase_error                 ? 
_refine.pdbx_overall_SU_R_free_Cruickshank_DPI   ? 
_refine.pdbx_overall_SU_R_Blow_DPI               ? 
_refine.pdbx_overall_SU_R_free_Blow_DPI          ? 
# 
_refine_analyze.entry_id                        1NCN 
_refine_analyze.Luzzati_d_res_low_obs           5.00 
_refine_analyze.pdbx_Luzzati_d_res_high_obs     2.70 
_refine_analyze.Luzzati_coordinate_error_obs    0.30 
_refine_analyze.Luzzati_sigma_a_obs             0.27 
_refine_analyze.Luzzati_coordinate_error_free   0.41 
_refine_analyze.Luzzati_sigma_a_free            0.42 
_refine_analyze.Luzzati_d_res_low_free          ? 
_refine_analyze.number_disordered_residues      ? 
_refine_analyze.occupancy_sum_non_hydrogen      ? 
_refine_analyze.occupancy_sum_hydrogen          ? 
_refine_analyze.pdbx_refine_id                  'X-RAY DIFFRACTION' 
# 
_refine_hist.pdbx_refine_id                   'X-RAY DIFFRACTION' 
_refine_hist.cycle_id                         LAST 
_refine_hist.pdbx_number_atoms_protein        1804 
_refine_hist.pdbx_number_atoms_nucleic_acid   0 
_refine_hist.pdbx_number_atoms_ligand         0 
_refine_hist.number_atoms_solvent             0 
_refine_hist.number_atoms_total               1804 
_refine_hist.d_res_high                       2.70 
_refine_hist.d_res_low                        19.83 
# 
loop_
_refine_ls_restr.type 
_refine_ls_restr.dev_ideal 
_refine_ls_restr.dev_ideal_target 
_refine_ls_restr.number 
_refine_ls_restr.weight 
_refine_ls_restr.pdbx_refine_id 
_refine_ls_restr.pdbx_restraint_function 
x_bond_d           0.008 .    ? ? 'X-RAY DIFFRACTION' ? 
x_angle_deg        1.4   .    ? ? 'X-RAY DIFFRACTION' ? 
x_torsion_deg      26.8  .    ? ? 'X-RAY DIFFRACTION' ? 
x_torsion_impr_deg 0.63  .    ? ? 'X-RAY DIFFRACTION' ? 
x_mcbond_it        1.53  1.50 ? ? 'X-RAY DIFFRACTION' ? 
x_mcangle_it       2.55  2.00 ? ? 'X-RAY DIFFRACTION' ? 
x_scbond_it        2.55  2.00 ? ? 'X-RAY DIFFRACTION' ? 
x_scangle_it       3.67  2.50 ? ? 'X-RAY DIFFRACTION' ? 
# 
loop_
_refine_ls_shell.d_res_high 
_refine_ls_shell.d_res_low 
_refine_ls_shell.number_reflns_all 
_refine_ls_shell.number_reflns_obs 
_refine_ls_shell.number_reflns_R_work 
_refine_ls_shell.percent_reflns_obs 
_refine_ls_shell.R_factor_R_work 
_refine_ls_shell.R_factor_R_free 
_refine_ls_shell.R_factor_R_free_error 
_refine_ls_shell.number_reflns_R_free 
_refine_ls_shell.percent_reflns_R_free 
_refine_ls_shell.pdbx_total_number_of_bins_used 
_refine_ls_shell.redundancy_reflns_obs 
_refine_ls_shell.pdbx_refine_id 
_refine_ls_shell.R_factor_all 
2.70 2.80  599 544 491 90.8 0.237 0.236 0.032 53 8.8  10 . 'X-RAY DIFFRACTION' . 
2.80 2.91  595 546 476 91.8 0.236 0.234 0.028 70 11.8 10 . 'X-RAY DIFFRACTION' . 
2.91 3.04  597 557 486 93.3 0.243 0.239 0.028 71 11.9 10 . 'X-RAY DIFFRACTION' . 
3.04 3.20  597 574 509 96.0 0.221 0.219 0.027 65 10.9 10 . 'X-RAY DIFFRACTION' . 
3.20 3.40  603 582 530 96.4 0.23  0.229 0.032 52 8.6  10 . 'X-RAY DIFFRACTION' . 
3.40 3.66  608 588 517 96.7 0.219 0.224 0.027 71 11.7 10 . 'X-RAY DIFFRACTION' . 
3.66 4.03  604 587 522 97.2 0.213 0.218 0.027 65 10.8 10 . 'X-RAY DIFFRACTION' . 
4.03 4.60  615 605 547 98.4 0.185 0.193 0.025 58 9.4  10 . 'X-RAY DIFFRACTION' . 
4.60 5.77  637 618 559 97.0 0.21  0.204 0.027 59 9.3  10 . 'X-RAY DIFFRACTION' . 
5.77 19.83 664 641 576 96.5 0.203 0.2   0.025 65 9.8  10 . 'X-RAY DIFFRACTION' . 
# 
loop_
_pdbx_xplor_file.serial_no 
_pdbx_xplor_file.param_file 
_pdbx_xplor_file.topol_file 
_pdbx_xplor_file.pdbx_refine_id 
1 protein_rep.param  protein.top      'X-RAY DIFFRACTION' 
2 carbohydrate.param carbohydrate.top 'X-RAY DIFFRACTION' 
# 
_struct.entry_id                  1NCN 
_struct.title                     'the receptor-binding domain of human B7-2' 
_struct.pdbx_model_details        ? 
_struct.pdbx_CASP_flag            ? 
_struct.pdbx_model_type_details   ? 
# 
_struct_keywords.entry_id        1NCN 
_struct_keywords.pdbx_keywords   'IMMUNE SYSTEM' 
_struct_keywords.text            'Ig V, beta strands, IMMUNE SYSTEM' 
# 
loop_
_struct_asym.id 
_struct_asym.pdbx_blank_PDB_chainid_flag 
_struct_asym.pdbx_modified 
_struct_asym.entity_id 
_struct_asym.details 
A N N 1 ? 
B N N 1 ? 
# 
_struct_ref.id                         1 
_struct_ref.db_name                    UNP 
_struct_ref.db_code                    CD86_HUMAN 
_struct_ref.pdbx_db_accession          P42081 
_struct_ref.entity_id                  1 
_struct_ref.pdbx_seq_one_letter_code   
;LKIQAYFNETADLPCQFANSQNQSLSELVVFWQDQENLVLNEVYLGKEKFDSVHSKYMGRTSFDSDSWTLRLHNLQIKDK
GLYQCIIHHKKPTGMIRIHQMNSELSVLA
;
_struct_ref.pdbx_align_begin           26 
_struct_ref.pdbx_db_isoform            ? 
# 
loop_
_struct_ref_seq.align_id 
_struct_ref_seq.ref_id 
_struct_ref_seq.pdbx_PDB_id_code 
_struct_ref_seq.pdbx_strand_id 
_struct_ref_seq.seq_align_beg 
_struct_ref_seq.pdbx_seq_align_beg_ins_code 
_struct_ref_seq.seq_align_end 
_struct_ref_seq.pdbx_seq_align_end_ins_code 
_struct_ref_seq.pdbx_db_accession 
_struct_ref_seq.db_align_beg 
_struct_ref_seq.pdbx_db_align_beg_ins_code 
_struct_ref_seq.db_align_end 
_struct_ref_seq.pdbx_db_align_end_ins_code 
_struct_ref_seq.pdbx_auth_seq_align_beg 
_struct_ref_seq.pdbx_auth_seq_align_end 
1 1 1NCN A 2 ? 110 ? P42081 26 ? 134 ? 1 109 
2 1 1NCN B 2 ? 110 ? P42081 26 ? 134 ? 1 109 
# 
loop_
_struct_ref_seq_dif.align_id 
_struct_ref_seq_dif.pdbx_pdb_id_code 
_struct_ref_seq_dif.mon_id 
_struct_ref_seq_dif.pdbx_pdb_strand_id 
_struct_ref_seq_dif.seq_num 
_struct_ref_seq_dif.pdbx_pdb_ins_code 
_struct_ref_seq_dif.pdbx_seq_db_name 
_struct_ref_seq_dif.pdbx_seq_db_accession_code 
_struct_ref_seq_dif.db_mon_id 
_struct_ref_seq_dif.pdbx_seq_db_seq_num 
_struct_ref_seq_dif.details 
_struct_ref_seq_dif.pdbx_auth_seq_num 
_struct_ref_seq_dif.pdbx_ordinal 
1 1NCN MET A 1 ? UNP P42081 ? ? 'initiating methionine' 0 1 
2 1NCN MET B 1 ? UNP P42081 ? ? 'initiating methionine' 0 2 
# 
loop_
_pdbx_struct_assembly.id 
_pdbx_struct_assembly.details 
_pdbx_struct_assembly.method_details 
_pdbx_struct_assembly.oligomeric_details 
_pdbx_struct_assembly.oligomeric_count 
1 author_defined_assembly ? monomeric 1 
2 author_defined_assembly ? monomeric 1 
# 
loop_
_pdbx_struct_assembly_gen.assembly_id 
_pdbx_struct_assembly_gen.oper_expression 
_pdbx_struct_assembly_gen.asym_id_list 
1 1 A 
2 1 B 
# 
_pdbx_struct_oper_list.id                   1 
_pdbx_struct_oper_list.type                 'identity operation' 
_pdbx_struct_oper_list.name                 1_555 
_pdbx_struct_oper_list.symmetry_operation   x,y,z 
_pdbx_struct_oper_list.matrix[1][1]         1.0000000000 
_pdbx_struct_oper_list.matrix[1][2]         0.0000000000 
_pdbx_struct_oper_list.matrix[1][3]         0.0000000000 
_pdbx_struct_oper_list.vector[1]            0.0000000000 
_pdbx_struct_oper_list.matrix[2][1]         0.0000000000 
_pdbx_struct_oper_list.matrix[2][2]         1.0000000000 
_pdbx_struct_oper_list.matrix[2][3]         0.0000000000 
_pdbx_struct_oper_list.vector[2]            0.0000000000 
_pdbx_struct_oper_list.matrix[3][1]         0.0000000000 
_pdbx_struct_oper_list.matrix[3][2]         0.0000000000 
_pdbx_struct_oper_list.matrix[3][3]         1.0000000000 
_pdbx_struct_oper_list.vector[3]            0.0000000000 
# 
loop_
_struct_biol.id 
_struct_biol.pdbx_parent_biol_id 
_struct_biol.details 
1 ? ? 
2 ? ? 
# 
loop_
_struct_conf.conf_type_id 
_struct_conf.id 
_struct_conf.pdbx_PDB_helix_id 
_struct_conf.beg_label_comp_id 
_struct_conf.beg_label_asym_id 
_struct_conf.beg_label_seq_id 
_struct_conf.pdbx_beg_PDB_ins_code 
_struct_conf.end_label_comp_id 
_struct_conf.end_label_asym_id 
_struct_conf.end_label_seq_id 
_struct_conf.pdbx_end_PDB_ins_code 
_struct_conf.beg_auth_comp_id 
_struct_conf.beg_auth_asym_id 
_struct_conf.beg_auth_seq_id 
_struct_conf.end_auth_comp_id 
_struct_conf.end_auth_asym_id 
_struct_conf.end_auth_seq_id 
_struct_conf.pdbx_PDB_helix_class 
_struct_conf.details 
_struct_conf.pdbx_PDB_helix_length 
HELX_P HELX_P1 1 SER A 25 ? SER A 27 ? SER A 24 SER A 26 5 ? 3 
HELX_P HELX_P2 2 GLN A 77 ? LYS A 81 ? GLN A 76 LYS A 80 5 ? 5 
HELX_P HELX_P3 3 SER B 25 ? SER B 27 ? SER B 24 SER B 26 5 ? 3 
HELX_P HELX_P4 4 GLN B 77 ? LYS B 81 ? GLN B 76 LYS B 80 5 ? 5 
# 
_struct_conf_type.id          HELX_P 
_struct_conf_type.criteria    ? 
_struct_conf_type.reference   ? 
# 
loop_
_struct_conn.id 
_struct_conn.conn_type_id 
_struct_conn.pdbx_leaving_atom_flag 
_struct_conn.pdbx_PDB_id 
_struct_conn.ptnr1_label_asym_id 
_struct_conn.ptnr1_label_comp_id 
_struct_conn.ptnr1_label_seq_id 
_struct_conn.ptnr1_label_atom_id 
_struct_conn.pdbx_ptnr1_label_alt_id 
_struct_conn.pdbx_ptnr1_PDB_ins_code 
_struct_conn.pdbx_ptnr1_standard_comp_id 
_struct_conn.ptnr1_symmetry 
_struct_conn.ptnr2_label_asym_id 
_struct_conn.ptnr2_label_comp_id 
_struct_conn.ptnr2_label_seq_id 
_struct_conn.ptnr2_label_atom_id 
_struct_conn.pdbx_ptnr2_label_alt_id 
_struct_conn.pdbx_ptnr2_PDB_ins_code 
_struct_conn.ptnr1_auth_asym_id 
_struct_conn.ptnr1_auth_comp_id 
_struct_conn.ptnr1_auth_seq_id 
_struct_conn.ptnr2_auth_asym_id 
_struct_conn.ptnr2_auth_comp_id 
_struct_conn.ptnr2_auth_seq_id 
_struct_conn.ptnr2_symmetry 
_struct_conn.pdbx_ptnr3_label_atom_id 
_struct_conn.pdbx_ptnr3_label_seq_id 
_struct_conn.pdbx_ptnr3_label_comp_id 
_struct_conn.pdbx_ptnr3_label_asym_id 
_struct_conn.pdbx_ptnr3_label_alt_id 
_struct_conn.pdbx_ptnr3_PDB_ins_code 
_struct_conn.details 
_struct_conn.pdbx_dist_value 
_struct_conn.pdbx_value_order 
_struct_conn.pdbx_role 
disulf1 disulf ? ? A CYS 16 SG ? ? ? 1_555 A CYS 86 SG ? ? A CYS 15 A CYS 85 1_555 ? ? ? ? ? ? ? 2.016 ? ? 
disulf2 disulf ? ? B CYS 16 SG ? ? ? 1_555 B CYS 86 SG ? ? B CYS 15 B CYS 85 1_555 ? ? ? ? ? ? ? 2.035 ? ? 
# 
_struct_conn_type.id          disulf 
_struct_conn_type.criteria    ? 
_struct_conn_type.reference   ? 
# 
loop_
_pdbx_modification_feature.ordinal 
_pdbx_modification_feature.label_comp_id 
_pdbx_modification_feature.label_asym_id 
_pdbx_modification_feature.label_seq_id 
_pdbx_modification_feature.label_alt_id 
_pdbx_modification_feature.modified_residue_label_comp_id 
_pdbx_modification_feature.modified_residue_label_asym_id 
_pdbx_modification_feature.modified_residue_label_seq_id 
_pdbx_modification_feature.modified_residue_label_alt_id 
_pdbx_modification_feature.auth_comp_id 
_pdbx_modification_feature.auth_asym_id 
_pdbx_modification_feature.auth_seq_id 
_pdbx_modification_feature.PDB_ins_code 
_pdbx_modification_feature.symmetry 
_pdbx_modification_feature.modified_residue_auth_comp_id 
_pdbx_modification_feature.modified_residue_auth_asym_id 
_pdbx_modification_feature.modified_residue_auth_seq_id 
_pdbx_modification_feature.modified_residue_PDB_ins_code 
_pdbx_modification_feature.modified_residue_symmetry 
_pdbx_modification_feature.comp_id_linking_atom 
_pdbx_modification_feature.modified_residue_id_linking_atom 
_pdbx_modification_feature.modified_residue_id 
_pdbx_modification_feature.ref_pcm_id 
_pdbx_modification_feature.ref_comp_id 
_pdbx_modification_feature.type 
_pdbx_modification_feature.category 
1 CYS A 16 ? CYS A 86 ? CYS A 15 ? 1_555 CYS A 85 ? 1_555 SG SG . . . None 'Disulfide bridge' 
2 CYS B 16 ? CYS B 86 ? CYS B 15 ? 1_555 CYS B 85 ? 1_555 SG SG . . . None 'Disulfide bridge' 
# 
loop_
_struct_sheet.id 
_struct_sheet.type 
_struct_sheet.number_strands 
_struct_sheet.details 
A ? 6 ? 
B ? 3 ? 
C ? 6 ? 
D ? 3 ? 
# 
loop_
_struct_sheet_order.sheet_id 
_struct_sheet_order.range_id_1 
_struct_sheet_order.range_id_2 
_struct_sheet_order.offset 
_struct_sheet_order.sense 
A 1 2 ? parallel      
A 2 3 ? anti-parallel 
A 3 4 ? anti-parallel 
A 4 5 ? anti-parallel 
A 5 6 ? anti-parallel 
B 1 2 ? anti-parallel 
B 2 3 ? anti-parallel 
C 1 2 ? parallel      
C 2 3 ? anti-parallel 
C 3 4 ? anti-parallel 
C 4 5 ? anti-parallel 
C 5 6 ? anti-parallel 
D 1 2 ? anti-parallel 
D 2 3 ? anti-parallel 
# 
loop_
_struct_sheet_range.sheet_id 
_struct_sheet_range.id 
_struct_sheet_range.beg_label_comp_id 
_struct_sheet_range.beg_label_asym_id 
_struct_sheet_range.beg_label_seq_id 
_struct_sheet_range.pdbx_beg_PDB_ins_code 
_struct_sheet_range.end_label_comp_id 
_struct_sheet_range.end_label_asym_id 
_struct_sheet_range.end_label_seq_id 
_struct_sheet_range.pdbx_end_PDB_ins_code 
_struct_sheet_range.beg_auth_comp_id 
_struct_sheet_range.beg_auth_asym_id 
_struct_sheet_range.beg_auth_seq_id 
_struct_sheet_range.end_auth_comp_id 
_struct_sheet_range.end_auth_asym_id 
_struct_sheet_range.end_auth_seq_id 
A 1 LEU A 2  ? TYR A 7   ? LEU A 1  TYR A 6   
A 2 MET A 96 ? LEU A 109 ? MET A 95 LEU A 108 
A 3 GLY A 82 ? LYS A 91  ? GLY A 81 LYS A 90  
A 4 LEU A 29 ? ASP A 35  ? LEU A 28 ASP A 34  
A 5 VAL A 40 ? TYR A 45  ? VAL A 39 TYR A 44  
A 6 LYS A 48 ? GLU A 49  ? LYS A 47 GLU A 48  
B 1 ALA A 12 ? PRO A 15  ? ALA A 11 PRO A 14  
B 2 THR A 70 ? LEU A 73  ? THR A 69 LEU A 72  
B 3 THR A 62 ? ASP A 65  ? THR A 61 ASP A 64  
C 1 LEU B 2  ? TYR B 7   ? LEU B 1  TYR B 6   
C 2 GLY B 95 ? LEU B 109 ? GLY B 94 LEU B 108 
C 3 GLY B 82 ? LYS B 92  ? GLY B 81 LYS B 91  
C 4 LEU B 29 ? ASP B 35  ? LEU B 28 ASP B 34  
C 5 VAL B 40 ? TYR B 45  ? VAL B 39 TYR B 44  
C 6 LYS B 48 ? LYS B 50  ? LYS B 47 LYS B 49  
D 1 ALA B 12 ? PRO B 15  ? ALA B 11 PRO B 14  
D 2 THR B 70 ? LEU B 73  ? THR B 69 LEU B 72  
D 3 THR B 62 ? ASP B 65  ? THR B 61 ASP B 64  
# 
loop_
_pdbx_struct_sheet_hbond.sheet_id 
_pdbx_struct_sheet_hbond.range_id_1 
_pdbx_struct_sheet_hbond.range_id_2 
_pdbx_struct_sheet_hbond.range_1_label_atom_id 
_pdbx_struct_sheet_hbond.range_1_label_comp_id 
_pdbx_struct_sheet_hbond.range_1_label_asym_id 
_pdbx_struct_sheet_hbond.range_1_label_seq_id 
_pdbx_struct_sheet_hbond.range_1_PDB_ins_code 
_pdbx_struct_sheet_hbond.range_1_auth_atom_id 
_pdbx_struct_sheet_hbond.range_1_auth_comp_id 
_pdbx_struct_sheet_hbond.range_1_auth_asym_id 
_pdbx_struct_sheet_hbond.range_1_auth_seq_id 
_pdbx_struct_sheet_hbond.range_2_label_atom_id 
_pdbx_struct_sheet_hbond.range_2_label_comp_id 
_pdbx_struct_sheet_hbond.range_2_label_asym_id 
_pdbx_struct_sheet_hbond.range_2_label_seq_id 
_pdbx_struct_sheet_hbond.range_2_PDB_ins_code 
_pdbx_struct_sheet_hbond.range_2_auth_atom_id 
_pdbx_struct_sheet_hbond.range_2_auth_comp_id 
_pdbx_struct_sheet_hbond.range_2_auth_asym_id 
_pdbx_struct_sheet_hbond.range_2_auth_seq_id 
A 1 2 N ILE A 4   ? N ILE A 3   O GLU A 105 ? O GLU A 104 
A 2 3 O ILE A 97  ? O ILE A 96  N HIS A 90  ? N HIS A 89  
A 3 4 O ILE A 87  ? O ILE A 86  N PHE A 32  ? N PHE A 31  
A 4 5 N TRP A 33  ? N TRP A 32  O LEU A 41  ? O LEU A 40  
A 5 6 N TYR A 45  ? N TYR A 44  O LYS A 48  ? O LYS A 47  
B 1 2 N LEU A 14  ? N LEU A 13  O LEU A 71  ? O LEU A 70  
B 2 3 O THR A 70  ? O THR A 69  N ASP A 65  ? N ASP A 64  
C 1 2 N LEU B 2   ? N LEU B 1   O GLU B 105 ? O GLU B 104 
C 2 3 O MET B 102 ? O MET B 101 N CYS B 86  ? N CYS B 85  
C 3 4 O ILE B 87  ? O ILE B 86  N PHE B 32  ? N PHE B 31  
C 4 5 N TRP B 33  ? N TRP B 32  O LEU B 41  ? O LEU B 40  
C 5 6 N GLU B 43  ? N GLU B 42  O LYS B 50  ? O LYS B 49  
D 1 2 N LEU B 14  ? N LEU B 13  O LEU B 71  ? O LEU B 70  
D 2 3 O ARG B 72  ? O ARG B 71  N SER B 63  ? N SER B 62  
# 
_pdbx_entry_details.entry_id                   1NCN 
_pdbx_entry_details.compound_details           ? 
_pdbx_entry_details.source_details             ? 
_pdbx_entry_details.nonpolymer_details         ? 
_pdbx_entry_details.sequence_details           ? 
_pdbx_entry_details.has_ligand_of_interest     ? 
_pdbx_entry_details.has_protein_modification   Y 
# 
loop_
_pdbx_validate_torsion.id 
_pdbx_validate_torsion.PDB_model_num 
_pdbx_validate_torsion.auth_comp_id 
_pdbx_validate_torsion.auth_asym_id 
_pdbx_validate_torsion.auth_seq_id 
_pdbx_validate_torsion.PDB_ins_code 
_pdbx_validate_torsion.label_alt_id 
_pdbx_validate_torsion.phi 
_pdbx_validate_torsion.psi 
1 1 GLU A 9  ? ? -107.59 -152.84 
2 1 SER A 62 ? ? -162.35 119.88  
3 1 THR A 93 ? ? -59.95  -87.84  
4 1 GLU B 9  ? ? -119.28 -145.92 
5 1 PRO B 92 ? ? -35.69  -36.83  
6 1 HIS B 99 ? ? -176.67 144.30  
# 
_refine_B_iso.class            polymer 
_refine_B_iso.treatment        isotropic 
_refine_B_iso.pdbx_refine_id   'X-RAY DIFFRACTION' 
_refine_B_iso.details          ? 
# 
loop_
_chem_comp_atom.comp_id 
_chem_comp_atom.atom_id 
_chem_comp_atom.type_symbol 
_chem_comp_atom.pdbx_aromatic_flag 
_chem_comp_atom.pdbx_stereo_config 
_chem_comp_atom.pdbx_ordinal 
ALA N    N N N 1   
ALA CA   C N S 2   
ALA C    C N N 3   
ALA O    O N N 4   
ALA CB   C N N 5   
ALA OXT  O N N 6   
ALA H    H N N 7   
ALA H2   H N N 8   
ALA HA   H N N 9   
ALA HB1  H N N 10  
ALA HB2  H N N 11  
ALA HB3  H N N 12  
ALA HXT  H N N 13  
ARG N    N N N 14  
ARG CA   C N S 15  
ARG C    C N N 16  
ARG O    O N N 17  
ARG CB   C N N 18  
ARG CG   C N N 19  
ARG CD   C N N 20  
ARG NE   N N N 21  
ARG CZ   C N N 22  
ARG NH1  N N N 23  
ARG NH2  N N N 24  
ARG OXT  O N N 25  
ARG H    H N N 26  
ARG H2   H N N 27  
ARG HA   H N N 28  
ARG HB2  H N N 29  
ARG HB3  H N N 30  
ARG HG2  H N N 31  
ARG HG3  H N N 32  
ARG HD2  H N N 33  
ARG HD3  H N N 34  
ARG HE   H N N 35  
ARG HH11 H N N 36  
ARG HH12 H N N 37  
ARG HH21 H N N 38  
ARG HH22 H N N 39  
ARG HXT  H N N 40  
ASN N    N N N 41  
ASN CA   C N S 42  
ASN C    C N N 43  
ASN O    O N N 44  
ASN CB   C N N 45  
ASN CG   C N N 46  
ASN OD1  O N N 47  
ASN ND2  N N N 48  
ASN OXT  O N N 49  
ASN H    H N N 50  
ASN H2   H N N 51  
ASN HA   H N N 52  
ASN HB2  H N N 53  
ASN HB3  H N N 54  
ASN HD21 H N N 55  
ASN HD22 H N N 56  
ASN HXT  H N N 57  
ASP N    N N N 58  
ASP CA   C N S 59  
ASP C    C N N 60  
ASP O    O N N 61  
ASP CB   C N N 62  
ASP CG   C N N 63  
ASP OD1  O N N 64  
ASP OD2  O N N 65  
ASP OXT  O N N 66  
ASP H    H N N 67  
ASP H2   H N N 68  
ASP HA   H N N 69  
ASP HB2  H N N 70  
ASP HB3  H N N 71  
ASP HD2  H N N 72  
ASP HXT  H N N 73  
CYS N    N N N 74  
CYS CA   C N R 75  
CYS C    C N N 76  
CYS O    O N N 77  
CYS CB   C N N 78  
CYS SG   S N N 79  
CYS OXT  O N N 80  
CYS H    H N N 81  
CYS H2   H N N 82  
CYS HA   H N N 83  
CYS HB2  H N N 84  
CYS HB3  H N N 85  
CYS HG   H N N 86  
CYS HXT  H N N 87  
GLN N    N N N 88  
GLN CA   C N S 89  
GLN C    C N N 90  
GLN O    O N N 91  
GLN CB   C N N 92  
GLN CG   C N N 93  
GLN CD   C N N 94  
GLN OE1  O N N 95  
GLN NE2  N N N 96  
GLN OXT  O N N 97  
GLN H    H N N 98  
GLN H2   H N N 99  
GLN HA   H N N 100 
GLN HB2  H N N 101 
GLN HB3  H N N 102 
GLN HG2  H N N 103 
GLN HG3  H N N 104 
GLN HE21 H N N 105 
GLN HE22 H N N 106 
GLN HXT  H N N 107 
GLU N    N N N 108 
GLU CA   C N S 109 
GLU C    C N N 110 
GLU O    O N N 111 
GLU CB   C N N 112 
GLU CG   C N N 113 
GLU CD   C N N 114 
GLU OE1  O N N 115 
GLU OE2  O N N 116 
GLU OXT  O N N 117 
GLU H    H N N 118 
GLU H2   H N N 119 
GLU HA   H N N 120 
GLU HB2  H N N 121 
GLU HB3  H N N 122 
GLU HG2  H N N 123 
GLU HG3  H N N 124 
GLU HE2  H N N 125 
GLU HXT  H N N 126 
GLY N    N N N 127 
GLY CA   C N N 128 
GLY C    C N N 129 
GLY O    O N N 130 
GLY OXT  O N N 131 
GLY H    H N N 132 
GLY H2   H N N 133 
GLY HA2  H N N 134 
GLY HA3  H N N 135 
GLY HXT  H N N 136 
HIS N    N N N 137 
HIS CA   C N S 138 
HIS C    C N N 139 
HIS O    O N N 140 
HIS CB   C N N 141 
HIS CG   C Y N 142 
HIS ND1  N Y N 143 
HIS CD2  C Y N 144 
HIS CE1  C Y N 145 
HIS NE2  N Y N 146 
HIS OXT  O N N 147 
HIS H    H N N 148 
HIS H2   H N N 149 
HIS HA   H N N 150 
HIS HB2  H N N 151 
HIS HB3  H N N 152 
HIS HD1  H N N 153 
HIS HD2  H N N 154 
HIS HE1  H N N 155 
HIS HE2  H N N 156 
HIS HXT  H N N 157 
ILE N    N N N 158 
ILE CA   C N S 159 
ILE C    C N N 160 
ILE O    O N N 161 
ILE CB   C N S 162 
ILE CG1  C N N 163 
ILE CG2  C N N 164 
ILE CD1  C N N 165 
ILE OXT  O N N 166 
ILE H    H N N 167 
ILE H2   H N N 168 
ILE HA   H N N 169 
ILE HB   H N N 170 
ILE HG12 H N N 171 
ILE HG13 H N N 172 
ILE HG21 H N N 173 
ILE HG22 H N N 174 
ILE HG23 H N N 175 
ILE HD11 H N N 176 
ILE HD12 H N N 177 
ILE HD13 H N N 178 
ILE HXT  H N N 179 
LEU N    N N N 180 
LEU CA   C N S 181 
LEU C    C N N 182 
LEU O    O N N 183 
LEU CB   C N N 184 
LEU CG   C N N 185 
LEU CD1  C N N 186 
LEU CD2  C N N 187 
LEU OXT  O N N 188 
LEU H    H N N 189 
LEU H2   H N N 190 
LEU HA   H N N 191 
LEU HB2  H N N 192 
LEU HB3  H N N 193 
LEU HG   H N N 194 
LEU HD11 H N N 195 
LEU HD12 H N N 196 
LEU HD13 H N N 197 
LEU HD21 H N N 198 
LEU HD22 H N N 199 
LEU HD23 H N N 200 
LEU HXT  H N N 201 
LYS N    N N N 202 
LYS CA   C N S 203 
LYS C    C N N 204 
LYS O    O N N 205 
LYS CB   C N N 206 
LYS CG   C N N 207 
LYS CD   C N N 208 
LYS CE   C N N 209 
LYS NZ   N N N 210 
LYS OXT  O N N 211 
LYS H    H N N 212 
LYS H2   H N N 213 
LYS HA   H N N 214 
LYS HB2  H N N 215 
LYS HB3  H N N 216 
LYS HG2  H N N 217 
LYS HG3  H N N 218 
LYS HD2  H N N 219 
LYS HD3  H N N 220 
LYS HE2  H N N 221 
LYS HE3  H N N 222 
LYS HZ1  H N N 223 
LYS HZ2  H N N 224 
LYS HZ3  H N N 225 
LYS HXT  H N N 226 
MET N    N N N 227 
MET CA   C N S 228 
MET C    C N N 229 
MET O    O N N 230 
MET CB   C N N 231 
MET CG   C N N 232 
MET SD   S N N 233 
MET CE   C N N 234 
MET OXT  O N N 235 
MET H    H N N 236 
MET H2   H N N 237 
MET HA   H N N 238 
MET HB2  H N N 239 
MET HB3  H N N 240 
MET HG2  H N N 241 
MET HG3  H N N 242 
MET HE1  H N N 243 
MET HE2  H N N 244 
MET HE3  H N N 245 
MET HXT  H N N 246 
PHE N    N N N 247 
PHE CA   C N S 248 
PHE C    C N N 249 
PHE O    O N N 250 
PHE CB   C N N 251 
PHE CG   C Y N 252 
PHE CD1  C Y N 253 
PHE CD2  C Y N 254 
PHE CE1  C Y N 255 
PHE CE2  C Y N 256 
PHE CZ   C Y N 257 
PHE OXT  O N N 258 
PHE H    H N N 259 
PHE H2   H N N 260 
PHE HA   H N N 261 
PHE HB2  H N N 262 
PHE HB3  H N N 263 
PHE HD1  H N N 264 
PHE HD2  H N N 265 
PHE HE1  H N N 266 
PHE HE2  H N N 267 
PHE HZ   H N N 268 
PHE HXT  H N N 269 
PRO N    N N N 270 
PRO CA   C N S 271 
PRO C    C N N 272 
PRO O    O N N 273 
PRO CB   C N N 274 
PRO CG   C N N 275 
PRO CD   C N N 276 
PRO OXT  O N N 277 
PRO H    H N N 278 
PRO HA   H N N 279 
PRO HB2  H N N 280 
PRO HB3  H N N 281 
PRO HG2  H N N 282 
PRO HG3  H N N 283 
PRO HD2  H N N 284 
PRO HD3  H N N 285 
PRO HXT  H N N 286 
SER N    N N N 287 
SER CA   C N S 288 
SER C    C N N 289 
SER O    O N N 290 
SER CB   C N N 291 
SER OG   O N N 292 
SER OXT  O N N 293 
SER H    H N N 294 
SER H2   H N N 295 
SER HA   H N N 296 
SER HB2  H N N 297 
SER HB3  H N N 298 
SER HG   H N N 299 
SER HXT  H N N 300 
THR N    N N N 301 
THR CA   C N S 302 
THR C    C N N 303 
THR O    O N N 304 
THR CB   C N R 305 
THR OG1  O N N 306 
THR CG2  C N N 307 
THR OXT  O N N 308 
THR H    H N N 309 
THR H2   H N N 310 
THR HA   H N N 311 
THR HB   H N N 312 
THR HG1  H N N 313 
THR HG21 H N N 314 
THR HG22 H N N 315 
THR HG23 H N N 316 
THR HXT  H N N 317 
TRP N    N N N 318 
TRP CA   C N S 319 
TRP C    C N N 320 
TRP O    O N N 321 
TRP CB   C N N 322 
TRP CG   C Y N 323 
TRP CD1  C Y N 324 
TRP CD2  C Y N 325 
TRP NE1  N Y N 326 
TRP CE2  C Y N 327 
TRP CE3  C Y N 328 
TRP CZ2  C Y N 329 
TRP CZ3  C Y N 330 
TRP CH2  C Y N 331 
TRP OXT  O N N 332 
TRP H    H N N 333 
TRP H2   H N N 334 
TRP HA   H N N 335 
TRP HB2  H N N 336 
TRP HB3  H N N 337 
TRP HD1  H N N 338 
TRP HE1  H N N 339 
TRP HE3  H N N 340 
TRP HZ2  H N N 341 
TRP HZ3  H N N 342 
TRP HH2  H N N 343 
TRP HXT  H N N 344 
TYR N    N N N 345 
TYR CA   C N S 346 
TYR C    C N N 347 
TYR O    O N N 348 
TYR CB   C N N 349 
TYR CG   C Y N 350 
TYR CD1  C Y N 351 
TYR CD2  C Y N 352 
TYR CE1  C Y N 353 
TYR CE2  C Y N 354 
TYR CZ   C Y N 355 
TYR OH   O N N 356 
TYR OXT  O N N 357 
TYR H    H N N 358 
TYR H2   H N N 359 
TYR HA   H N N 360 
TYR HB2  H N N 361 
TYR HB3  H N N 362 
TYR HD1  H N N 363 
TYR HD2  H N N 364 
TYR HE1  H N N 365 
TYR HE2  H N N 366 
TYR HH   H N N 367 
TYR HXT  H N N 368 
VAL N    N N N 369 
VAL CA   C N S 370 
VAL C    C N N 371 
VAL O    O N N 372 
VAL CB   C N N 373 
VAL CG1  C N N 374 
VAL CG2  C N N 375 
VAL OXT  O N N 376 
VAL H    H N N 377 
VAL H2   H N N 378 
VAL HA   H N N 379 
VAL HB   H N N 380 
VAL HG11 H N N 381 
VAL HG12 H N N 382 
VAL HG13 H N N 383 
VAL HG21 H N N 384 
VAL HG22 H N N 385 
VAL HG23 H N N 386 
VAL HXT  H N N 387 
# 
loop_
_chem_comp_bond.comp_id 
_chem_comp_bond.atom_id_1 
_chem_comp_bond.atom_id_2 
_chem_comp_bond.value_order 
_chem_comp_bond.pdbx_aromatic_flag 
_chem_comp_bond.pdbx_stereo_config 
_chem_comp_bond.pdbx_ordinal 
ALA N   CA   sing N N 1   
ALA N   H    sing N N 2   
ALA N   H2   sing N N 3   
ALA CA  C    sing N N 4   
ALA CA  CB   sing N N 5   
ALA CA  HA   sing N N 6   
ALA C   O    doub N N 7   
ALA C   OXT  sing N N 8   
ALA CB  HB1  sing N N 9   
ALA CB  HB2  sing N N 10  
ALA CB  HB3  sing N N 11  
ALA OXT HXT  sing N N 12  
ARG N   CA   sing N N 13  
ARG N   H    sing N N 14  
ARG N   H2   sing N N 15  
ARG CA  C    sing N N 16  
ARG CA  CB   sing N N 17  
ARG CA  HA   sing N N 18  
ARG C   O    doub N N 19  
ARG C   OXT  sing N N 20  
ARG CB  CG   sing N N 21  
ARG CB  HB2  sing N N 22  
ARG CB  HB3  sing N N 23  
ARG CG  CD   sing N N 24  
ARG CG  HG2  sing N N 25  
ARG CG  HG3  sing N N 26  
ARG CD  NE   sing N N 27  
ARG CD  HD2  sing N N 28  
ARG CD  HD3  sing N N 29  
ARG NE  CZ   sing N N 30  
ARG NE  HE   sing N N 31  
ARG CZ  NH1  sing N N 32  
ARG CZ  NH2  doub N N 33  
ARG NH1 HH11 sing N N 34  
ARG NH1 HH12 sing N N 35  
ARG NH2 HH21 sing N N 36  
ARG NH2 HH22 sing N N 37  
ARG OXT HXT  sing N N 38  
ASN N   CA   sing N N 39  
ASN N   H    sing N N 40  
ASN N   H2   sing N N 41  
ASN CA  C    sing N N 42  
ASN CA  CB   sing N N 43  
ASN CA  HA   sing N N 44  
ASN C   O    doub N N 45  
ASN C   OXT  sing N N 46  
ASN CB  CG   sing N N 47  
ASN CB  HB2  sing N N 48  
ASN CB  HB3  sing N N 49  
ASN CG  OD1  doub N N 50  
ASN CG  ND2  sing N N 51  
ASN ND2 HD21 sing N N 52  
ASN ND2 HD22 sing N N 53  
ASN OXT HXT  sing N N 54  
ASP N   CA   sing N N 55  
ASP N   H    sing N N 56  
ASP N   H2   sing N N 57  
ASP CA  C    sing N N 58  
ASP CA  CB   sing N N 59  
ASP CA  HA   sing N N 60  
ASP C   O    doub N N 61  
ASP C   OXT  sing N N 62  
ASP CB  CG   sing N N 63  
ASP CB  HB2  sing N N 64  
ASP CB  HB3  sing N N 65  
ASP CG  OD1  doub N N 66  
ASP CG  OD2  sing N N 67  
ASP OD2 HD2  sing N N 68  
ASP OXT HXT  sing N N 69  
CYS N   CA   sing N N 70  
CYS N   H    sing N N 71  
CYS N   H2   sing N N 72  
CYS CA  C    sing N N 73  
CYS CA  CB   sing N N 74  
CYS CA  HA   sing N N 75  
CYS C   O    doub N N 76  
CYS C   OXT  sing N N 77  
CYS CB  SG   sing N N 78  
CYS CB  HB2  sing N N 79  
CYS CB  HB3  sing N N 80  
CYS SG  HG   sing N N 81  
CYS OXT HXT  sing N N 82  
GLN N   CA   sing N N 83  
GLN N   H    sing N N 84  
GLN N   H2   sing N N 85  
GLN CA  C    sing N N 86  
GLN CA  CB   sing N N 87  
GLN CA  HA   sing N N 88  
GLN C   O    doub N N 89  
GLN C   OXT  sing N N 90  
GLN CB  CG   sing N N 91  
GLN CB  HB2  sing N N 92  
GLN CB  HB3  sing N N 93  
GLN CG  CD   sing N N 94  
GLN CG  HG2  sing N N 95  
GLN CG  HG3  sing N N 96  
GLN CD  OE1  doub N N 97  
GLN CD  NE2  sing N N 98  
GLN NE2 HE21 sing N N 99  
GLN NE2 HE22 sing N N 100 
GLN OXT HXT  sing N N 101 
GLU N   CA   sing N N 102 
GLU N   H    sing N N 103 
GLU N   H2   sing N N 104 
GLU CA  C    sing N N 105 
GLU CA  CB   sing N N 106 
GLU CA  HA   sing N N 107 
GLU C   O    doub N N 108 
GLU C   OXT  sing N N 109 
GLU CB  CG   sing N N 110 
GLU CB  HB2  sing N N 111 
GLU CB  HB3  sing N N 112 
GLU CG  CD   sing N N 113 
GLU CG  HG2  sing N N 114 
GLU CG  HG3  sing N N 115 
GLU CD  OE1  doub N N 116 
GLU CD  OE2  sing N N 117 
GLU OE2 HE2  sing N N 118 
GLU OXT HXT  sing N N 119 
GLY N   CA   sing N N 120 
GLY N   H    sing N N 121 
GLY N   H2   sing N N 122 
GLY CA  C    sing N N 123 
GLY CA  HA2  sing N N 124 
GLY CA  HA3  sing N N 125 
GLY C   O    doub N N 126 
GLY C   OXT  sing N N 127 
GLY OXT HXT  sing N N 128 
HIS N   CA   sing N N 129 
HIS N   H    sing N N 130 
HIS N   H2   sing N N 131 
HIS CA  C    sing N N 132 
HIS CA  CB   sing N N 133 
HIS CA  HA   sing N N 134 
HIS C   O    doub N N 135 
HIS C   OXT  sing N N 136 
HIS CB  CG   sing N N 137 
HIS CB  HB2  sing N N 138 
HIS CB  HB3  sing N N 139 
HIS CG  ND1  sing Y N 140 
HIS CG  CD2  doub Y N 141 
HIS ND1 CE1  doub Y N 142 
HIS ND1 HD1  sing N N 143 
HIS CD2 NE2  sing Y N 144 
HIS CD2 HD2  sing N N 145 
HIS CE1 NE2  sing Y N 146 
HIS CE1 HE1  sing N N 147 
HIS NE2 HE2  sing N N 148 
HIS OXT HXT  sing N N 149 
ILE N   CA   sing N N 150 
ILE N   H    sing N N 151 
ILE N   H2   sing N N 152 
ILE CA  C    sing N N 153 
ILE CA  CB   sing N N 154 
ILE CA  HA   sing N N 155 
ILE C   O    doub N N 156 
ILE C   OXT  sing N N 157 
ILE CB  CG1  sing N N 158 
ILE CB  CG2  sing N N 159 
ILE CB  HB   sing N N 160 
ILE CG1 CD1  sing N N 161 
ILE CG1 HG12 sing N N 162 
ILE CG1 HG13 sing N N 163 
ILE CG2 HG21 sing N N 164 
ILE CG2 HG22 sing N N 165 
ILE CG2 HG23 sing N N 166 
ILE CD1 HD11 sing N N 167 
ILE CD1 HD12 sing N N 168 
ILE CD1 HD13 sing N N 169 
ILE OXT HXT  sing N N 170 
LEU N   CA   sing N N 171 
LEU N   H    sing N N 172 
LEU N   H2   sing N N 173 
LEU CA  C    sing N N 174 
LEU CA  CB   sing N N 175 
LEU CA  HA   sing N N 176 
LEU C   O    doub N N 177 
LEU C   OXT  sing N N 178 
LEU CB  CG   sing N N 179 
LEU CB  HB2  sing N N 180 
LEU CB  HB3  sing N N 181 
LEU CG  CD1  sing N N 182 
LEU CG  CD2  sing N N 183 
LEU CG  HG   sing N N 184 
LEU CD1 HD11 sing N N 185 
LEU CD1 HD12 sing N N 186 
LEU CD1 HD13 sing N N 187 
LEU CD2 HD21 sing N N 188 
LEU CD2 HD22 sing N N 189 
LEU CD2 HD23 sing N N 190 
LEU OXT HXT  sing N N 191 
LYS N   CA   sing N N 192 
LYS N   H    sing N N 193 
LYS N   H2   sing N N 194 
LYS CA  C    sing N N 195 
LYS CA  CB   sing N N 196 
LYS CA  HA   sing N N 197 
LYS C   O    doub N N 198 
LYS C   OXT  sing N N 199 
LYS CB  CG   sing N N 200 
LYS CB  HB2  sing N N 201 
LYS CB  HB3  sing N N 202 
LYS CG  CD   sing N N 203 
LYS CG  HG2  sing N N 204 
LYS CG  HG3  sing N N 205 
LYS CD  CE   sing N N 206 
LYS CD  HD2  sing N N 207 
LYS CD  HD3  sing N N 208 
LYS CE  NZ   sing N N 209 
LYS CE  HE2  sing N N 210 
LYS CE  HE3  sing N N 211 
LYS NZ  HZ1  sing N N 212 
LYS NZ  HZ2  sing N N 213 
LYS NZ  HZ3  sing N N 214 
LYS OXT HXT  sing N N 215 
MET N   CA   sing N N 216 
MET N   H    sing N N 217 
MET N   H2   sing N N 218 
MET CA  C    sing N N 219 
MET CA  CB   sing N N 220 
MET CA  HA   sing N N 221 
MET C   O    doub N N 222 
MET C   OXT  sing N N 223 
MET CB  CG   sing N N 224 
MET CB  HB2  sing N N 225 
MET CB  HB3  sing N N 226 
MET CG  SD   sing N N 227 
MET CG  HG2  sing N N 228 
MET CG  HG3  sing N N 229 
MET SD  CE   sing N N 230 
MET CE  HE1  sing N N 231 
MET CE  HE2  sing N N 232 
MET CE  HE3  sing N N 233 
MET OXT HXT  sing N N 234 
PHE N   CA   sing N N 235 
PHE N   H    sing N N 236 
PHE N   H2   sing N N 237 
PHE CA  C    sing N N 238 
PHE CA  CB   sing N N 239 
PHE CA  HA   sing N N 240 
PHE C   O    doub N N 241 
PHE C   OXT  sing N N 242 
PHE CB  CG   sing N N 243 
PHE CB  HB2  sing N N 244 
PHE CB  HB3  sing N N 245 
PHE CG  CD1  doub Y N 246 
PHE CG  CD2  sing Y N 247 
PHE CD1 CE1  sing Y N 248 
PHE CD1 HD1  sing N N 249 
PHE CD2 CE2  doub Y N 250 
PHE CD2 HD2  sing N N 251 
PHE CE1 CZ   doub Y N 252 
PHE CE1 HE1  sing N N 253 
PHE CE2 CZ   sing Y N 254 
PHE CE2 HE2  sing N N 255 
PHE CZ  HZ   sing N N 256 
PHE OXT HXT  sing N N 257 
PRO N   CA   sing N N 258 
PRO N   CD   sing N N 259 
PRO N   H    sing N N 260 
PRO CA  C    sing N N 261 
PRO CA  CB   sing N N 262 
PRO CA  HA   sing N N 263 
PRO C   O    doub N N 264 
PRO C   OXT  sing N N 265 
PRO CB  CG   sing N N 266 
PRO CB  HB2  sing N N 267 
PRO CB  HB3  sing N N 268 
PRO CG  CD   sing N N 269 
PRO CG  HG2  sing N N 270 
PRO CG  HG3  sing N N 271 
PRO CD  HD2  sing N N 272 
PRO CD  HD3  sing N N 273 
PRO OXT HXT  sing N N 274 
SER N   CA   sing N N 275 
SER N   H    sing N N 276 
SER N   H2   sing N N 277 
SER CA  C    sing N N 278 
SER CA  CB   sing N N 279 
SER CA  HA   sing N N 280 
SER C   O    doub N N 281 
SER C   OXT  sing N N 282 
SER CB  OG   sing N N 283 
SER CB  HB2  sing N N 284 
SER CB  HB3  sing N N 285 
SER OG  HG   sing N N 286 
SER OXT HXT  sing N N 287 
THR N   CA   sing N N 288 
THR N   H    sing N N 289 
THR N   H2   sing N N 290 
THR CA  C    sing N N 291 
THR CA  CB   sing N N 292 
THR CA  HA   sing N N 293 
THR C   O    doub N N 294 
THR C   OXT  sing N N 295 
THR CB  OG1  sing N N 296 
THR CB  CG2  sing N N 297 
THR CB  HB   sing N N 298 
THR OG1 HG1  sing N N 299 
THR CG2 HG21 sing N N 300 
THR CG2 HG22 sing N N 301 
THR CG2 HG23 sing N N 302 
THR OXT HXT  sing N N 303 
TRP N   CA   sing N N 304 
TRP N   H    sing N N 305 
TRP N   H2   sing N N 306 
TRP CA  C    sing N N 307 
TRP CA  CB   sing N N 308 
TRP CA  HA   sing N N 309 
TRP C   O    doub N N 310 
TRP C   OXT  sing N N 311 
TRP CB  CG   sing N N 312 
TRP CB  HB2  sing N N 313 
TRP CB  HB3  sing N N 314 
TRP CG  CD1  doub Y N 315 
TRP CG  CD2  sing Y N 316 
TRP CD1 NE1  sing Y N 317 
TRP CD1 HD1  sing N N 318 
TRP CD2 CE2  doub Y N 319 
TRP CD2 CE3  sing Y N 320 
TRP NE1 CE2  sing Y N 321 
TRP NE1 HE1  sing N N 322 
TRP CE2 CZ2  sing Y N 323 
TRP CE3 CZ3  doub Y N 324 
TRP CE3 HE3  sing N N 325 
TRP CZ2 CH2  doub Y N 326 
TRP CZ2 HZ2  sing N N 327 
TRP CZ3 CH2  sing Y N 328 
TRP CZ3 HZ3  sing N N 329 
TRP CH2 HH2  sing N N 330 
TRP OXT HXT  sing N N 331 
TYR N   CA   sing N N 332 
TYR N   H    sing N N 333 
TYR N   H2   sing N N 334 
TYR CA  C    sing N N 335 
TYR CA  CB   sing N N 336 
TYR CA  HA   sing N N 337 
TYR C   O    doub N N 338 
TYR C   OXT  sing N N 339 
TYR CB  CG   sing N N 340 
TYR CB  HB2  sing N N 341 
TYR CB  HB3  sing N N 342 
TYR CG  CD1  doub Y N 343 
TYR CG  CD2  sing Y N 344 
TYR CD1 CE1  sing Y N 345 
TYR CD1 HD1  sing N N 346 
TYR CD2 CE2  doub Y N 347 
TYR CD2 HD2  sing N N 348 
TYR CE1 CZ   doub Y N 349 
TYR CE1 HE1  sing N N 350 
TYR CE2 CZ   sing Y N 351 
TYR CE2 HE2  sing N N 352 
TYR CZ  OH   sing N N 353 
TYR OH  HH   sing N N 354 
TYR OXT HXT  sing N N 355 
VAL N   CA   sing N N 356 
VAL N   H    sing N N 357 
VAL N   H2   sing N N 358 
VAL CA  C    sing N N 359 
VAL CA  CB   sing N N 360 
VAL CA  HA   sing N N 361 
VAL C   O    doub N N 362 
VAL C   OXT  sing N N 363 
VAL CB  CG1  sing N N 364 
VAL CB  CG2  sing N N 365 
VAL CB  HB   sing N N 366 
VAL CG1 HG11 sing N N 367 
VAL CG1 HG12 sing N N 368 
VAL CG1 HG13 sing N N 369 
VAL CG2 HG21 sing N N 370 
VAL CG2 HG22 sing N N 371 
VAL CG2 HG23 sing N N 372 
VAL OXT HXT  sing N N 373 
# 
_atom_sites.entry_id                    1NCN 
_atom_sites.fract_transf_matrix[1][1]   -0.01135975 
_atom_sites.fract_transf_matrix[1][2]   0.00400709 
_atom_sites.fract_transf_matrix[1][3]   0.01288677 
_atom_sites.fract_transf_matrix[2][1]   -0.01200943 
_atom_sites.fract_transf_matrix[2][2]   -0.00522869 
_atom_sites.fract_transf_matrix[2][3]   -0.00896054 
_atom_sites.fract_transf_matrix[3][1]   0.00191833 
_atom_sites.fract_transf_matrix[3][2]   -0.01563617 
_atom_sites.fract_transf_matrix[3][3]   0.00655302 
_atom_sites.fract_transf_vector[1]      0.256108 
_atom_sites.fract_transf_vector[2]      0.741608 
_atom_sites.fract_transf_vector[3]      0.722124 
# 
loop_
_atom_type.symbol 
C 
N 
O 
S 
# 
loop_
_atom_site.group_PDB 
_atom_site.id 
_atom_site.type_symbol 
_atom_site.label_atom_id 
_atom_site.label_alt_id 
_atom_site.label_comp_id 
_atom_site.label_asym_id 
_atom_site.label_entity_id 
_atom_site.label_seq_id 
_atom_site.pdbx_PDB_ins_code 
_atom_site.Cartn_x 
_atom_site.Cartn_y 
_atom_site.Cartn_z 
_atom_site.occupancy 
_atom_site.B_iso_or_equiv 
_atom_site.pdbx_formal_charge 
_atom_site.auth_seq_id 
_atom_site.auth_comp_id 
_atom_site.auth_asym_id 
_atom_site.auth_atom_id 
_atom_site.pdbx_PDB_model_num 
ATOM 1    N N   . MET A 1 1   ? 22.245  15.251  2.797   1.00 34.68 ? 0   MET A N   1 
ATOM 2    C CA  . MET A 1 1   ? 21.190  14.469  2.105   1.00 33.57 ? 0   MET A CA  1 
ATOM 3    C C   . MET A 1 1   ? 20.513  13.548  3.111   1.00 35.19 ? 0   MET A C   1 
ATOM 4    O O   . MET A 1 1   ? 21.172  12.743  3.770   1.00 35.32 ? 0   MET A O   1 
ATOM 5    C CB  . MET A 1 1   ? 21.815  13.653  0.971   1.00 31.07 ? 0   MET A CB  1 
ATOM 6    C CG  . MET A 1 1   ? 20.893  12.630  0.357   1.00 29.65 ? 0   MET A CG  1 
ATOM 7    S SD  . MET A 1 1   ? 19.315  13.333  -0.127  1.00 27.18 ? 0   MET A SD  1 
ATOM 8    C CE  . MET A 1 1   ? 19.755  14.000  -1.727  1.00 30.16 ? 0   MET A CE  1 
ATOM 9    N N   . LEU A 1 2   ? 19.198  13.676  3.235   1.00 35.01 ? 1   LEU A N   1 
ATOM 10   C CA  . LEU A 1 2   ? 18.441  12.848  4.170   1.00 34.34 ? 1   LEU A CA  1 
ATOM 11   C C   . LEU A 1 2   ? 18.380  11.398  3.679   1.00 33.10 ? 1   LEU A C   1 
ATOM 12   O O   . LEU A 1 2   ? 17.860  11.130  2.595   1.00 32.38 ? 1   LEU A O   1 
ATOM 13   C CB  . LEU A 1 2   ? 17.029  13.414  4.327   1.00 35.77 ? 1   LEU A CB  1 
ATOM 14   C CG  . LEU A 1 2   ? 16.549  13.520  5.770   1.00 36.31 ? 1   LEU A CG  1 
ATOM 15   C CD1 . LEU A 1 2   ? 16.342  12.132  6.343   1.00 36.15 ? 1   LEU A CD1 1 
ATOM 16   C CD2 . LEU A 1 2   ? 17.575  14.297  6.589   1.00 34.41 ? 1   LEU A CD2 1 
ATOM 17   N N   . LYS A 1 3   ? 18.903  10.473  4.484   1.00 32.01 ? 2   LYS A N   1 
ATOM 18   C CA  . LYS A 1 3   ? 18.945  9.053   4.127   1.00 31.40 ? 2   LYS A CA  1 
ATOM 19   C C   . LYS A 1 3   ? 18.007  8.164   4.953   1.00 30.60 ? 2   LYS A C   1 
ATOM 20   O O   . LYS A 1 3   ? 18.114  8.092   6.179   1.00 28.36 ? 2   LYS A O   1 
ATOM 21   C CB  . LYS A 1 3   ? 20.388  8.546   4.240   1.00 32.49 ? 2   LYS A CB  1 
ATOM 22   C CG  . LYS A 1 3   ? 21.354  9.271   3.306   1.00 36.53 ? 2   LYS A CG  1 
ATOM 23   C CD  . LYS A 1 3   ? 22.806  8.900   3.551   1.00 38.63 ? 2   LYS A CD  1 
ATOM 24   C CE  . LYS A 1 3   ? 23.728  9.629   2.581   1.00 41.05 ? 2   LYS A CE  1 
ATOM 25   N NZ  . LYS A 1 3   ? 25.166  9.410   2.894   1.00 44.57 ? 2   LYS A NZ  1 
ATOM 26   N N   . ILE A 1 4   ? 17.098  7.478   4.260   1.00 29.41 ? 3   ILE A N   1 
ATOM 27   C CA  . ILE A 1 4   ? 16.117  6.598   4.893   1.00 27.43 ? 3   ILE A CA  1 
ATOM 28   C C   . ILE A 1 4   ? 16.358  5.130   4.577   1.00 25.84 ? 3   ILE A C   1 
ATOM 29   O O   . ILE A 1 4   ? 16.676  4.766   3.445   1.00 25.88 ? 3   ILE A O   1 
ATOM 30   C CB  . ILE A 1 4   ? 14.690  6.909   4.417   1.00 29.07 ? 3   ILE A CB  1 
ATOM 31   C CG1 . ILE A 1 4   ? 14.443  8.417   4.418   1.00 29.86 ? 3   ILE A CG1 1 
ATOM 32   C CG2 . ILE A 1 4   ? 13.692  6.213   5.322   1.00 27.25 ? 3   ILE A CG2 1 
ATOM 33   C CD1 . ILE A 1 4   ? 14.526  9.047   5.787   1.00 32.48 ? 3   ILE A CD1 1 
ATOM 34   N N   . GLN A 1 5   ? 16.167  4.284   5.578   1.00 22.75 ? 4   GLN A N   1 
ATOM 35   C CA  . GLN A 1 5   ? 16.358  2.860   5.397   1.00 21.76 ? 4   GLN A CA  1 
ATOM 36   C C   . GLN A 1 5   ? 15.189  2.058   5.910   1.00 19.83 ? 4   GLN A C   1 
ATOM 37   O O   . GLN A 1 5   ? 14.792  2.183   7.069   1.00 20.29 ? 4   GLN A O   1 
ATOM 38   C CB  . GLN A 1 5   ? 17.608  2.384   6.120   1.00 23.68 ? 4   GLN A CB  1 
ATOM 39   C CG  . GLN A 1 5   ? 18.822  2.255   5.236   1.00 29.83 ? 4   GLN A CG  1 
ATOM 40   C CD  . GLN A 1 5   ? 19.884  1.368   5.849   1.00 32.79 ? 4   GLN A CD  1 
ATOM 41   O OE1 . GLN A 1 5   ? 20.878  1.034   5.194   1.00 33.46 ? 4   GLN A OE1 1 
ATOM 42   N NE2 . GLN A 1 5   ? 19.682  0.973   7.110   1.00 32.29 ? 4   GLN A NE2 1 
ATOM 43   N N   . ALA A 1 6   ? 14.642  1.217   5.048   1.00 17.17 ? 5   ALA A N   1 
ATOM 44   C CA  . ALA A 1 6   ? 13.537  0.368   5.448   1.00 18.34 ? 5   ALA A CA  1 
ATOM 45   C C   . ALA A 1 6   ? 13.763  -0.984  4.818   1.00 18.61 ? 5   ALA A C   1 
ATOM 46   O O   . ALA A 1 6   ? 14.686  -1.157  4.022   1.00 19.35 ? 5   ALA A O   1 
ATOM 47   C CB  . ALA A 1 6   ? 12.215  0.951   4.986   1.00 18.10 ? 5   ALA A CB  1 
ATOM 48   N N   . TYR A 1 7   ? 12.928  -1.950  5.169   1.00 18.64 ? 6   TYR A N   1 
ATOM 49   C CA  . TYR A 1 7   ? 13.085  -3.266  4.595   1.00 16.61 ? 6   TYR A CA  1 
ATOM 50   C C   . TYR A 1 7   ? 11.984  -3.632  3.624   1.00 18.23 ? 6   TYR A C   1 
ATOM 51   O O   . TYR A 1 7   ? 10.882  -3.091  3.657   1.00 20.27 ? 6   TYR A O   1 
ATOM 52   C CB  . TYR A 1 7   ? 13.194  -4.320  5.692   1.00 14.97 ? 6   TYR A CB  1 
ATOM 53   C CG  . TYR A 1 7   ? 14.509  -4.262  6.417   1.00 16.75 ? 6   TYR A CG  1 
ATOM 54   C CD1 . TYR A 1 7   ? 14.812  -3.204  7.263   1.00 18.91 ? 6   TYR A CD1 1 
ATOM 55   C CD2 . TYR A 1 7   ? 15.479  -5.234  6.211   1.00 16.63 ? 6   TYR A CD2 1 
ATOM 56   C CE1 . TYR A 1 7   ? 16.052  -3.114  7.880   1.00 20.12 ? 6   TYR A CE1 1 
ATOM 57   C CE2 . TYR A 1 7   ? 16.727  -5.154  6.823   1.00 13.90 ? 6   TYR A CE2 1 
ATOM 58   C CZ  . TYR A 1 7   ? 17.008  -4.093  7.653   1.00 19.64 ? 6   TYR A CZ  1 
ATOM 59   O OH  . TYR A 1 7   ? 18.257  -3.996  8.236   1.00 22.14 ? 6   TYR A OH  1 
ATOM 60   N N   . PHE A 1 8   ? 12.326  -4.555  2.741   1.00 19.25 ? 7   PHE A N   1 
ATOM 61   C CA  . PHE A 1 8   ? 11.435  -5.078  1.730   1.00 18.63 ? 7   PHE A CA  1 
ATOM 62   C C   . PHE A 1 8   ? 10.084  -5.442  2.332   1.00 18.65 ? 7   PHE A C   1 
ATOM 63   O O   . PHE A 1 8   ? 10.011  -5.967  3.430   1.00 19.96 ? 7   PHE A O   1 
ATOM 64   C CB  . PHE A 1 8   ? 12.100  -6.309  1.118   1.00 18.96 ? 7   PHE A CB  1 
ATOM 65   C CG  . PHE A 1 8   ? 11.164  -7.210  0.399   1.00 18.81 ? 7   PHE A CG  1 
ATOM 66   C CD1 . PHE A 1 8   ? 10.584  -6.817  -0.800  1.00 20.24 ? 7   PHE A CD1 1 
ATOM 67   C CD2 . PHE A 1 8   ? 10.850  -8.456  0.924   1.00 19.73 ? 7   PHE A CD2 1 
ATOM 68   C CE1 . PHE A 1 8   ? 9.699   -7.652  -1.471  1.00 19.22 ? 7   PHE A CE1 1 
ATOM 69   C CE2 . PHE A 1 8   ? 9.970   -9.298  0.268   1.00 20.10 ? 7   PHE A CE2 1 
ATOM 70   C CZ  . PHE A 1 8   ? 9.392   -8.895  -0.934  1.00 20.17 ? 7   PHE A CZ  1 
ATOM 71   N N   . ASN A 1 9   ? 9.018   -5.157  1.594   1.00 20.57 ? 8   ASN A N   1 
ATOM 72   C CA  . ASN A 1 9   ? 7.650   -5.455  2.010   1.00 21.54 ? 8   ASN A CA  1 
ATOM 73   C C   . ASN A 1 9   ? 7.230   -4.706  3.272   1.00 21.73 ? 8   ASN A C   1 
ATOM 74   O O   . ASN A 1 9   ? 6.210   -5.019  3.884   1.00 22.68 ? 8   ASN A O   1 
ATOM 75   C CB  . ASN A 1 9   ? 7.463   -6.963  2.217   1.00 23.70 ? 8   ASN A CB  1 
ATOM 76   C CG  . ASN A 1 9   ? 5.995   -7.366  2.305   1.00 25.99 ? 8   ASN A CG  1 
ATOM 77   O OD1 . ASN A 1 9   ? 5.628   -8.237  3.087   1.00 28.70 ? 8   ASN A OD1 1 
ATOM 78   N ND2 . ASN A 1 9   ? 5.150   -6.735  1.491   1.00 31.80 ? 8   ASN A ND2 1 
ATOM 79   N N   . GLU A 1 10  ? 8.018   -3.717  3.667   1.00 20.34 ? 9   GLU A N   1 
ATOM 80   C CA  . GLU A 1 10  ? 7.671   -2.926  4.836   1.00 19.76 ? 9   GLU A CA  1 
ATOM 81   C C   . GLU A 1 10  ? 7.211   -1.532  4.390   1.00 18.64 ? 9   GLU A C   1 
ATOM 82   O O   . GLU A 1 10  ? 6.715   -1.351  3.269   1.00 19.08 ? 9   GLU A O   1 
ATOM 83   C CB  . GLU A 1 10  ? 8.863   -2.824  5.785   1.00 20.64 ? 9   GLU A CB  1 
ATOM 84   C CG  . GLU A 1 10  ? 9.483   -4.173  6.140   1.00 25.57 ? 9   GLU A CG  1 
ATOM 85   C CD  . GLU A 1 10  ? 8.558   -5.090  6.937   1.00 28.49 ? 9   GLU A CD  1 
ATOM 86   O OE1 . GLU A 1 10  ? 8.855   -6.302  7.024   1.00 32.09 ? 9   GLU A OE1 1 
ATOM 87   O OE2 . GLU A 1 10  ? 7.546   -4.617  7.488   1.00 27.39 ? 9   GLU A OE2 1 
ATOM 88   N N   . THR A 1 11  ? 7.391   -0.549  5.261   1.00 14.36 ? 10  THR A N   1 
ATOM 89   C CA  . THR A 1 11  ? 6.965   0.807   4.968   1.00 10.12 ? 10  THR A CA  1 
ATOM 90   C C   . THR A 1 11  ? 8.085   1.811   5.217   1.00 9.16  ? 10  THR A C   1 
ATOM 91   O O   . THR A 1 11  ? 9.043   1.534   5.927   1.00 8.42  ? 10  THR A O   1 
ATOM 92   C CB  . THR A 1 11  ? 5.774   1.184   5.858   1.00 9.22  ? 10  THR A CB  1 
ATOM 93   O OG1 . THR A 1 11  ? 4.986   0.020   6.104   1.00 10.77 ? 10  THR A OG1 1 
ATOM 94   C CG2 . THR A 1 11  ? 4.904   2.205   5.185   1.00 11.68 ? 10  THR A CG2 1 
ATOM 95   N N   . ALA A 1 12  ? 7.948   2.988   4.639   1.00 7.89  ? 11  ALA A N   1 
ATOM 96   C CA  . ALA A 1 12  ? 8.937   4.022   4.813   1.00 9.09  ? 11  ALA A CA  1 
ATOM 97   C C   . ALA A 1 12  ? 8.260   5.384   4.855   1.00 9.91  ? 11  ALA A C   1 
ATOM 98   O O   . ALA A 1 12  ? 7.256   5.614   4.193   1.00 11.90 ? 11  ALA A O   1 
ATOM 99   C CB  . ALA A 1 12  ? 9.947   3.970   3.669   1.00 5.65  ? 11  ALA A CB  1 
ATOM 100  N N   . ASP A 1 13  ? 8.795   6.285   5.658   1.00 12.14 ? 12  ASP A N   1 
ATOM 101  C CA  . ASP A 1 13  ? 8.243   7.621   5.710   1.00 15.66 ? 12  ASP A CA  1 
ATOM 102  C C   . ASP A 1 13  ? 9.219   8.578   5.064   1.00 17.40 ? 12  ASP A C   1 
ATOM 103  O O   . ASP A 1 13  ? 10.316  8.791   5.571   1.00 16.95 ? 12  ASP A O   1 
ATOM 104  C CB  . ASP A 1 13  ? 7.975   8.051   7.137   1.00 18.10 ? 12  ASP A CB  1 
ATOM 105  C CG  . ASP A 1 13  ? 6.765   7.380   7.709   1.00 22.31 ? 12  ASP A CG  1 
ATOM 106  O OD1 . ASP A 1 13  ? 5.804   7.165   6.934   1.00 22.47 ? 12  ASP A OD1 1 
ATOM 107  O OD2 . ASP A 1 13  ? 6.773   7.077   8.924   1.00 26.64 ? 12  ASP A OD2 1 
ATOM 108  N N   . LEU A 1 14  ? 8.822   9.130   3.925   1.00 19.46 ? 13  LEU A N   1 
ATOM 109  C CA  . LEU A 1 14  ? 9.661   10.071  3.202   1.00 20.31 ? 13  LEU A CA  1 
ATOM 110  C C   . LEU A 1 14  ? 9.381   11.466  3.737   1.00 20.85 ? 13  LEU A C   1 
ATOM 111  O O   . LEU A 1 14  ? 8.290   12.005  3.550   1.00 21.32 ? 13  LEU A O   1 
ATOM 112  C CB  . LEU A 1 14  ? 9.365   9.973   1.708   1.00 19.53 ? 13  LEU A CB  1 
ATOM 113  C CG  . LEU A 1 14  ? 10.241  8.987   0.924   1.00 18.69 ? 13  LEU A CG  1 
ATOM 114  C CD1 . LEU A 1 14  ? 10.769  7.872   1.819   1.00 18.26 ? 13  LEU A CD1 1 
ATOM 115  C CD2 . LEU A 1 14  ? 9.442   8.438   -0.228  1.00 18.31 ? 13  LEU A CD2 1 
ATOM 116  N N   . PRO A 1 15  ? 10.365  12.054  4.439   1.00 19.95 ? 14  PRO A N   1 
ATOM 117  C CA  . PRO A 1 15  ? 10.305  13.386  5.048   1.00 20.81 ? 14  PRO A CA  1 
ATOM 118  C C   . PRO A 1 15  ? 10.398  14.528  4.061   1.00 21.25 ? 14  PRO A C   1 
ATOM 119  O O   . PRO A 1 15  ? 11.263  14.566  3.182   1.00 21.84 ? 14  PRO A O   1 
ATOM 120  C CB  . PRO A 1 15  ? 11.481  13.373  6.006   1.00 19.68 ? 14  PRO A CB  1 
ATOM 121  C CG  . PRO A 1 15  ? 12.489  12.597  5.218   1.00 20.96 ? 14  PRO A CG  1 
ATOM 122  C CD  . PRO A 1 15  ? 11.674  11.433  4.698   1.00 19.98 ? 14  PRO A CD  1 
ATOM 123  N N   . CYS A 1 16  ? 9.498   15.475  4.228   1.00 22.30 ? 15  CYS A N   1 
ATOM 124  C CA  . CYS A 1 16  ? 9.461   16.626  3.358   1.00 23.91 ? 15  CYS A CA  1 
ATOM 125  C C   . CYS A 1 16  ? 10.378  17.724  3.933   1.00 25.17 ? 15  CYS A C   1 
ATOM 126  O O   . CYS A 1 16  ? 10.800  18.634  3.222   1.00 24.32 ? 15  CYS A O   1 
ATOM 127  C CB  . CYS A 1 16  ? 8.004   17.075  3.224   1.00 23.32 ? 15  CYS A CB  1 
ATOM 128  S SG  . CYS A 1 16  ? 7.723   18.319  1.947   1.00 32.27 ? 15  CYS A SG  1 
ATOM 129  N N   . GLN A 1 17  ? 10.710  17.598  5.220   1.00 25.96 ? 16  GLN A N   1 
ATOM 130  C CA  . GLN A 1 17  ? 11.589  18.541  5.915   1.00 27.45 ? 16  GLN A CA  1 
ATOM 131  C C   . GLN A 1 17  ? 11.172  19.990  5.717   1.00 26.00 ? 16  GLN A C   1 
ATOM 132  O O   . GLN A 1 17  ? 11.986  20.852  5.418   1.00 26.01 ? 16  GLN A O   1 
ATOM 133  C CB  . GLN A 1 17  ? 13.030  18.354  5.443   1.00 31.88 ? 16  GLN A CB  1 
ATOM 134  C CG  . GLN A 1 17  ? 13.664  17.034  5.873   1.00 39.91 ? 16  GLN A CG  1 
ATOM 135  C CD  . GLN A 1 17  ? 14.933  16.694  5.079   1.00 44.09 ? 16  GLN A CD  1 
ATOM 136  O OE1 . GLN A 1 17  ? 14.863  16.249  3.925   1.00 44.62 ? 16  GLN A OE1 1 
ATOM 137  N NE2 . GLN A 1 17  ? 16.095  16.909  5.696   1.00 46.11 ? 16  GLN A NE2 1 
ATOM 138  N N   . PHE A 1 18  ? 9.893   20.253  5.917   1.00 25.08 ? 17  PHE A N   1 
ATOM 139  C CA  . PHE A 1 18  ? 9.342   21.583  5.735   1.00 25.33 ? 17  PHE A CA  1 
ATOM 140  C C   . PHE A 1 18  ? 8.900   22.141  7.083   1.00 25.80 ? 17  PHE A C   1 
ATOM 141  O O   . PHE A 1 18  ? 7.877   21.732  7.632   1.00 27.07 ? 17  PHE A O   1 
ATOM 142  C CB  . PHE A 1 18  ? 8.157   21.490  4.764   1.00 24.77 ? 17  PHE A CB  1 
ATOM 143  C CG  . PHE A 1 18  ? 7.454   22.781  4.522   1.00 21.07 ? 17  PHE A CG  1 
ATOM 144  C CD1 . PHE A 1 18  ? 8.143   23.881  4.050   1.00 19.88 ? 17  PHE A CD1 1 
ATOM 145  C CD2 . PHE A 1 18  ? 6.083   22.874  4.704   1.00 21.17 ? 17  PHE A CD2 1 
ATOM 146  C CE1 . PHE A 1 18  ? 7.479   25.064  3.751   1.00 20.17 ? 17  PHE A CE1 1 
ATOM 147  C CE2 . PHE A 1 18  ? 5.403   24.052  4.410   1.00 21.87 ? 17  PHE A CE2 1 
ATOM 148  C CZ  . PHE A 1 18  ? 6.104   25.151  3.929   1.00 20.28 ? 17  PHE A CZ  1 
ATOM 149  N N   . ALA A 1 19  ? 9.697   23.067  7.609   1.00 25.04 ? 18  ALA A N   1 
ATOM 150  C CA  . ALA A 1 19  ? 9.431   23.714  8.888   1.00 23.20 ? 18  ALA A CA  1 
ATOM 151  C C   . ALA A 1 19  ? 8.197   24.575  8.757   1.00 23.53 ? 18  ALA A C   1 
ATOM 152  O O   . ALA A 1 19  ? 7.501   24.837  9.735   1.00 26.71 ? 18  ALA A O   1 
ATOM 153  C CB  . ALA A 1 19  ? 10.611  24.580  9.281   1.00 22.39 ? 18  ALA A CB  1 
ATOM 154  N N   . ASN A 1 20  ? 7.941   25.018  7.535   1.00 22.71 ? 19  ASN A N   1 
ATOM 155  C CA  . ASN A 1 20  ? 6.807   25.870  7.249   1.00 20.40 ? 19  ASN A CA  1 
ATOM 156  C C   . ASN A 1 20  ? 6.984   27.245  7.893   1.00 20.63 ? 19  ASN A C   1 
ATOM 157  O O   . ASN A 1 20  ? 6.061   27.786  8.501   1.00 20.55 ? 19  ASN A O   1 
ATOM 158  C CB  . ASN A 1 20  ? 5.521   25.212  7.736   1.00 18.78 ? 19  ASN A CB  1 
ATOM 159  C CG  . ASN A 1 20  ? 4.291   25.897  7.201   1.00 20.67 ? 19  ASN A CG  1 
ATOM 160  O OD1 . ASN A 1 20  ? 4.320   26.453  6.109   1.00 19.70 ? 19  ASN A OD1 1 
ATOM 161  N ND2 . ASN A 1 20  ? 3.195   25.849  7.956   1.00 20.06 ? 19  ASN A ND2 1 
ATOM 162  N N   . SER A 1 21  ? 8.181   27.810  7.765   1.00 21.05 ? 20  SER A N   1 
ATOM 163  C CA  . SER A 1 21  ? 8.436   29.137  8.316   1.00 22.19 ? 20  SER A CA  1 
ATOM 164  C C   . SER A 1 21  ? 7.515   30.109  7.584   1.00 19.85 ? 20  SER A C   1 
ATOM 165  O O   . SER A 1 21  ? 7.183   31.172  8.085   1.00 18.53 ? 20  SER A O   1 
ATOM 166  C CB  . SER A 1 21  ? 9.893   29.547  8.090   1.00 25.42 ? 20  SER A CB  1 
ATOM 167  O OG  . SER A 1 21  ? 10.796  28.669  8.743   1.00 27.16 ? 20  SER A OG  1 
ATOM 168  N N   . GLN A 1 22  ? 7.121   29.725  6.378   1.00 20.83 ? 21  GLN A N   1 
ATOM 169  C CA  . GLN A 1 22  ? 6.230   30.525  5.551   1.00 22.64 ? 21  GLN A CA  1 
ATOM 170  C C   . GLN A 1 22  ? 4.843   30.606  6.187   1.00 23.70 ? 21  GLN A C   1 
ATOM 171  O O   . GLN A 1 22  ? 4.035   31.461  5.832   1.00 23.43 ? 21  GLN A O   1 
ATOM 172  C CB  . GLN A 1 22  ? 6.099   29.902  4.158   1.00 19.41 ? 21  GLN A CB  1 
ATOM 173  C CG  . GLN A 1 22  ? 7.358   29.899  3.318   1.00 19.29 ? 21  GLN A CG  1 
ATOM 174  C CD  . GLN A 1 22  ? 8.343   28.813  3.711   1.00 18.66 ? 21  GLN A CD  1 
ATOM 175  O OE1 . GLN A 1 22  ? 9.263   28.503  2.958   1.00 19.54 ? 21  GLN A OE1 1 
ATOM 176  N NE2 . GLN A 1 22  ? 8.163   28.236  4.891   1.00 16.00 ? 21  GLN A NE2 1 
ATOM 177  N N   . ASN A 1 23  ? 4.584   29.700  7.120   1.00 24.81 ? 22  ASN A N   1 
ATOM 178  C CA  . ASN A 1 23  ? 3.310   29.614  7.813   1.00 27.14 ? 22  ASN A CA  1 
ATOM 179  C C   . ASN A 1 23  ? 2.111   29.606  6.882   1.00 28.15 ? 22  ASN A C   1 
ATOM 180  O O   . ASN A 1 23  ? 1.146   30.341  7.088   1.00 28.61 ? 22  ASN A O   1 
ATOM 181  C CB  . ASN A 1 23  ? 3.138   30.752  8.813   1.00 29.78 ? 22  ASN A CB  1 
ATOM 182  C CG  . ASN A 1 23  ? 1.983   30.497  9.774   1.00 35.17 ? 22  ASN A CG  1 
ATOM 183  O OD1 . ASN A 1 23  ? 1.359   31.431  10.277  1.00 41.93 ? 22  ASN A OD1 1 
ATOM 184  N ND2 . ASN A 1 23  ? 1.699   29.220  10.039  1.00 34.35 ? 22  ASN A ND2 1 
ATOM 185  N N   . GLN A 1 24  ? 2.170   28.775  5.852   1.00 29.11 ? 23  GLN A N   1 
ATOM 186  C CA  . GLN A 1 24  ? 1.064   28.656  4.918   1.00 29.96 ? 23  GLN A CA  1 
ATOM 187  C C   . GLN A 1 24  ? 0.085   27.617  5.457   1.00 29.17 ? 23  GLN A C   1 
ATOM 188  O O   . GLN A 1 24  ? 0.388   26.885  6.397   1.00 28.81 ? 23  GLN A O   1 
ATOM 189  C CB  . GLN A 1 24  ? 1.563   28.187  3.550   1.00 30.96 ? 23  GLN A CB  1 
ATOM 190  C CG  . GLN A 1 24  ? 2.338   29.214  2.759   1.00 33.21 ? 23  GLN A CG  1 
ATOM 191  C CD  . GLN A 1 24  ? 1.541   30.480  2.518   1.00 36.25 ? 23  GLN A CD  1 
ATOM 192  O OE1 . GLN A 1 24  ? 1.353   31.283  3.431   1.00 37.37 ? 23  GLN A OE1 1 
ATOM 193  N NE2 . GLN A 1 24  ? 1.060   30.662  1.288   1.00 35.30 ? 23  GLN A NE2 1 
ATOM 194  N N   . SER A 1 25  ? -1.100  27.564  4.869   1.00 27.15 ? 24  SER A N   1 
ATOM 195  C CA  . SER A 1 25  ? -2.077  26.570  5.259   1.00 25.75 ? 24  SER A CA  1 
ATOM 196  C C   . SER A 1 25  ? -2.167  25.676  4.028   1.00 24.70 ? 24  SER A C   1 
ATOM 197  O O   . SER A 1 25  ? -2.006  26.149  2.906   1.00 25.39 ? 24  SER A O   1 
ATOM 198  C CB  . SER A 1 25  ? -3.422  27.220  5.583   1.00 27.01 ? 24  SER A CB  1 
ATOM 199  O OG  . SER A 1 25  ? -3.825  28.084  4.543   1.00 30.95 ? 24  SER A OG  1 
ATOM 200  N N   . LEU A 1 26  ? -2.403  24.386  4.241   1.00 23.40 ? 25  LEU A N   1 
ATOM 201  C CA  . LEU A 1 26  ? -2.461  23.418  3.155   1.00 22.56 ? 25  LEU A CA  1 
ATOM 202  C C   . LEU A 1 26  ? -3.424  23.797  2.034   1.00 24.45 ? 25  LEU A C   1 
ATOM 203  O O   . LEU A 1 26  ? -3.194  23.481  0.862   1.00 24.59 ? 25  LEU A O   1 
ATOM 204  C CB  . LEU A 1 26  ? -2.848  22.057  3.711   1.00 20.58 ? 25  LEU A CB  1 
ATOM 205  C CG  . LEU A 1 26  ? -2.504  20.889  2.805   1.00 19.16 ? 25  LEU A CG  1 
ATOM 206  C CD1 . LEU A 1 26  ? -1.007  20.588  2.909   1.00 18.01 ? 25  LEU A CD1 1 
ATOM 207  C CD2 . LEU A 1 26  ? -3.336  19.687  3.214   1.00 16.91 ? 25  LEU A CD2 1 
ATOM 208  N N   . SER A 1 27  ? -4.501  24.483  2.401   1.00 25.49 ? 26  SER A N   1 
ATOM 209  C CA  . SER A 1 27  ? -5.513  24.898  1.434   1.00 26.68 ? 26  SER A CA  1 
ATOM 210  C C   . SER A 1 27  ? -4.964  25.892  0.411   1.00 27.36 ? 26  SER A C   1 
ATOM 211  O O   . SER A 1 27  ? -5.600  26.165  -0.610  1.00 27.46 ? 26  SER A O   1 
ATOM 212  C CB  . SER A 1 27  ? -6.703  25.527  2.166   1.00 24.22 ? 26  SER A CB  1 
ATOM 213  O OG  . SER A 1 27  ? -6.306  26.725  2.811   1.00 24.24 ? 26  SER A OG  1 
ATOM 214  N N   . GLU A 1 28  ? -3.780  26.428  0.687   1.00 27.87 ? 27  GLU A N   1 
ATOM 215  C CA  . GLU A 1 28  ? -3.165  27.398  -0.215  1.00 27.51 ? 27  GLU A CA  1 
ATOM 216  C C   . GLU A 1 28  ? -1.970  26.834  -0.967  1.00 25.08 ? 27  GLU A C   1 
ATOM 217  O O   . GLU A 1 28  ? -1.357  27.536  -1.783  1.00 23.52 ? 27  GLU A O   1 
ATOM 218  C CB  . GLU A 1 28  ? -2.691  28.612  0.564   1.00 30.03 ? 27  GLU A CB  1 
ATOM 219  C CG  . GLU A 1 28  ? -3.664  29.149  1.566   1.00 35.39 ? 27  GLU A CG  1 
ATOM 220  C CD  . GLU A 1 28  ? -3.287  30.552  1.968   1.00 41.70 ? 27  GLU A CD  1 
ATOM 221  O OE1 . GLU A 1 28  ? -3.590  31.484  1.176   1.00 46.12 ? 27  GLU A OE1 1 
ATOM 222  O OE2 . GLU A 1 28  ? -2.667  30.721  3.052   1.00 42.12 ? 27  GLU A OE2 1 
ATOM 223  N N   . LEU A 1 29  ? -1.648  25.573  -0.695  1.00 22.68 ? 28  LEU A N   1 
ATOM 224  C CA  . LEU A 1 29  ? -0.505  24.932  -1.319  1.00 18.30 ? 28  LEU A CA  1 
ATOM 225  C C   . LEU A 1 29  ? -0.805  23.733  -2.207  1.00 17.71 ? 28  LEU A C   1 
ATOM 226  O O   . LEU A 1 29  ? -1.855  23.100  -2.118  1.00 18.56 ? 28  LEU A O   1 
ATOM 227  C CB  . LEU A 1 29  ? 0.469   24.499  -0.231  1.00 16.85 ? 28  LEU A CB  1 
ATOM 228  C CG  . LEU A 1 29  ? 0.900   25.575  0.761   1.00 16.67 ? 28  LEU A CG  1 
ATOM 229  C CD1 . LEU A 1 29  ? 1.759   24.913  1.815   1.00 14.74 ? 28  LEU A CD1 1 
ATOM 230  C CD2 . LEU A 1 29  ? 1.671   26.688  0.076   1.00 12.85 ? 28  LEU A CD2 1 
ATOM 231  N N   . VAL A 1 30  ? 0.154   23.427  -3.061  1.00 16.00 ? 29  VAL A N   1 
ATOM 232  C CA  . VAL A 1 30  ? 0.067   22.293  -3.954  1.00 14.11 ? 29  VAL A CA  1 
ATOM 233  C C   . VAL A 1 30  ? 1.326   21.485  -3.645  1.00 14.98 ? 29  VAL A C   1 
ATOM 234  O O   . VAL A 1 30  ? 2.439   21.951  -3.885  1.00 15.30 ? 29  VAL A O   1 
ATOM 235  C CB  . VAL A 1 30  ? 0.060   22.751  -5.418  1.00 12.62 ? 29  VAL A CB  1 
ATOM 236  C CG1 . VAL A 1 30  ? -0.060  21.557  -6.346  1.00 10.76 ? 29  VAL A CG1 1 
ATOM 237  C CG2 . VAL A 1 30  ? -1.100  23.700  -5.636  1.00 10.30 ? 29  VAL A CG2 1 
ATOM 238  N N   . VAL A 1 31  ? 1.145   20.286  -3.097  1.00 15.36 ? 30  VAL A N   1 
ATOM 239  C CA  . VAL A 1 31  ? 2.267   19.425  -2.731  1.00 15.56 ? 30  VAL A CA  1 
ATOM 240  C C   . VAL A 1 31  ? 2.482   18.245  -3.671  1.00 15.62 ? 30  VAL A C   1 
ATOM 241  O O   . VAL A 1 31  ? 1.585   17.450  -3.892  1.00 17.88 ? 30  VAL A O   1 
ATOM 242  C CB  . VAL A 1 31  ? 2.070   18.846  -1.330  1.00 14.93 ? 30  VAL A CB  1 
ATOM 243  C CG1 . VAL A 1 31  ? 3.374   18.250  -0.833  1.00 11.88 ? 30  VAL A CG1 1 
ATOM 244  C CG2 . VAL A 1 31  ? 1.544   19.923  -0.394  1.00 15.77 ? 30  VAL A CG2 1 
ATOM 245  N N   . PHE A 1 32  ? 3.687   18.125  -4.203  1.00 18.24 ? 31  PHE A N   1 
ATOM 246  C CA  . PHE A 1 32  ? 4.022   17.028  -5.102  1.00 20.92 ? 31  PHE A CA  1 
ATOM 247  C C   . PHE A 1 32  ? 5.169   16.218  -4.520  1.00 21.22 ? 31  PHE A C   1 
ATOM 248  O O   . PHE A 1 32  ? 5.972   16.726  -3.730  1.00 22.47 ? 31  PHE A O   1 
ATOM 249  C CB  . PHE A 1 32  ? 4.490   17.554  -6.466  1.00 26.12 ? 31  PHE A CB  1 
ATOM 250  C CG  . PHE A 1 32  ? 3.388   18.039  -7.355  1.00 29.50 ? 31  PHE A CG  1 
ATOM 251  C CD1 . PHE A 1 32  ? 2.451   17.150  -7.880  1.00 29.70 ? 31  PHE A CD1 1 
ATOM 252  C CD2 . PHE A 1 32  ? 3.311   19.387  -7.711  1.00 31.02 ? 31  PHE A CD2 1 
ATOM 253  C CE1 . PHE A 1 32  ? 1.449   17.600  -8.760  1.00 31.48 ? 31  PHE A CE1 1 
ATOM 254  C CE2 . PHE A 1 32  ? 2.311   19.852  -8.589  1.00 30.66 ? 31  PHE A CE2 1 
ATOM 255  C CZ  . PHE A 1 32  ? 1.380   18.956  -9.115  1.00 29.59 ? 31  PHE A CZ  1 
ATOM 256  N N   . TRP A 1 33  ? 5.236   14.955  -4.925  1.00 20.11 ? 32  TRP A N   1 
ATOM 257  C CA  . TRP A 1 33  ? 6.304   14.051  -4.533  1.00 18.56 ? 32  TRP A CA  1 
ATOM 258  C C   . TRP A 1 33  ? 6.620   13.294  -5.799  1.00 19.22 ? 32  TRP A C   1 
ATOM 259  O O   . TRP A 1 33  ? 5.732   12.673  -6.368  1.00 19.57 ? 32  TRP A O   1 
ATOM 260  C CB  . TRP A 1 33  ? 5.846   13.039  -3.487  1.00 18.80 ? 32  TRP A CB  1 
ATOM 261  C CG  . TRP A 1 33  ? 5.730   13.573  -2.120  1.00 19.69 ? 32  TRP A CG  1 
ATOM 262  C CD1 . TRP A 1 33  ? 4.636   14.170  -1.559  1.00 21.68 ? 32  TRP A CD1 1 
ATOM 263  C CD2 . TRP A 1 33  ? 6.751   13.583  -1.122  1.00 19.56 ? 32  TRP A CD2 1 
ATOM 264  N NE1 . TRP A 1 33  ? 4.916   14.550  -0.265  1.00 20.94 ? 32  TRP A NE1 1 
ATOM 265  C CE2 . TRP A 1 33  ? 6.208   14.201  0.025   1.00 19.81 ? 32  TRP A CE2 1 
ATOM 266  C CE3 . TRP A 1 33  ? 8.076   13.130  -1.086  1.00 21.00 ? 32  TRP A CE3 1 
ATOM 267  C CZ2 . TRP A 1 33  ? 6.945   14.381  1.198   1.00 22.48 ? 32  TRP A CZ2 1 
ATOM 268  C CZ3 . TRP A 1 33  ? 8.811   13.310  0.080   1.00 22.97 ? 32  TRP A CZ3 1 
ATOM 269  C CH2 . TRP A 1 33  ? 8.241   13.931  1.207   1.00 22.83 ? 32  TRP A CH2 1 
ATOM 270  N N   . GLN A 1 34  ? 7.859   13.357  -6.266  1.00 20.50 ? 33  GLN A N   1 
ATOM 271  C CA  . GLN A 1 34  ? 8.224   12.602  -7.458  1.00 22.08 ? 33  GLN A CA  1 
ATOM 272  C C   . GLN A 1 34  ? 9.539   11.858  -7.232  1.00 22.40 ? 33  GLN A C   1 
ATOM 273  O O   . GLN A 1 34  ? 10.360  12.279  -6.416  1.00 21.53 ? 33  GLN A O   1 
ATOM 274  C CB  . GLN A 1 34  ? 8.295   13.521  -8.674  1.00 25.80 ? 33  GLN A CB  1 
ATOM 275  C CG  . GLN A 1 34  ? 9.048   14.814  -8.454  1.00 33.37 ? 33  GLN A CG  1 
ATOM 276  C CD  . GLN A 1 34  ? 8.908   15.773  -9.636  1.00 35.92 ? 33  GLN A CD  1 
ATOM 277  O OE1 . GLN A 1 34  ? 7.804   16.235  -9.956  1.00 38.64 ? 33  GLN A OE1 1 
ATOM 278  N NE2 . GLN A 1 34  ? 10.028  16.075  -10.291 1.00 36.11 ? 33  GLN A NE2 1 
ATOM 279  N N   . ASP A 1 35  ? 9.718   10.735  -7.924  1.00 21.32 ? 34  ASP A N   1 
ATOM 280  C CA  . ASP A 1 35  ? 10.932  9.944   -7.770  1.00 22.03 ? 34  ASP A CA  1 
ATOM 281  C C   . ASP A 1 35  ? 12.058  10.440  -8.668  1.00 22.17 ? 34  ASP A C   1 
ATOM 282  O O   . ASP A 1 35  ? 11.935  11.470  -9.314  1.00 21.80 ? 34  ASP A O   1 
ATOM 283  C CB  . ASP A 1 35  ? 10.645  8.456   -8.034  1.00 22.24 ? 34  ASP A CB  1 
ATOM 284  C CG  . ASP A 1 35  ? 10.207  8.181   -9.454  1.00 22.52 ? 34  ASP A CG  1 
ATOM 285  O OD1 . ASP A 1 35  ? 9.829   7.028   -9.751  1.00 23.89 ? 34  ASP A OD1 1 
ATOM 286  O OD2 . ASP A 1 35  ? 10.244  9.108   -10.281 1.00 22.93 ? 34  ASP A OD2 1 
ATOM 287  N N   . GLN A 1 36  ? 13.161  9.709   -8.698  1.00 24.45 ? 35  GLN A N   1 
ATOM 288  C CA  . GLN A 1 36  ? 14.291  10.112  -9.521  1.00 27.66 ? 35  GLN A CA  1 
ATOM 289  C C   . GLN A 1 36  ? 13.909  10.267  -10.983 1.00 29.10 ? 35  GLN A C   1 
ATOM 290  O O   . GLN A 1 36  ? 14.568  10.989  -11.716 1.00 29.18 ? 35  GLN A O   1 
ATOM 291  C CB  . GLN A 1 36  ? 15.408  9.082   -9.459  1.00 30.01 ? 35  GLN A CB  1 
ATOM 292  C CG  . GLN A 1 36  ? 15.740  8.560   -8.099  1.00 33.65 ? 35  GLN A CG  1 
ATOM 293  C CD  . GLN A 1 36  ? 16.938  7.649   -8.167  1.00 35.16 ? 35  GLN A CD  1 
ATOM 294  O OE1 . GLN A 1 36  ? 16.994  6.743   -9.007  1.00 35.49 ? 35  GLN A OE1 1 
ATOM 295  N NE2 . GLN A 1 36  ? 17.915  7.883   -7.291  1.00 37.25 ? 35  GLN A NE2 1 
ATOM 296  N N   . GLU A 1 37  ? 12.864  9.569   -11.412 1.00 29.66 ? 36  GLU A N   1 
ATOM 297  C CA  . GLU A 1 37  ? 12.434  9.631   -12.803 1.00 29.72 ? 36  GLU A CA  1 
ATOM 298  C C   . GLU A 1 37  ? 11.266  10.579  -13.009 1.00 29.82 ? 36  GLU A C   1 
ATOM 299  O O   . GLU A 1 37  ? 10.509  10.433  -13.963 1.00 30.28 ? 36  GLU A O   1 
ATOM 300  C CB  . GLU A 1 37  ? 12.060  8.227   -13.295 1.00 31.18 ? 36  GLU A CB  1 
ATOM 301  C CG  . GLU A 1 37  ? 13.223  7.229   -13.255 1.00 33.59 ? 36  GLU A CG  1 
ATOM 302  C CD  . GLU A 1 37  ? 12.765  5.779   -13.283 1.00 36.19 ? 36  GLU A CD  1 
ATOM 303  O OE1 . GLU A 1 37  ? 13.643  4.886   -13.245 1.00 38.95 ? 36  GLU A OE1 1 
ATOM 304  O OE2 . GLU A 1 37  ? 11.536  5.534   -13.335 1.00 35.39 ? 36  GLU A OE2 1 
ATOM 305  N N   . ASN A 1 38  ? 11.122  11.544  -12.104 1.00 28.49 ? 37  ASN A N   1 
ATOM 306  C CA  . ASN A 1 38  ? 10.051  12.537  -12.172 1.00 27.68 ? 37  ASN A CA  1 
ATOM 307  C C   . ASN A 1 38  ? 8.637   11.969  -12.233 1.00 27.27 ? 37  ASN A C   1 
ATOM 308  O O   . ASN A 1 38  ? 7.739   12.598  -12.803 1.00 27.16 ? 37  ASN A O   1 
ATOM 309  C CB  . ASN A 1 38  ? 10.260  13.463  -13.369 1.00 27.71 ? 37  ASN A CB  1 
ATOM 310  C CG  . ASN A 1 38  ? 11.625  14.116  -13.364 1.00 29.40 ? 37  ASN A CG  1 
ATOM 311  O OD1 . ASN A 1 38  ? 12.047  14.696  -12.364 1.00 28.57 ? 37  ASN A OD1 1 
ATOM 312  N ND2 . ASN A 1 38  ? 12.325  14.029  -14.487 1.00 30.94 ? 37  ASN A ND2 1 
ATOM 313  N N   . LEU A 1 39  ? 8.435   10.782  -11.658 1.00 25.25 ? 38  LEU A N   1 
ATOM 314  C CA  . LEU A 1 39  ? 7.110   10.164  -11.639 1.00 22.59 ? 38  LEU A CA  1 
ATOM 315  C C   . LEU A 1 39  ? 6.431   10.644  -10.372 1.00 20.67 ? 38  LEU A C   1 
ATOM 316  O O   . LEU A 1 39  ? 7.074   10.778  -9.330  1.00 19.57 ? 38  LEU A O   1 
ATOM 317  C CB  . LEU A 1 39  ? 7.217   8.643   -11.629 1.00 23.36 ? 38  LEU A CB  1 
ATOM 318  C CG  . LEU A 1 39  ? 7.981   8.029   -12.808 1.00 25.09 ? 38  LEU A CG  1 
ATOM 319  C CD1 . LEU A 1 39  ? 7.878   6.507   -12.732 1.00 22.65 ? 38  LEU A CD1 1 
ATOM 320  C CD2 . LEU A 1 39  ? 7.411   8.551   -14.139 1.00 22.54 ? 38  LEU A CD2 1 
ATOM 321  N N   . VAL A 1 40  ? 5.138   10.926  -10.472 1.00 18.77 ? 39  VAL A N   1 
ATOM 322  C CA  . VAL A 1 40  ? 4.389   11.425  -9.332  1.00 17.17 ? 39  VAL A CA  1 
ATOM 323  C C   . VAL A 1 40  ? 4.040   10.292  -8.386  1.00 15.22 ? 39  VAL A C   1 
ATOM 324  O O   . VAL A 1 40  ? 3.590   9.234   -8.822  1.00 16.35 ? 39  VAL A O   1 
ATOM 325  C CB  . VAL A 1 40  ? 3.084   12.144  -9.797  1.00 17.37 ? 39  VAL A CB  1 
ATOM 326  C CG1 . VAL A 1 40  ? 2.201   12.493  -8.606  1.00 14.89 ? 39  VAL A CG1 1 
ATOM 327  C CG2 . VAL A 1 40  ? 3.442   13.393  -10.554 1.00 15.09 ? 39  VAL A CG2 1 
ATOM 328  N N   . LEU A 1 41  ? 4.271   10.515  -7.094  1.00 13.21 ? 40  LEU A N   1 
ATOM 329  C CA  . LEU A 1 41  ? 3.954   9.534   -6.060  1.00 11.66 ? 40  LEU A CA  1 
ATOM 330  C C   . LEU A 1 41  ? 2.613   9.949   -5.487  1.00 11.83 ? 40  LEU A C   1 
ATOM 331  O O   . LEU A 1 41  ? 1.683   9.148   -5.389  1.00 11.99 ? 40  LEU A O   1 
ATOM 332  C CB  . LEU A 1 41  ? 4.973   9.572   -4.923  1.00 11.54 ? 40  LEU A CB  1 
ATOM 333  C CG  . LEU A 1 41  ? 6.441   9.146   -5.035  1.00 11.51 ? 40  LEU A CG  1 
ATOM 334  C CD1 . LEU A 1 41  ? 6.590   7.722   -4.592  1.00 10.85 ? 40  LEU A CD1 1 
ATOM 335  C CD2 . LEU A 1 41  ? 6.945   9.353   -6.433  1.00 11.95 ? 40  LEU A CD2 1 
ATOM 336  N N   . ASN A 1 42  ? 2.530   11.226  -5.125  1.00 11.14 ? 41  ASN A N   1 
ATOM 337  C CA  . ASN A 1 42  ? 1.332   11.787  -4.524  1.00 13.57 ? 41  ASN A CA  1 
ATOM 338  C C   . ASN A 1 42  ? 1.190   13.286  -4.823  1.00 15.19 ? 41  ASN A C   1 
ATOM 339  O O   . ASN A 1 42  ? 2.185   13.987  -5.030  1.00 16.88 ? 41  ASN A O   1 
ATOM 340  C CB  . ASN A 1 42  ? 1.405   11.577  -3.010  1.00 15.32 ? 41  ASN A CB  1 
ATOM 341  C CG  . ASN A 1 42  ? 0.119   11.941  -2.307  1.00 17.37 ? 41  ASN A CG  1 
ATOM 342  O OD1 . ASN A 1 42  ? -0.674  11.062  -1.949  1.00 19.67 ? 41  ASN A OD1 1 
ATOM 343  N ND2 . ASN A 1 42  ? -0.105  13.237  -2.112  1.00 13.89 ? 41  ASN A ND2 1 
ATOM 344  N N   . GLU A 1 43  ? -0.049  13.772  -4.830  1.00 14.26 ? 42  GLU A N   1 
ATOM 345  C CA  . GLU A 1 43  ? -0.332  15.184  -5.073  1.00 13.45 ? 42  GLU A CA  1 
ATOM 346  C C   . GLU A 1 43  ? -1.493  15.682  -4.215  1.00 13.95 ? 42  GLU A C   1 
ATOM 347  O O   . GLU A 1 43  ? -2.568  15.081  -4.197  1.00 13.42 ? 42  GLU A O   1 
ATOM 348  C CB  . GLU A 1 43  ? -0.664  15.424  -6.546  1.00 12.83 ? 42  GLU A CB  1 
ATOM 349  C CG  . GLU A 1 43  ? -1.337  16.764  -6.805  1.00 18.19 ? 42  GLU A CG  1 
ATOM 350  C CD  . GLU A 1 43  ? -1.561  17.055  -8.287  1.00 21.83 ? 42  GLU A CD  1 
ATOM 351  O OE1 . GLU A 1 43  ? -1.831  16.108  -9.058  1.00 21.05 ? 42  GLU A OE1 1 
ATOM 352  O OE2 . GLU A 1 43  ? -1.479  18.239  -8.677  1.00 25.44 ? 42  GLU A OE2 1 
ATOM 353  N N   . VAL A 1 44  ? -1.270  16.777  -3.495  1.00 13.96 ? 43  VAL A N   1 
ATOM 354  C CA  . VAL A 1 44  ? -2.315  17.358  -2.670  1.00 14.06 ? 43  VAL A CA  1 
ATOM 355  C C   . VAL A 1 44  ? -2.585  18.776  -3.147  1.00 15.73 ? 43  VAL A C   1 
ATOM 356  O O   . VAL A 1 44  ? -1.921  19.731  -2.728  1.00 15.07 ? 43  VAL A O   1 
ATOM 357  C CB  . VAL A 1 44  ? -1.936  17.436  -1.202  1.00 14.12 ? 43  VAL A CB  1 
ATOM 358  C CG1 . VAL A 1 44  ? -3.160  17.815  -0.397  1.00 7.55  ? 43  VAL A CG1 1 
ATOM 359  C CG2 . VAL A 1 44  ? -1.353  16.116  -0.732  1.00 13.68 ? 43  VAL A CG2 1 
ATOM 360  N N   . TYR A 1 45  ? -3.571  18.886  -4.031  1.00 16.98 ? 44  TYR A N   1 
ATOM 361  C CA  . TYR A 1 45  ? -3.985  20.144  -4.610  1.00 17.81 ? 44  TYR A CA  1 
ATOM 362  C C   . TYR A 1 45  ? -4.862  20.917  -3.649  1.00 20.36 ? 44  TYR A C   1 
ATOM 363  O O   . TYR A 1 45  ? -5.974  20.503  -3.336  1.00 22.28 ? 44  TYR A O   1 
ATOM 364  C CB  . TYR A 1 45  ? -4.783  19.895  -5.872  1.00 19.19 ? 44  TYR A CB  1 
ATOM 365  C CG  . TYR A 1 45  ? -4.850  21.104  -6.751  1.00 22.28 ? 44  TYR A CG  1 
ATOM 366  C CD1 . TYR A 1 45  ? -3.795  21.418  -7.610  1.00 25.73 ? 44  TYR A CD1 1 
ATOM 367  C CD2 . TYR A 1 45  ? -5.941  21.956  -6.707  1.00 22.71 ? 44  TYR A CD2 1 
ATOM 368  C CE1 . TYR A 1 45  ? -3.823  22.559  -8.406  1.00 26.22 ? 44  TYR A CE1 1 
ATOM 369  C CE2 . TYR A 1 45  ? -5.982  23.104  -7.499  1.00 27.47 ? 44  TYR A CE2 1 
ATOM 370  C CZ  . TYR A 1 45  ? -4.916  23.400  -8.344  1.00 26.84 ? 44  TYR A CZ  1 
ATOM 371  O OH  . TYR A 1 45  ? -4.935  24.548  -9.095  1.00 27.14 ? 44  TYR A OH  1 
ATOM 372  N N   . LEU A 1 46  ? -4.351  22.048  -3.188  1.00 21.52 ? 45  LEU A N   1 
ATOM 373  C CA  . LEU A 1 46  ? -5.072  22.903  -2.264  1.00 21.31 ? 45  LEU A CA  1 
ATOM 374  C C   . LEU A 1 46  ? -5.786  22.112  -1.173  1.00 21.71 ? 45  LEU A C   1 
ATOM 375  O O   . LEU A 1 46  ? -6.921  22.413  -0.823  1.00 24.39 ? 45  LEU A O   1 
ATOM 376  C CB  . LEU A 1 46  ? -6.065  23.767  -3.039  1.00 19.45 ? 45  LEU A CB  1 
ATOM 377  C CG  . LEU A 1 46  ? -5.437  24.405  -4.284  1.00 20.98 ? 45  LEU A CG  1 
ATOM 378  C CD1 . LEU A 1 46  ? -6.503  25.192  -5.026  1.00 20.65 ? 45  LEU A CD1 1 
ATOM 379  C CD2 . LEU A 1 46  ? -4.257  25.302  -3.903  1.00 16.31 ? 45  LEU A CD2 1 
ATOM 380  N N   . GLY A 1 47  ? -5.122  21.093  -0.638  1.00 21.88 ? 46  GLY A N   1 
ATOM 381  C CA  . GLY A 1 47  ? -5.718  20.321  0.441   1.00 22.04 ? 46  GLY A CA  1 
ATOM 382  C C   . GLY A 1 47  ? -6.410  19.015  0.105   1.00 22.44 ? 46  GLY A C   1 
ATOM 383  O O   . GLY A 1 47  ? -6.711  18.238  1.003   1.00 20.32 ? 46  GLY A O   1 
ATOM 384  N N   . LYS A 1 48  ? -6.667  18.770  -1.173  1.00 26.46 ? 47  LYS A N   1 
ATOM 385  C CA  . LYS A 1 48  ? -7.327  17.539  -1.597  1.00 30.20 ? 47  LYS A CA  1 
ATOM 386  C C   . LYS A 1 48  ? -6.393  16.676  -2.437  1.00 29.68 ? 47  LYS A C   1 
ATOM 387  O O   . LYS A 1 48  ? -5.711  17.184  -3.322  1.00 27.10 ? 47  LYS A O   1 
ATOM 388  C CB  . LYS A 1 48  ? -8.586  17.884  -2.400  1.00 33.63 ? 47  LYS A CB  1 
ATOM 389  C CG  . LYS A 1 48  ? -9.184  16.718  -3.194  1.00 39.39 ? 47  LYS A CG  1 
ATOM 390  C CD  . LYS A 1 48  ? -10.483 17.156  -3.866  1.00 42.68 ? 47  LYS A CD  1 
ATOM 391  C CE  . LYS A 1 48  ? -10.983 16.137  -4.882  1.00 43.73 ? 47  LYS A CE  1 
ATOM 392  N NZ  . LYS A 1 48  ? -10.206 16.187  -6.150  1.00 43.39 ? 47  LYS A NZ  1 
ATOM 393  N N   . GLU A 1 49  ? -6.352  15.376  -2.161  1.00 30.95 ? 48  GLU A N   1 
ATOM 394  C CA  . GLU A 1 49  ? -5.486  14.493  -2.937  1.00 33.50 ? 48  GLU A CA  1 
ATOM 395  C C   . GLU A 1 49  ? -6.006  14.326  -4.367  1.00 34.69 ? 48  GLU A C   1 
ATOM 396  O O   . GLU A 1 49  ? -7.204  14.179  -4.599  1.00 36.50 ? 48  GLU A O   1 
ATOM 397  C CB  . GLU A 1 49  ? -5.323  13.136  -2.240  1.00 34.08 ? 48  GLU A CB  1 
ATOM 398  C CG  . GLU A 1 49  ? -4.289  13.173  -1.117  1.00 36.40 ? 48  GLU A CG  1 
ATOM 399  C CD  . GLU A 1 49  ? -3.927  11.796  -0.570  1.00 39.88 ? 48  GLU A CD  1 
ATOM 400  O OE1 . GLU A 1 49  ? -2.919  11.697  0.177   1.00 38.95 ? 48  GLU A OE1 1 
ATOM 401  O OE2 . GLU A 1 49  ? -4.650  10.816  -0.876  1.00 40.67 ? 48  GLU A OE2 1 
ATOM 402  N N   . LYS A 1 50  ? -5.078  14.382  -5.316  1.00 35.23 ? 49  LYS A N   1 
ATOM 403  C CA  . LYS A 1 50  ? -5.370  14.289  -6.740  1.00 36.27 ? 49  LYS A CA  1 
ATOM 404  C C   . LYS A 1 50  ? -4.593  13.091  -7.280  1.00 37.35 ? 49  LYS A C   1 
ATOM 405  O O   . LYS A 1 50  ? -3.366  13.137  -7.384  1.00 37.68 ? 49  LYS A O   1 
ATOM 406  C CB  . LYS A 1 50  ? -4.907  15.593  -7.407  1.00 37.33 ? 49  LYS A CB  1 
ATOM 407  C CG  . LYS A 1 50  ? -5.212  15.773  -8.890  1.00 40.91 ? 49  LYS A CG  1 
ATOM 408  C CD  . LYS A 1 50  ? -4.646  17.122  -9.366  1.00 41.96 ? 49  LYS A CD  1 
ATOM 409  C CE  . LYS A 1 50  ? -5.077  17.506  -10.780 1.00 42.96 ? 49  LYS A CE  1 
ATOM 410  N NZ  . LYS A 1 50  ? -4.572  18.866  -11.152 1.00 42.42 ? 49  LYS A NZ  1 
ATOM 411  N N   . PHE A 1 51  ? -5.305  12.023  -7.629  1.00 37.91 ? 50  PHE A N   1 
ATOM 412  C CA  . PHE A 1 51  ? -4.656  10.810  -8.117  1.00 37.93 ? 50  PHE A CA  1 
ATOM 413  C C   . PHE A 1 51  ? -4.546  10.642  -9.622  1.00 36.42 ? 50  PHE A C   1 
ATOM 414  O O   . PHE A 1 51  ? -4.076  9.612   -10.092 1.00 35.51 ? 50  PHE A O   1 
ATOM 415  C CB  . PHE A 1 51  ? -5.355  9.579   -7.544  1.00 38.64 ? 50  PHE A CB  1 
ATOM 416  C CG  . PHE A 1 51  ? -5.384  9.545   -6.047  1.00 40.30 ? 50  PHE A CG  1 
ATOM 417  C CD1 . PHE A 1 51  ? -6.287  10.327  -5.339  1.00 40.07 ? 50  PHE A CD1 1 
ATOM 418  C CD2 . PHE A 1 51  ? -4.493  8.740   -5.340  1.00 41.52 ? 50  PHE A CD2 1 
ATOM 419  C CE1 . PHE A 1 51  ? -6.304  10.307  -3.942  1.00 42.56 ? 50  PHE A CE1 1 
ATOM 420  C CE2 . PHE A 1 51  ? -4.503  8.714   -3.946  1.00 42.49 ? 50  PHE A CE2 1 
ATOM 421  C CZ  . PHE A 1 51  ? -5.411  9.499   -3.247  1.00 41.90 ? 50  PHE A CZ  1 
ATOM 422  N N   . ASP A 1 52  ? -4.963  11.641  -10.384 1.00 36.38 ? 51  ASP A N   1 
ATOM 423  C CA  . ASP A 1 52  ? -4.896  11.516  -11.830 1.00 37.05 ? 51  ASP A CA  1 
ATOM 424  C C   . ASP A 1 52  ? -3.534  11.886  -12.387 1.00 35.48 ? 51  ASP A C   1 
ATOM 425  O O   . ASP A 1 52  ? -3.364  11.995  -13.596 1.00 35.88 ? 51  ASP A O   1 
ATOM 426  C CB  . ASP A 1 52  ? -5.990  12.368  -12.494 1.00 41.11 ? 51  ASP A CB  1 
ATOM 427  C CG  . ASP A 1 52  ? -5.847  13.851  -12.200 1.00 44.72 ? 51  ASP A CG  1 
ATOM 428  O OD1 . ASP A 1 52  ? -4.900  14.479  -12.724 1.00 48.90 ? 51  ASP A OD1 1 
ATOM 429  O OD2 . ASP A 1 52  ? -6.687  14.389  -11.444 1.00 44.51 ? 51  ASP A OD2 1 
ATOM 430  N N   . SER A 1 53  ? -2.563  12.076  -11.504 1.00 33.40 ? 52  SER A N   1 
ATOM 431  C CA  . SER A 1 53  ? -1.220  12.435  -11.932 1.00 30.90 ? 52  SER A CA  1 
ATOM 432  C C   . SER A 1 53  ? -0.253  11.366  -11.440 1.00 28.85 ? 52  SER A C   1 
ATOM 433  O O   . SER A 1 53  ? 0.880   11.251  -11.920 1.00 28.47 ? 52  SER A O   1 
ATOM 434  C CB  . SER A 1 53  ? -0.843  13.798  -11.351 1.00 34.34 ? 52  SER A CB  1 
ATOM 435  O OG  . SER A 1 53  ? 0.312   14.322  -11.986 1.00 39.92 ? 52  SER A OG  1 
ATOM 436  N N   . VAL A 1 54  ? -0.726  10.582  -10.478 1.00 24.44 ? 53  VAL A N   1 
ATOM 437  C CA  . VAL A 1 54  ? 0.052   9.505   -9.871  1.00 21.43 ? 53  VAL A CA  1 
ATOM 438  C C   . VAL A 1 54  ? 0.348   8.388   -10.864 1.00 20.72 ? 53  VAL A C   1 
ATOM 439  O O   . VAL A 1 54  ? -0.540  7.949   -11.594 1.00 21.09 ? 53  VAL A O   1 
ATOM 440  C CB  . VAL A 1 54  ? -0.703  8.915   -8.653  1.00 18.63 ? 53  VAL A CB  1 
ATOM 441  C CG1 . VAL A 1 54  ? -0.055  7.622   -8.199  1.00 15.13 ? 53  VAL A CG1 1 
ATOM 442  C CG2 . VAL A 1 54  ? -0.716  9.928   -7.523  1.00 14.81 ? 53  VAL A CG2 1 
ATOM 443  N N   . HIS A 1 55  ? 1.600   7.940   -10.895 1.00 19.88 ? 54  HIS A N   1 
ATOM 444  C CA  . HIS A 1 55  ? 1.990   6.861   -11.791 1.00 21.51 ? 54  HIS A CA  1 
ATOM 445  C C   . HIS A 1 55  ? 1.429   5.563   -11.225 1.00 22.77 ? 54  HIS A C   1 
ATOM 446  O O   . HIS A 1 55  ? 1.372   5.386   -10.009 1.00 24.04 ? 54  HIS A O   1 
ATOM 447  C CB  . HIS A 1 55  ? 3.516   6.770   -11.895 1.00 21.44 ? 54  HIS A CB  1 
ATOM 448  C CG  . HIS A 1 55  ? 3.990   5.730   -12.862 1.00 23.95 ? 54  HIS A CG  1 
ATOM 449  N ND1 . HIS A 1 55  ? 3.623   4.404   -12.765 1.00 24.38 ? 54  HIS A ND1 1 
ATOM 450  C CD2 . HIS A 1 55  ? 4.768   5.828   -13.966 1.00 23.64 ? 54  HIS A CD2 1 
ATOM 451  C CE1 . HIS A 1 55  ? 4.153   3.731   -13.772 1.00 25.86 ? 54  HIS A CE1 1 
ATOM 452  N NE2 . HIS A 1 55  ? 4.850   4.570   -14.514 1.00 26.41 ? 54  HIS A NE2 1 
ATOM 453  N N   . SER A 1 56  ? 1.004   4.658   -12.097 1.00 23.52 ? 55  SER A N   1 
ATOM 454  C CA  . SER A 1 56  ? 0.435   3.392   -11.635 1.00 25.62 ? 55  SER A CA  1 
ATOM 455  C C   . SER A 1 56  ? 1.377   2.700   -10.650 1.00 25.55 ? 55  SER A C   1 
ATOM 456  O O   . SER A 1 56  ? 0.937   2.016   -9.719  1.00 27.07 ? 55  SER A O   1 
ATOM 457  C CB  . SER A 1 56  ? 0.183   2.461   -12.819 1.00 25.93 ? 55  SER A CB  1 
ATOM 458  O OG  . SER A 1 56  ? 1.414   2.092   -13.417 1.00 27.78 ? 55  SER A OG  1 
ATOM 459  N N   . LYS A 1 57  ? 2.673   2.885   -10.876 1.00 23.07 ? 56  LYS A N   1 
ATOM 460  C CA  . LYS A 1 57  ? 3.721   2.306   -10.042 1.00 20.71 ? 56  LYS A CA  1 
ATOM 461  C C   . LYS A 1 57  ? 3.546   2.632   -8.548  1.00 18.54 ? 56  LYS A C   1 
ATOM 462  O O   . LYS A 1 57  ? 4.063   1.923   -7.672  1.00 16.53 ? 56  LYS A O   1 
ATOM 463  C CB  . LYS A 1 57  ? 5.079   2.820   -10.535 1.00 19.25 ? 56  LYS A CB  1 
ATOM 464  C CG  . LYS A 1 57  ? 6.219   2.560   -9.589  1.00 21.43 ? 56  LYS A CG  1 
ATOM 465  C CD  . LYS A 1 57  ? 7.510   3.228   -10.025 1.00 24.18 ? 56  LYS A CD  1 
ATOM 466  C CE  . LYS A 1 57  ? 8.053   2.654   -11.321 1.00 25.96 ? 56  LYS A CE  1 
ATOM 467  N NZ  . LYS A 1 57  ? 9.469   3.047   -11.502 1.00 27.59 ? 56  LYS A NZ  1 
ATOM 468  N N   . TYR A 1 58  ? 2.808   3.702   -8.271  1.00 15.43 ? 57  TYR A N   1 
ATOM 469  C CA  . TYR A 1 58  ? 2.579   4.140   -6.910  1.00 13.33 ? 57  TYR A CA  1 
ATOM 470  C C   . TYR A 1 58  ? 1.114   4.113   -6.481  1.00 14.75 ? 57  TYR A C   1 
ATOM 471  O O   . TYR A 1 58  ? 0.808   4.267   -5.296  1.00 10.15 ? 57  TYR A O   1 
ATOM 472  C CB  . TYR A 1 58  ? 3.159   5.542   -6.743  1.00 13.58 ? 57  TYR A CB  1 
ATOM 473  C CG  . TYR A 1 58  ? 4.650   5.593   -6.995  1.00 13.76 ? 57  TYR A CG  1 
ATOM 474  C CD1 . TYR A 1 58  ? 5.182   6.245   -8.109  1.00 13.80 ? 57  TYR A CD1 1 
ATOM 475  C CD2 . TYR A 1 58  ? 5.535   4.976   -6.115  1.00 12.75 ? 57  TYR A CD2 1 
ATOM 476  C CE1 . TYR A 1 58  ? 6.569   6.278   -8.333  1.00 12.33 ? 57  TYR A CE1 1 
ATOM 477  C CE2 . TYR A 1 58  ? 6.915   5.002   -6.331  1.00 12.62 ? 57  TYR A CE2 1 
ATOM 478  C CZ  . TYR A 1 58  ? 7.423   5.652   -7.434  1.00 12.99 ? 57  TYR A CZ  1 
ATOM 479  O OH  . TYR A 1 58  ? 8.787   5.674   -7.605  1.00 11.73 ? 57  TYR A OH  1 
ATOM 480  N N   . MET A 1 59  ? 0.206   3.914   -7.434  1.00 16.41 ? 58  MET A N   1 
ATOM 481  C CA  . MET A 1 59  ? -1.215  3.872   -7.108  1.00 17.89 ? 58  MET A CA  1 
ATOM 482  C C   . MET A 1 59  ? -1.501  2.913   -5.949  1.00 18.42 ? 58  MET A C   1 
ATOM 483  O O   . MET A 1 59  ? -1.175  1.723   -6.018  1.00 19.02 ? 58  MET A O   1 
ATOM 484  C CB  . MET A 1 59  ? -2.039  3.459   -8.334  1.00 22.51 ? 58  MET A CB  1 
ATOM 485  C CG  . MET A 1 59  ? -2.274  4.576   -9.380  1.00 27.81 ? 58  MET A CG  1 
ATOM 486  S SD  . MET A 1 59  ? -3.269  6.017   -8.816  1.00 33.93 ? 58  MET A SD  1 
ATOM 487  C CE  . MET A 1 59  ? -4.638  5.975   -9.978  1.00 29.90 ? 58  MET A CE  1 
ATOM 488  N N   . GLY A 1 60  ? -2.094  3.458   -4.885  1.00 17.73 ? 59  GLY A N   1 
ATOM 489  C CA  . GLY A 1 60  ? -2.458  2.687   -3.704  1.00 14.42 ? 59  GLY A CA  1 
ATOM 490  C C   . GLY A 1 60  ? -1.409  2.549   -2.613  1.00 13.35 ? 59  GLY A C   1 
ATOM 491  O O   . GLY A 1 60  ? -1.719  2.092   -1.516  1.00 12.71 ? 59  GLY A O   1 
ATOM 492  N N   . ARG A 1 61  ? -0.178  2.962   -2.896  1.00 13.05 ? 60  ARG A N   1 
ATOM 493  C CA  . ARG A 1 61  ? 0.926   2.822   -1.940  1.00 12.27 ? 60  ARG A CA  1 
ATOM 494  C C   . ARG A 1 61  ? 1.391   4.072   -1.193  1.00 11.65 ? 60  ARG A C   1 
ATOM 495  O O   . ARG A 1 61  ? 2.345   4.010   -0.409  1.00 10.33 ? 60  ARG A O   1 
ATOM 496  C CB  . ARG A 1 61  ? 2.142   2.231   -2.653  1.00 11.58 ? 60  ARG A CB  1 
ATOM 497  C CG  . ARG A 1 61  ? 1.886   0.926   -3.361  1.00 14.53 ? 60  ARG A CG  1 
ATOM 498  C CD  . ARG A 1 61  ? 3.202   0.215   -3.631  1.00 15.53 ? 60  ARG A CD  1 
ATOM 499  N NE  . ARG A 1 61  ? 3.996   0.891   -4.651  1.00 16.76 ? 60  ARG A NE  1 
ATOM 500  C CZ  . ARG A 1 61  ? 5.325   0.928   -4.655  1.00 17.41 ? 60  ARG A CZ  1 
ATOM 501  N NH1 . ARG A 1 61  ? 6.015   0.337   -3.680  1.00 11.87 ? 60  ARG A NH1 1 
ATOM 502  N NH2 . ARG A 1 61  ? 5.963   1.536   -5.650  1.00 15.76 ? 60  ARG A NH2 1 
ATOM 503  N N   . THR A 1 62  ? 0.745   5.203   -1.425  1.00 11.42 ? 61  THR A N   1 
ATOM 504  C CA  . THR A 1 62  ? 1.176   6.412   -0.755  1.00 11.22 ? 61  THR A CA  1 
ATOM 505  C C   . THR A 1 62  ? 0.121   7.015   0.138   1.00 12.91 ? 61  THR A C   1 
ATOM 506  O O   . THR A 1 62  ? -1.062  6.717   0.016   1.00 12.69 ? 61  THR A O   1 
ATOM 507  C CB  . THR A 1 62  ? 1.651   7.455   -1.767  1.00 11.08 ? 61  THR A CB  1 
ATOM 508  O OG1 . THR A 1 62  ? 0.538   7.936   -2.527  1.00 12.80 ? 61  THR A OG1 1 
ATOM 509  C CG2 . THR A 1 62  ? 2.694   6.830   -2.711  1.00 10.25 ? 61  THR A CG2 1 
ATOM 510  N N   . SER A 1 63  ? 0.564   7.859   1.059   1.00 17.31 ? 62  SER A N   1 
ATOM 511  C CA  . SER A 1 63  ? -0.343  8.508   1.993   1.00 20.37 ? 62  SER A CA  1 
ATOM 512  C C   . SER A 1 63  ? 0.381   9.694   2.586   1.00 20.28 ? 62  SER A C   1 
ATOM 513  O O   . SER A 1 63  ? 1.416   9.535   3.227   1.00 22.65 ? 62  SER A O   1 
ATOM 514  C CB  . SER A 1 63  ? -0.749  7.537   3.106   1.00 21.80 ? 62  SER A CB  1 
ATOM 515  O OG  . SER A 1 63  ? -1.855  8.039   3.836   1.00 26.20 ? 62  SER A OG  1 
ATOM 516  N N   . PHE A 1 64  ? -0.170  10.883  2.383   1.00 20.72 ? 63  PHE A N   1 
ATOM 517  C CA  . PHE A 1 64  ? 0.456   12.097  2.882   1.00 22.50 ? 63  PHE A CA  1 
ATOM 518  C C   . PHE A 1 64  ? -0.093  12.602  4.210   1.00 23.42 ? 63  PHE A C   1 
ATOM 519  O O   . PHE A 1 64  ? -1.302  12.702  4.395   1.00 26.49 ? 63  PHE A O   1 
ATOM 520  C CB  . PHE A 1 64  ? 0.329   13.191  1.833   1.00 22.97 ? 63  PHE A CB  1 
ATOM 521  C CG  . PHE A 1 64  ? 1.046   14.447  2.187   1.00 25.00 ? 63  PHE A CG  1 
ATOM 522  C CD1 . PHE A 1 64  ? 2.430   14.469  2.283   1.00 26.37 ? 63  PHE A CD1 1 
ATOM 523  C CD2 . PHE A 1 64  ? 0.336   15.618  2.436   1.00 26.48 ? 63  PHE A CD2 1 
ATOM 524  C CE1 . PHE A 1 64  ? 3.101   15.640  2.624   1.00 27.27 ? 63  PHE A CE1 1 
ATOM 525  C CE2 . PHE A 1 64  ? 0.996   16.798  2.779   1.00 26.60 ? 63  PHE A CE2 1 
ATOM 526  C CZ  . PHE A 1 64  ? 2.381   16.809  2.872   1.00 26.23 ? 63  PHE A CZ  1 
ATOM 527  N N   . ASP A 1 65  ? 0.802   12.928  5.138   1.00 23.79 ? 64  ASP A N   1 
ATOM 528  C CA  . ASP A 1 65  ? 0.390   13.438  6.438   1.00 24.23 ? 64  ASP A CA  1 
ATOM 529  C C   . ASP A 1 65  ? 0.813   14.884  6.598   1.00 24.10 ? 64  ASP A C   1 
ATOM 530  O O   . ASP A 1 65  ? 1.992   15.175  6.809   1.00 24.85 ? 64  ASP A O   1 
ATOM 531  C CB  . ASP A 1 65  ? 0.998   12.614  7.559   1.00 25.52 ? 64  ASP A CB  1 
ATOM 532  C CG  . ASP A 1 65  ? 0.958   13.337  8.877   1.00 28.26 ? 64  ASP A CG  1 
ATOM 533  O OD1 . ASP A 1 65  ? -0.040  14.036  9.135   1.00 28.73 ? 64  ASP A OD1 1 
ATOM 534  O OD2 . ASP A 1 65  ? 1.920   13.205  9.656   1.00 30.47 ? 64  ASP A OD2 1 
ATOM 535  N N   . SER A 1 66  ? -0.157  15.786  6.509   1.00 23.62 ? 65  SER A N   1 
ATOM 536  C CA  . SER A 1 66  ? 0.102   17.220  6.620   1.00 25.25 ? 65  SER A CA  1 
ATOM 537  C C   . SER A 1 66  ? 0.651   17.659  7.971   1.00 26.12 ? 65  SER A C   1 
ATOM 538  O O   . SER A 1 66  ? 1.377   18.637  8.053   1.00 27.34 ? 65  SER A O   1 
ATOM 539  C CB  . SER A 1 66  ? -1.171  17.990  6.304   1.00 25.55 ? 65  SER A CB  1 
ATOM 540  O OG  . SER A 1 66  ? -2.266  17.423  7.000   1.00 29.61 ? 65  SER A OG  1 
ATOM 541  N N   . ASP A 1 67  ? 0.296   16.943  9.029   1.00 26.78 ? 66  ASP A N   1 
ATOM 542  C CA  . ASP A 1 67  ? 0.779   17.258  10.365  1.00 27.26 ? 66  ASP A CA  1 
ATOM 543  C C   . ASP A 1 67  ? 2.292   17.244  10.369  1.00 26.56 ? 66  ASP A C   1 
ATOM 544  O O   . ASP A 1 67  ? 2.935   18.134  10.911  1.00 26.70 ? 66  ASP A O   1 
ATOM 545  C CB  . ASP A 1 67  ? 0.300   16.203  11.358  1.00 29.99 ? 66  ASP A CB  1 
ATOM 546  C CG  . ASP A 1 67  ? -1.005  16.569  12.023  1.00 32.74 ? 66  ASP A CG  1 
ATOM 547  O OD1 . ASP A 1 67  ? -1.796  17.341  11.433  1.00 32.88 ? 66  ASP A OD1 1 
ATOM 548  O OD2 . ASP A 1 67  ? -1.239  16.064  13.143  1.00 35.27 ? 66  ASP A OD2 1 
ATOM 549  N N   . SER A 1 68  ? 2.851   16.211  9.753   1.00 25.89 ? 67  SER A N   1 
ATOM 550  C CA  . SER A 1 68  ? 4.293   16.019  9.714   1.00 22.72 ? 67  SER A CA  1 
ATOM 551  C C   . SER A 1 68  ? 4.933   16.350  8.385   1.00 20.58 ? 67  SER A C   1 
ATOM 552  O O   . SER A 1 68  ? 6.157   16.383  8.277   1.00 22.04 ? 67  SER A O   1 
ATOM 553  C CB  . SER A 1 68  ? 4.612   14.569  10.043  1.00 22.82 ? 67  SER A CB  1 
ATOM 554  O OG  . SER A 1 68  ? 4.121   13.727  9.015   1.00 24.46 ? 67  SER A OG  1 
ATOM 555  N N   . TRP A 1 69  ? 4.118   16.599  7.372   1.00 17.98 ? 68  TRP A N   1 
ATOM 556  C CA  . TRP A 1 69  ? 4.668   16.889  6.064   1.00 17.18 ? 68  TRP A CA  1 
ATOM 557  C C   . TRP A 1 69  ? 5.562   15.708  5.724   1.00 17.18 ? 68  TRP A C   1 
ATOM 558  O O   . TRP A 1 69  ? 6.776   15.835  5.502   1.00 15.76 ? 68  TRP A O   1 
ATOM 559  C CB  . TRP A 1 69  ? 5.476   18.176  6.083   1.00 16.02 ? 68  TRP A CB  1 
ATOM 560  C CG  . TRP A 1 69  ? 4.631   19.365  6.361   1.00 16.72 ? 68  TRP A CG  1 
ATOM 561  C CD1 . TRP A 1 69  ? 4.481   20.001  7.556   1.00 17.02 ? 68  TRP A CD1 1 
ATOM 562  C CD2 . TRP A 1 69  ? 3.799   20.056  5.429   1.00 17.31 ? 68  TRP A CD2 1 
ATOM 563  N NE1 . TRP A 1 69  ? 3.608   21.050  7.429   1.00 16.77 ? 68  TRP A NE1 1 
ATOM 564  C CE2 . TRP A 1 69  ? 3.172   21.109  6.133   1.00 17.03 ? 68  TRP A CE2 1 
ATOM 565  C CE3 . TRP A 1 69  ? 3.525   19.894  4.065   1.00 18.57 ? 68  TRP A CE3 1 
ATOM 566  C CZ2 . TRP A 1 69  ? 2.282   22.000  5.517   1.00 18.65 ? 68  TRP A CZ2 1 
ATOM 567  C CZ3 . TRP A 1 69  ? 2.637   20.784  3.448   1.00 18.47 ? 68  TRP A CZ3 1 
ATOM 568  C CH2 . TRP A 1 69  ? 2.028   21.823  4.177   1.00 19.06 ? 68  TRP A CH2 1 
ATOM 569  N N   . THR A 1 70  ? 4.925   14.548  5.700   1.00 16.90 ? 69  THR A N   1 
ATOM 570  C CA  . THR A 1 70  ? 5.601   13.319  5.398   1.00 15.25 ? 69  THR A CA  1 
ATOM 571  C C   . THR A 1 70  ? 4.748   12.437  4.521   1.00 14.87 ? 69  THR A C   1 
ATOM 572  O O   . THR A 1 70  ? 3.545   12.328  4.729   1.00 14.52 ? 69  THR A O   1 
ATOM 573  C CB  . THR A 1 70  ? 5.898   12.572  6.668   1.00 13.09 ? 69  THR A CB  1 
ATOM 574  O OG1 . THR A 1 70  ? 6.854   13.315  7.424   1.00 13.56 ? 69  THR A OG1 1 
ATOM 575  C CG2 . THR A 1 70  ? 6.447   11.204  6.353   1.00 17.34 ? 69  THR A CG2 1 
ATOM 576  N N   . LEU A 1 71  ? 5.371   11.825  3.523   1.00 15.39 ? 70  LEU A N   1 
ATOM 577  C CA  . LEU A 1 71  ? 4.653   10.909  2.651   1.00 12.59 ? 70  LEU A CA  1 
ATOM 578  C C   . LEU A 1 71  ? 5.059   9.526   3.127   1.00 13.61 ? 70  LEU A C   1 
ATOM 579  O O   . LEU A 1 71  ? 6.237   9.272   3.408   1.00 15.03 ? 70  LEU A O   1 
ATOM 580  C CB  . LEU A 1 71  ? 5.064   11.094  1.193   1.00 11.27 ? 70  LEU A CB  1 
ATOM 581  C CG  . LEU A 1 71  ? 4.201   10.297  0.209   1.00 13.76 ? 70  LEU A CG  1 
ATOM 582  C CD1 . LEU A 1 71  ? 2.771   10.835  0.176   1.00 8.25  ? 70  LEU A CD1 1 
ATOM 583  C CD2 . LEU A 1 71  ? 4.812   10.389  -1.173  1.00 15.71 ? 70  LEU A CD2 1 
ATOM 584  N N   . ARG A 1 72  ? 4.085   8.641   3.260   1.00 12.54 ? 71  ARG A N   1 
ATOM 585  C CA  . ARG A 1 72  ? 4.393   7.293   3.690   1.00 12.00 ? 71  ARG A CA  1 
ATOM 586  C C   . ARG A 1 72  ? 4.291   6.381   2.477   1.00 14.08 ? 71  ARG A C   1 
ATOM 587  O O   . ARG A 1 72  ? 3.244   6.316   1.835   1.00 14.17 ? 71  ARG A O   1 
ATOM 588  C CB  . ARG A 1 72  ? 3.422   6.836   4.775   1.00 8.43  ? 71  ARG A CB  1 
ATOM 589  C CG  . ARG A 1 72  ? 3.623   5.396   5.180   1.00 11.00 ? 71  ARG A CG  1 
ATOM 590  C CD  . ARG A 1 72  ? 2.844   5.051   6.424   1.00 11.05 ? 71  ARG A CD  1 
ATOM 591  N NE  . ARG A 1 72  ? 3.357   5.776   7.571   1.00 12.80 ? 71  ARG A NE  1 
ATOM 592  C CZ  . ARG A 1 72  ? 2.913   5.634   8.812   1.00 14.01 ? 71  ARG A CZ  1 
ATOM 593  N NH1 . ARG A 1 72  ? 1.934   4.788   9.084   1.00 14.44 ? 71  ARG A NH1 1 
ATOM 594  N NH2 . ARG A 1 72  ? 3.460   6.343   9.783   1.00 16.28 ? 71  ARG A NH2 1 
ATOM 595  N N   . LEU A 1 73  ? 5.383   5.696   2.149   1.00 12.68 ? 72  LEU A N   1 
ATOM 596  C CA  . LEU A 1 73  ? 5.380   4.791   1.011   1.00 14.78 ? 72  LEU A CA  1 
ATOM 597  C C   . LEU A 1 73  ? 5.185   3.385   1.535   1.00 14.46 ? 72  LEU A C   1 
ATOM 598  O O   . LEU A 1 73  ? 6.021   2.880   2.284   1.00 13.04 ? 72  LEU A O   1 
ATOM 599  C CB  . LEU A 1 73  ? 6.698   4.882   0.242   1.00 17.39 ? 72  LEU A CB  1 
ATOM 600  C CG  . LEU A 1 73  ? 6.829   3.976   -0.987  1.00 17.51 ? 72  LEU A CG  1 
ATOM 601  C CD1 . LEU A 1 73  ? 5.666   4.174   -1.931  1.00 12.71 ? 72  LEU A CD1 1 
ATOM 602  C CD2 . LEU A 1 73  ? 8.149   4.295   -1.690  1.00 20.58 ? 72  LEU A CD2 1 
ATOM 603  N N   . HIS A 1 74  ? 4.079   2.754   1.139   1.00 13.64 ? 73  HIS A N   1 
ATOM 604  C CA  . HIS A 1 74  ? 3.782   1.410   1.606   1.00 12.29 ? 73  HIS A CA  1 
ATOM 605  C C   . HIS A 1 74  ? 4.238   0.298   0.685   1.00 12.00 ? 73  HIS A C   1 
ATOM 606  O O   . HIS A 1 74  ? 4.556   0.534   -0.479  1.00 12.06 ? 73  HIS A O   1 
ATOM 607  C CB  . HIS A 1 74  ? 2.284   1.244   1.842   1.00 14.15 ? 73  HIS A CB  1 
ATOM 608  C CG  . HIS A 1 74  ? 1.745   2.083   2.955   1.00 17.52 ? 73  HIS A CG  1 
ATOM 609  N ND1 . HIS A 1 74  ? 1.320   3.381   2.769   1.00 20.50 ? 73  HIS A ND1 1 
ATOM 610  C CD2 . HIS A 1 74  ? 1.550   1.807   4.267   1.00 16.62 ? 73  HIS A CD2 1 
ATOM 611  C CE1 . HIS A 1 74  ? 0.882   3.868   3.916   1.00 17.73 ? 73  HIS A CE1 1 
ATOM 612  N NE2 . HIS A 1 74  ? 1.012   2.933   4.842   1.00 17.15 ? 73  HIS A NE2 1 
ATOM 613  N N   . ASN A 1 75  ? 4.264   -0.915  1.238   1.00 10.46 ? 74  ASN A N   1 
ATOM 614  C CA  . ASN A 1 75  ? 4.629   -2.118  0.501   1.00 10.61 ? 74  ASN A CA  1 
ATOM 615  C C   . ASN A 1 75  ? 5.944   -1.929  -0.269  1.00 12.37 ? 74  ASN A C   1 
ATOM 616  O O   . ASN A 1 75  ? 5.991   -2.069  -1.491  1.00 11.21 ? 74  ASN A O   1 
ATOM 617  C CB  . ASN A 1 75  ? 3.478   -2.449  -0.452  1.00 9.74  ? 74  ASN A CB  1 
ATOM 618  C CG  . ASN A 1 75  ? 3.498   -3.876  -0.934  1.00 9.18  ? 74  ASN A CG  1 
ATOM 619  O OD1 . ASN A 1 75  ? 2.617   -4.291  -1.682  1.00 9.06  ? 74  ASN A OD1 1 
ATOM 620  N ND2 . ASN A 1 75  ? 4.495   -4.642  -0.507  1.00 11.92 ? 74  ASN A ND2 1 
ATOM 621  N N   . LEU A 1 76  ? 7.020   -1.627  0.445   1.00 14.05 ? 75  LEU A N   1 
ATOM 622  C CA  . LEU A 1 76  ? 8.295   -1.392  -0.217  1.00 17.15 ? 75  LEU A CA  1 
ATOM 623  C C   . LEU A 1 76  ? 8.796   -2.530  -1.079  1.00 18.97 ? 75  LEU A C   1 
ATOM 624  O O   . LEU A 1 76  ? 8.616   -3.701  -0.755  1.00 18.88 ? 75  LEU A O   1 
ATOM 625  C CB  . LEU A 1 76  ? 9.375   -1.018  0.805   1.00 18.37 ? 75  LEU A CB  1 
ATOM 626  C CG  . LEU A 1 76  ? 9.162   0.338   1.499   1.00 20.85 ? 75  LEU A CG  1 
ATOM 627  C CD1 . LEU A 1 76  ? 10.318  0.657   2.424   1.00 18.37 ? 75  LEU A CD1 1 
ATOM 628  C CD2 . LEU A 1 76  ? 9.025   1.424   0.447   1.00 20.76 ? 75  LEU A CD2 1 
ATOM 629  N N   . GLN A 1 77  ? 9.418   -2.162  -2.195  1.00 20.85 ? 76  GLN A N   1 
ATOM 630  C CA  . GLN A 1 77  ? 9.999   -3.112  -3.135  1.00 21.79 ? 76  GLN A CA  1 
ATOM 631  C C   . GLN A 1 77  ? 11.490  -2.811  -3.177  1.00 22.29 ? 76  GLN A C   1 
ATOM 632  O O   . GLN A 1 77  ? 11.893  -1.675  -2.967  1.00 23.12 ? 76  GLN A O   1 
ATOM 633  C CB  . GLN A 1 77  ? 9.405   -2.909  -4.521  1.00 23.62 ? 76  GLN A CB  1 
ATOM 634  C CG  . GLN A 1 77  ? 7.913   -3.177  -4.590  1.00 31.27 ? 76  GLN A CG  1 
ATOM 635  C CD  . GLN A 1 77  ? 7.577   -4.635  -4.337  1.00 36.60 ? 76  GLN A CD  1 
ATOM 636  O OE1 . GLN A 1 77  ? 7.966   -5.513  -5.107  1.00 38.89 ? 76  GLN A OE1 1 
ATOM 637  N NE2 . GLN A 1 77  ? 6.856   -4.901  -3.251  1.00 39.70 ? 76  GLN A NE2 1 
ATOM 638  N N   . ILE A 1 78  ? 12.320  -3.814  -3.426  1.00 21.50 ? 77  ILE A N   1 
ATOM 639  C CA  . ILE A 1 78  ? 13.743  -3.548  -3.490  1.00 21.28 ? 77  ILE A CA  1 
ATOM 640  C C   . ILE A 1 78  ? 13.952  -2.515  -4.595  1.00 22.89 ? 77  ILE A C   1 
ATOM 641  O O   . ILE A 1 78  ? 14.903  -1.741  -4.565  1.00 24.97 ? 77  ILE A O   1 
ATOM 642  C CB  . ILE A 1 78  ? 14.538  -4.822  -3.809  1.00 22.30 ? 77  ILE A CB  1 
ATOM 643  C CG1 . ILE A 1 78  ? 14.340  -5.851  -2.693  1.00 22.18 ? 77  ILE A CG1 1 
ATOM 644  C CG2 . ILE A 1 78  ? 16.020  -4.497  -3.958  1.00 19.92 ? 77  ILE A CG2 1 
ATOM 645  C CD1 . ILE A 1 78  ? 14.939  -5.453  -1.366  1.00 22.66 ? 77  ILE A CD1 1 
ATOM 646  N N   . LYS A 1 79  ? 13.040  -2.490  -5.557  1.00 24.30 ? 78  LYS A N   1 
ATOM 647  C CA  . LYS A 1 79  ? 13.125  -1.544  -6.663  1.00 27.40 ? 78  LYS A CA  1 
ATOM 648  C C   . LYS A 1 79  ? 12.761  -0.115  -6.268  1.00 28.08 ? 78  LYS A C   1 
ATOM 649  O O   . LYS A 1 79  ? 13.019  0.828   -7.020  1.00 30.95 ? 78  LYS A O   1 
ATOM 650  C CB  . LYS A 1 79  ? 12.201  -1.974  -7.800  1.00 29.97 ? 78  LYS A CB  1 
ATOM 651  C CG  . LYS A 1 79  ? 12.443  -3.381  -8.304  1.00 34.14 ? 78  LYS A CG  1 
ATOM 652  C CD  . LYS A 1 79  ? 11.519  -3.711  -9.464  1.00 38.12 ? 78  LYS A CD  1 
ATOM 653  C CE  . LYS A 1 79  ? 10.058  -3.485  -9.089  1.00 38.26 ? 78  LYS A CE  1 
ATOM 654  N NZ  . LYS A 1 79  ? 9.646   -4.312  -7.925  1.00 38.80 ? 78  LYS A NZ  1 
ATOM 655  N N   . ASP A 1 80  ? 12.150  0.056   -5.100  1.00 26.37 ? 79  ASP A N   1 
ATOM 656  C CA  . ASP A 1 80  ? 11.763  1.390   -4.669  1.00 23.82 ? 79  ASP A CA  1 
ATOM 657  C C   . ASP A 1 80  ? 12.942  2.219   -4.184  1.00 23.45 ? 79  ASP A C   1 
ATOM 658  O O   . ASP A 1 80  ? 12.809  3.423   -3.993  1.00 25.02 ? 79  ASP A O   1 
ATOM 659  C CB  . ASP A 1 80  ? 10.696  1.330   -3.565  1.00 24.03 ? 79  ASP A CB  1 
ATOM 660  C CG  . ASP A 1 80  ? 9.327   0.895   -4.084  1.00 26.02 ? 79  ASP A CG  1 
ATOM 661  O OD1 . ASP A 1 80  ? 8.951   1.314   -5.204  1.00 23.98 ? 79  ASP A OD1 1 
ATOM 662  O OD2 . ASP A 1 80  ? 8.621   0.148   -3.360  1.00 24.50 ? 79  ASP A OD2 1 
ATOM 663  N N   . LYS A 1 81  ? 14.095  1.594   -3.984  1.00 21.49 ? 80  LYS A N   1 
ATOM 664  C CA  . LYS A 1 81  ? 15.248  2.344   -3.514  1.00 21.78 ? 80  LYS A CA  1 
ATOM 665  C C   . LYS A 1 81  ? 15.555  3.473   -4.483  1.00 20.68 ? 80  LYS A C   1 
ATOM 666  O O   . LYS A 1 81  ? 15.285  3.366   -5.681  1.00 20.31 ? 80  LYS A O   1 
ATOM 667  C CB  . LYS A 1 81  ? 16.467  1.440   -3.369  1.00 22.99 ? 80  LYS A CB  1 
ATOM 668  C CG  . LYS A 1 81  ? 17.010  0.926   -4.676  1.00 28.20 ? 80  LYS A CG  1 
ATOM 669  C CD  . LYS A 1 81  ? 18.276  0.126   -4.450  1.00 32.53 ? 80  LYS A CD  1 
ATOM 670  C CE  . LYS A 1 81  ? 18.781  -0.473  -5.753  1.00 36.03 ? 80  LYS A CE  1 
ATOM 671  N NZ  . LYS A 1 81  ? 20.063  -1.217  -5.569  1.00 41.57 ? 80  LYS A NZ  1 
ATOM 672  N N   . GLY A 1 82  ? 16.111  4.556   -3.951  1.00 19.39 ? 81  GLY A N   1 
ATOM 673  C CA  . GLY A 1 82  ? 16.447  5.700   -4.778  1.00 19.40 ? 81  GLY A CA  1 
ATOM 674  C C   . GLY A 1 82  ? 16.232  7.046   -4.105  1.00 19.04 ? 81  GLY A C   1 
ATOM 675  O O   . GLY A 1 82  ? 16.035  7.138   -2.894  1.00 21.20 ? 81  GLY A O   1 
ATOM 676  N N   . LEU A 1 83  ? 16.265  8.104   -4.902  1.00 17.41 ? 82  LEU A N   1 
ATOM 677  C CA  . LEU A 1 83  ? 16.087  9.441   -4.376  1.00 16.82 ? 82  LEU A CA  1 
ATOM 678  C C   . LEU A 1 83  ? 14.669  9.948   -4.669  1.00 16.19 ? 82  LEU A C   1 
ATOM 679  O O   . LEU A 1 83  ? 14.149  9.789   -5.774  1.00 14.34 ? 82  LEU A O   1 
ATOM 680  C CB  . LEU A 1 83  ? 17.149  10.364  -4.990  1.00 18.76 ? 82  LEU A CB  1 
ATOM 681  C CG  . LEU A 1 83  ? 17.509  11.677  -4.275  1.00 19.71 ? 82  LEU A CG  1 
ATOM 682  C CD1 . LEU A 1 83  ? 17.917  11.411  -2.841  1.00 19.03 ? 82  LEU A CD1 1 
ATOM 683  C CD2 . LEU A 1 83  ? 18.651  12.357  -5.008  1.00 18.46 ? 82  LEU A CD2 1 
ATOM 684  N N   . TYR A 1 84  ? 14.040  10.525  -3.649  1.00 15.65 ? 83  TYR A N   1 
ATOM 685  C CA  . TYR A 1 84  ? 12.692  11.071  -3.763  1.00 15.38 ? 83  TYR A CA  1 
ATOM 686  C C   . TYR A 1 84  ? 12.715  12.549  -3.417  1.00 17.88 ? 83  TYR A C   1 
ATOM 687  O O   . TYR A 1 84  ? 13.600  13.026  -2.701  1.00 19.06 ? 83  TYR A O   1 
ATOM 688  C CB  . TYR A 1 84  ? 11.723  10.328  -2.845  1.00 13.07 ? 83  TYR A CB  1 
ATOM 689  C CG  . TYR A 1 84  ? 11.511  8.912   -3.290  1.00 11.86 ? 83  TYR A CG  1 
ATOM 690  C CD1 . TYR A 1 84  ? 12.414  7.916   -2.942  1.00 10.70 ? 83  TYR A CD1 1 
ATOM 691  C CD2 . TYR A 1 84  ? 10.450  8.581   -4.121  1.00 9.02  ? 83  TYR A CD2 1 
ATOM 692  C CE1 . TYR A 1 84  ? 12.271  6.626   -3.407  1.00 9.07  ? 83  TYR A CE1 1 
ATOM 693  C CE2 . TYR A 1 84  ? 10.298  7.298   -4.600  1.00 9.70  ? 83  TYR A CE2 1 
ATOM 694  C CZ  . TYR A 1 84  ? 11.212  6.320   -4.238  1.00 10.63 ? 83  TYR A CZ  1 
ATOM 695  O OH  . TYR A 1 84  ? 11.069  5.033   -4.704  1.00 9.14  ? 83  TYR A OH  1 
ATOM 696  N N   . GLN A 1 85  ? 11.715  13.271  -3.900  1.00 19.25 ? 84  GLN A N   1 
ATOM 697  C CA  . GLN A 1 85  ? 11.678  14.708  -3.700  1.00 19.61 ? 84  GLN A CA  1 
ATOM 698  C C   . GLN A 1 85  ? 10.324  15.292  -3.320  1.00 19.10 ? 84  GLN A C   1 
ATOM 699  O O   . GLN A 1 85  ? 9.292   14.920  -3.882  1.00 21.51 ? 84  GLN A O   1 
ATOM 700  C CB  . GLN A 1 85  ? 12.198  15.343  -4.990  1.00 23.61 ? 84  GLN A CB  1 
ATOM 701  C CG  . GLN A 1 85  ? 12.038  16.825  -5.136  1.00 27.69 ? 84  GLN A CG  1 
ATOM 702  C CD  . GLN A 1 85  ? 12.658  17.303  -6.425  1.00 30.40 ? 84  GLN A CD  1 
ATOM 703  O OE1 . GLN A 1 85  ? 12.361  16.779  -7.501  1.00 31.80 ? 84  GLN A OE1 1 
ATOM 704  N NE2 . GLN A 1 85  ? 13.530  18.298  -6.327  1.00 32.46 ? 84  GLN A NE2 1 
ATOM 705  N N   . CYS A 1 86  ? 10.332  16.203  -2.351  1.00 17.82 ? 85  CYS A N   1 
ATOM 706  C CA  . CYS A 1 86  ? 9.108   16.865  -1.934  1.00 15.43 ? 85  CYS A CA  1 
ATOM 707  C C   . CYS A 1 86  ? 9.162   18.224  -2.590  1.00 14.87 ? 85  CYS A C   1 
ATOM 708  O O   . CYS A 1 86  ? 10.190  18.897  -2.518  1.00 18.24 ? 85  CYS A O   1 
ATOM 709  C CB  . CYS A 1 86  ? 9.070   17.038  -0.426  1.00 16.04 ? 85  CYS A CB  1 
ATOM 710  S SG  . CYS A 1 86  ? 7.396   17.312  0.231   1.00 21.23 ? 85  CYS A SG  1 
ATOM 711  N N   . ILE A 1 87  ? 8.077   18.616  -3.250  1.00 12.67 ? 86  ILE A N   1 
ATOM 712  C CA  . ILE A 1 87  ? 8.005   19.914  -3.911  1.00 11.76 ? 86  ILE A CA  1 
ATOM 713  C C   . ILE A 1 87  ? 6.734   20.654  -3.524  1.00 11.93 ? 86  ILE A C   1 
ATOM 714  O O   . ILE A 1 87  ? 5.626   20.207  -3.831  1.00 13.48 ? 86  ILE A O   1 
ATOM 715  C CB  . ILE A 1 87  ? 8.029   19.766  -5.434  1.00 12.79 ? 86  ILE A CB  1 
ATOM 716  C CG1 . ILE A 1 87  ? 9.329   19.079  -5.853  1.00 12.48 ? 86  ILE A CG1 1 
ATOM 717  C CG2 . ILE A 1 87  ? 7.901   21.134  -6.083  1.00 12.18 ? 86  ILE A CG2 1 
ATOM 718  C CD1 . ILE A 1 87  ? 9.528   19.007  -7.333  1.00 13.28 ? 86  ILE A CD1 1 
ATOM 719  N N   . ILE A 1 88  ? 6.891   21.799  -2.874  1.00 10.73 ? 87  ILE A N   1 
ATOM 720  C CA  . ILE A 1 88  ? 5.735   22.557  -2.430  1.00 9.35  ? 87  ILE A CA  1 
ATOM 721  C C   . ILE A 1 88  ? 5.544   23.937  -3.054  1.00 11.54 ? 87  ILE A C   1 
ATOM 722  O O   . ILE A 1 88  ? 6.405   24.819  -2.956  1.00 13.94 ? 87  ILE A O   1 
ATOM 723  C CB  . ILE A 1 88  ? 5.771   22.694  -0.904  1.00 9.44  ? 87  ILE A CB  1 
ATOM 724  C CG1 . ILE A 1 88  ? 5.694   21.298  -0.278  1.00 10.22 ? 87  ILE A CG1 1 
ATOM 725  C CG2 . ILE A 1 88  ? 4.623   23.564  -0.419  1.00 7.27  ? 87  ILE A CG2 1 
ATOM 726  C CD1 . ILE A 1 88  ? 5.898   21.278  1.211   1.00 9.56  ? 87  ILE A CD1 1 
ATOM 727  N N   . HIS A 1 89  ? 4.391   24.120  -3.686  1.00 11.94 ? 88  HIS A N   1 
ATOM 728  C CA  . HIS A 1 89  ? 4.061   25.391  -4.303  1.00 13.77 ? 88  HIS A CA  1 
ATOM 729  C C   . HIS A 1 89  ? 3.010   26.180  -3.524  1.00 15.28 ? 88  HIS A C   1 
ATOM 730  O O   . HIS A 1 89  ? 2.114   25.607  -2.896  1.00 13.68 ? 88  HIS A O   1 
ATOM 731  C CB  . HIS A 1 89  ? 3.505   25.192  -5.711  1.00 14.93 ? 88  HIS A CB  1 
ATOM 732  C CG  . HIS A 1 89  ? 4.494   24.659  -6.693  1.00 17.52 ? 88  HIS A CG  1 
ATOM 733  N ND1 . HIS A 1 89  ? 4.874   23.334  -6.724  1.00 16.12 ? 88  HIS A ND1 1 
ATOM 734  C CD2 . HIS A 1 89  ? 5.185   25.274  -7.683  1.00 16.17 ? 88  HIS A CD2 1 
ATOM 735  C CE1 . HIS A 1 89  ? 5.756   23.156  -7.691  1.00 16.85 ? 88  HIS A CE1 1 
ATOM 736  N NE2 . HIS A 1 89  ? 5.963   24.317  -8.287  1.00 20.17 ? 88  HIS A NE2 1 
ATOM 737  N N   . HIS A 1 90  ? 3.133   27.501  -3.569  1.00 17.06 ? 89  HIS A N   1 
ATOM 738  C CA  . HIS A 1 90  ? 2.143   28.375  -2.968  1.00 19.09 ? 89  HIS A CA  1 
ATOM 739  C C   . HIS A 1 90  ? 1.357   28.815  -4.195  1.00 20.92 ? 89  HIS A C   1 
ATOM 740  O O   . HIS A 1 90  ? 1.895   29.495  -5.083  1.00 18.37 ? 89  HIS A O   1 
ATOM 741  C CB  . HIS A 1 90  ? 2.777   29.604  -2.341  1.00 22.44 ? 89  HIS A CB  1 
ATOM 742  C CG  . HIS A 1 90  ? 1.787   30.679  -2.016  1.00 25.41 ? 89  HIS A CG  1 
ATOM 743  N ND1 . HIS A 1 90  ? 2.141   32.003  -1.879  1.00 26.55 ? 89  HIS A ND1 1 
ATOM 744  C CD2 . HIS A 1 90  ? 0.450   30.625  -1.815  1.00 27.39 ? 89  HIS A CD2 1 
ATOM 745  C CE1 . HIS A 1 90  ? 1.065   32.718  -1.608  1.00 27.21 ? 89  HIS A CE1 1 
ATOM 746  N NE2 . HIS A 1 90  ? 0.025   31.906  -1.564  1.00 28.06 ? 89  HIS A NE2 1 
ATOM 747  N N   . LYS A 1 91  ? 0.098   28.416  -4.277  1.00 23.72 ? 90  LYS A N   1 
ATOM 748  C CA  . LYS A 1 91  ? -0.672  28.805  -5.444  1.00 27.64 ? 90  LYS A CA  1 
ATOM 749  C C   . LYS A 1 91  ? -1.213  30.207  -5.267  1.00 29.25 ? 90  LYS A C   1 
ATOM 750  O O   . LYS A 1 91  ? -1.985  30.467  -4.351  1.00 28.68 ? 90  LYS A O   1 
ATOM 751  C CB  . LYS A 1 91  ? -1.818  27.827  -5.700  1.00 26.93 ? 90  LYS A CB  1 
ATOM 752  C CG  . LYS A 1 91  ? -2.667  28.221  -6.884  1.00 27.28 ? 90  LYS A CG  1 
ATOM 753  C CD  . LYS A 1 91  ? -3.436  27.051  -7.440  1.00 29.62 ? 90  LYS A CD  1 
ATOM 754  C CE  . LYS A 1 91  ? -4.364  27.516  -8.542  1.00 30.17 ? 90  LYS A CE  1 
ATOM 755  N NZ  . LYS A 1 91  ? -3.670  28.434  -9.490  1.00 29.91 ? 90  LYS A NZ  1 
ATOM 756  N N   . LYS A 1 92  ? -0.777  31.117  -6.126  1.00 32.94 ? 91  LYS A N   1 
ATOM 757  C CA  . LYS A 1 92  ? -1.252  32.487  -6.064  1.00 35.64 ? 91  LYS A CA  1 
ATOM 758  C C   . LYS A 1 92  ? -2.401  32.569  -7.059  1.00 36.93 ? 91  LYS A C   1 
ATOM 759  O O   . LYS A 1 92  ? -2.587  31.665  -7.866  1.00 37.20 ? 91  LYS A O   1 
ATOM 760  C CB  . LYS A 1 92  ? -0.130  33.469  -6.450  1.00 35.24 ? 91  LYS A CB  1 
ATOM 761  C CG  . LYS A 1 92  ? 1.021   33.530  -5.448  1.00 34.34 ? 91  LYS A CG  1 
ATOM 762  C CD  . LYS A 1 92  ? 1.367   34.964  -5.033  1.00 35.88 ? 91  LYS A CD  1 
ATOM 763  C CE  . LYS A 1 92  ? 2.009   35.774  -6.166  1.00 37.38 ? 91  LYS A CE  1 
ATOM 764  N NZ  . LYS A 1 92  ? 2.559   37.107  -5.716  1.00 33.76 ? 91  LYS A NZ  1 
ATOM 765  N N   . PRO A 1 93  ? -3.210  33.634  -6.996  1.00 38.38 ? 92  PRO A N   1 
ATOM 766  C CA  . PRO A 1 93  ? -4.306  33.707  -7.962  1.00 38.67 ? 92  PRO A CA  1 
ATOM 767  C C   . PRO A 1 93  ? -3.783  33.544  -9.381  1.00 40.22 ? 92  PRO A C   1 
ATOM 768  O O   . PRO A 1 93  ? -4.443  32.936  -10.218 1.00 42.14 ? 92  PRO A O   1 
ATOM 769  C CB  . PRO A 1 93  ? -4.907  35.086  -7.703  1.00 37.74 ? 92  PRO A CB  1 
ATOM 770  C CG  . PRO A 1 93  ? -3.785  35.847  -7.040  1.00 38.47 ? 92  PRO A CG  1 
ATOM 771  C CD  . PRO A 1 93  ? -3.195  34.820  -6.130  1.00 37.44 ? 92  PRO A CD  1 
ATOM 772  N N   . THR A 1 94  ? -2.595  34.081  -9.650  1.00 40.32 ? 93  THR A N   1 
ATOM 773  C CA  . THR A 1 94  ? -2.000  33.951  -10.976 1.00 40.60 ? 93  THR A CA  1 
ATOM 774  C C   . THR A 1 94  ? -1.854  32.453  -11.201 1.00 40.35 ? 93  THR A C   1 
ATOM 775  O O   . THR A 1 94  ? -2.745  31.807  -11.747 1.00 41.70 ? 93  THR A O   1 
ATOM 776  C CB  . THR A 1 94  ? -0.582  34.569  -11.051 1.00 42.01 ? 93  THR A CB  1 
ATOM 777  O OG1 . THR A 1 94  ? -0.563  35.838  -10.385 1.00 42.03 ? 93  THR A OG1 1 
ATOM 778  C CG2 . THR A 1 94  ? -0.165  34.749  -12.507 1.00 40.71 ? 93  THR A CG2 1 
ATOM 779  N N   . GLY A 1 95  ? -0.722  31.909  -10.757 1.00 39.08 ? 94  GLY A N   1 
ATOM 780  C CA  . GLY A 1 95  ? -0.455  30.486  -10.899 1.00 35.60 ? 94  GLY A CA  1 
ATOM 781  C C   . GLY A 1 95  ? 0.165   29.876  -9.648  1.00 32.33 ? 94  GLY A C   1 
ATOM 782  O O   . GLY A 1 95  ? -0.462  29.835  -8.581  1.00 30.98 ? 94  GLY A O   1 
ATOM 783  N N   . MET A 1 96  ? 1.397   29.392  -9.769  1.00 27.71 ? 95  MET A N   1 
ATOM 784  C CA  . MET A 1 96  ? 2.075   28.796  -8.623  1.00 24.73 ? 95  MET A CA  1 
ATOM 785  C C   . MET A 1 96  ? 3.486   29.324  -8.440  1.00 22.31 ? 95  MET A C   1 
ATOM 786  O O   . MET A 1 96  ? 4.099   29.818  -9.374  1.00 24.35 ? 95  MET A O   1 
ATOM 787  C CB  . MET A 1 96  ? 2.141   27.274  -8.767  1.00 25.81 ? 95  MET A CB  1 
ATOM 788  C CG  . MET A 1 96  ? 0.947   26.515  -8.215  1.00 23.42 ? 95  MET A CG  1 
ATOM 789  S SD  . MET A 1 96  ? 1.342   24.764  -8.189  1.00 22.98 ? 95  MET A SD  1 
ATOM 790  C CE  . MET A 1 96  ? 0.444   24.205  -9.616  1.00 27.11 ? 95  MET A CE  1 
ATOM 791  N N   . ILE A 1 97  ? 3.990   29.231  -7.221  1.00 19.78 ? 96  ILE A N   1 
ATOM 792  C CA  . ILE A 1 97  ? 5.350   29.644  -6.928  1.00 17.16 ? 96  ILE A CA  1 
ATOM 793  C C   . ILE A 1 97  ? 5.925   28.553  -6.049  1.00 16.70 ? 96  ILE A C   1 
ATOM 794  O O   . ILE A 1 97  ? 5.319   28.160  -5.055  1.00 16.94 ? 96  ILE A O   1 
ATOM 795  C CB  . ILE A 1 97  ? 5.418   30.962  -6.156  1.00 17.51 ? 96  ILE A CB  1 
ATOM 796  C CG1 . ILE A 1 97  ? 4.731   32.069  -6.942  1.00 19.58 ? 96  ILE A CG1 1 
ATOM 797  C CG2 . ILE A 1 97  ? 6.864   31.344  -5.938  1.00 14.04 ? 96  ILE A CG2 1 
ATOM 798  C CD1 . ILE A 1 97  ? 4.598   33.376  -6.161  1.00 22.78 ? 96  ILE A CD1 1 
ATOM 799  N N   . ARG A 1 98  ? 7.088   28.055  -6.425  1.00 15.18 ? 97  ARG A N   1 
ATOM 800  C CA  . ARG A 1 98  ? 7.723   27.004  -5.654  1.00 13.06 ? 97  ARG A CA  1 
ATOM 801  C C   . ARG A 1 98  ? 8.354   27.620  -4.405  1.00 12.73 ? 97  ARG A C   1 
ATOM 802  O O   . ARG A 1 98  ? 9.172   28.539  -4.491  1.00 13.66 ? 97  ARG A O   1 
ATOM 803  C CB  . ARG A 1 98  ? 8.781   26.299  -6.514  1.00 13.64 ? 97  ARG A CB  1 
ATOM 804  C CG  . ARG A 1 98  ? 9.421   25.111  -5.843  1.00 18.19 ? 97  ARG A CG  1 
ATOM 805  C CD  . ARG A 1 98  ? 10.114  24.175  -6.830  1.00 22.75 ? 97  ARG A CD  1 
ATOM 806  N NE  . ARG A 1 98  ? 11.465  24.599  -7.192  1.00 25.97 ? 97  ARG A NE  1 
ATOM 807  C CZ  . ARG A 1 98  ? 11.769  25.302  -8.277  1.00 26.24 ? 97  ARG A CZ  1 
ATOM 808  N NH1 . ARG A 1 98  ? 10.816  25.674  -9.123  1.00 24.77 ? 97  ARG A NH1 1 
ATOM 809  N NH2 . ARG A 1 98  ? 13.034  25.620  -8.522  1.00 27.65 ? 97  ARG A NH2 1 
ATOM 810  N N   . ILE A 1 99  ? 7.967   27.124  -3.236  1.00 10.25 ? 98  ILE A N   1 
ATOM 811  C CA  . ILE A 1 99  ? 8.526   27.658  -2.009  1.00 7.61  ? 98  ILE A CA  1 
ATOM 812  C C   . ILE A 1 99  ? 9.298   26.624  -1.226  1.00 7.82  ? 98  ILE A C   1 
ATOM 813  O O   . ILE A 1 99  ? 9.805   26.919  -0.158  1.00 6.10  ? 98  ILE A O   1 
ATOM 814  C CB  . ILE A 1 99  ? 7.444   28.219  -1.087  1.00 9.40  ? 98  ILE A CB  1 
ATOM 815  C CG1 . ILE A 1 99  ? 6.480   27.098  -0.693  1.00 10.06 ? 98  ILE A CG1 1 
ATOM 816  C CG2 . ILE A 1 99  ? 6.729   29.370  -1.772  1.00 6.34  ? 98  ILE A CG2 1 
ATOM 817  C CD1 . ILE A 1 99  ? 5.427   27.518  0.326   1.00 11.33 ? 98  ILE A CD1 1 
ATOM 818  N N   . HIS A 1 100 ? 9.391   25.405  -1.736  1.00 9.87  ? 99  HIS A N   1 
ATOM 819  C CA  . HIS A 1 100 ? 10.144  24.411  -0.995  1.00 11.91 ? 99  HIS A CA  1 
ATOM 820  C C   . HIS A 1 100 ? 10.556  23.180  -1.795  1.00 14.11 ? 99  HIS A C   1 
ATOM 821  O O   . HIS A 1 100 ? 9.921   22.813  -2.782  1.00 11.85 ? 99  HIS A O   1 
ATOM 822  C CB  . HIS A 1 100 ? 9.355   24.003  0.255   1.00 11.80 ? 99  HIS A CB  1 
ATOM 823  C CG  . HIS A 1 100 ? 10.112  23.105  1.179   1.00 10.94 ? 99  HIS A CG  1 
ATOM 824  N ND1 . HIS A 1 100 ? 10.167  21.741  1.010   1.00 12.90 ? 99  HIS A ND1 1 
ATOM 825  C CD2 . HIS A 1 100 ? 10.881  23.381  2.258   1.00 13.13 ? 99  HIS A CD2 1 
ATOM 826  C CE1 . HIS A 1 100 ? 10.936  21.213  1.945   1.00 14.11 ? 99  HIS A CE1 1 
ATOM 827  N NE2 . HIS A 1 100 ? 11.383  22.188  2.715   1.00 12.71 ? 99  HIS A NE2 1 
ATOM 828  N N   . GLN A 1 101 ? 11.646  22.558  -1.355  1.00 18.60 ? 100 GLN A N   1 
ATOM 829  C CA  . GLN A 1 101 ? 12.176  21.357  -1.988  1.00 21.99 ? 100 GLN A CA  1 
ATOM 830  C C   . GLN A 1 101 ? 13.085  20.564  -1.066  1.00 23.24 ? 100 GLN A C   1 
ATOM 831  O O   . GLN A 1 101 ? 13.834  21.112  -0.253  1.00 25.28 ? 100 GLN A O   1 
ATOM 832  C CB  . GLN A 1 101 ? 12.957  21.717  -3.237  1.00 24.80 ? 100 GLN A CB  1 
ATOM 833  C CG  . GLN A 1 101 ? 12.130  21.728  -4.482  1.00 31.66 ? 100 GLN A CG  1 
ATOM 834  C CD  . GLN A 1 101 ? 12.920  22.223  -5.669  1.00 37.34 ? 100 GLN A CD  1 
ATOM 835  O OE1 . GLN A 1 101 ? 13.410  23.366  -5.671  1.00 37.98 ? 100 GLN A OE1 1 
ATOM 836  N NE2 . GLN A 1 101 ? 13.057  21.372  -6.690  1.00 37.51 ? 100 GLN A NE2 1 
ATOM 837  N N   . MET A 1 102 ? 13.019  19.254  -1.191  1.00 24.46 ? 101 MET A N   1 
ATOM 838  C CA  . MET A 1 102 ? 13.863  18.418  -0.368  1.00 25.61 ? 101 MET A CA  1 
ATOM 839  C C   . MET A 1 102 ? 13.954  17.044  -0.976  1.00 25.75 ? 101 MET A C   1 
ATOM 840  O O   . MET A 1 102 ? 12.997  16.541  -1.573  1.00 24.96 ? 101 MET A O   1 
ATOM 841  C CB  . MET A 1 102 ? 13.320  18.314  1.062   1.00 26.18 ? 101 MET A CB  1 
ATOM 842  C CG  . MET A 1 102 ? 14.420  18.259  2.095   1.00 27.42 ? 101 MET A CG  1 
ATOM 843  S SD  . MET A 1 102 ? 15.474  19.758  1.942   1.00 38.19 ? 101 MET A SD  1 
ATOM 844  C CE  . MET A 1 102 ? 16.785  19.141  0.825   1.00 32.45 ? 101 MET A CE  1 
ATOM 845  N N   . ASN A 1 103 ? 15.125  16.445  -0.826  1.00 24.78 ? 102 ASN A N   1 
ATOM 846  C CA  . ASN A 1 103 ? 15.343  15.116  -1.337  1.00 23.79 ? 102 ASN A CA  1 
ATOM 847  C C   . ASN A 1 103 ? 15.590  14.154  -0.193  1.00 22.14 ? 102 ASN A C   1 
ATOM 848  O O   . ASN A 1 103 ? 16.105  14.534  0.861   1.00 19.89 ? 102 ASN A O   1 
ATOM 849  C CB  . ASN A 1 103 ? 16.523  15.115  -2.299  1.00 26.16 ? 102 ASN A CB  1 
ATOM 850  C CG  . ASN A 1 103 ? 16.314  16.067  -3.445  1.00 28.58 ? 102 ASN A CG  1 
ATOM 851  O OD1 . ASN A 1 103 ? 15.257  16.059  -4.081  1.00 29.34 ? 102 ASN A OD1 1 
ATOM 852  N ND2 . ASN A 1 103 ? 17.317  16.901  -3.718  1.00 31.35 ? 102 ASN A ND2 1 
ATOM 853  N N   . SER A 1 104 ? 15.199  12.906  -0.414  1.00 20.10 ? 103 SER A N   1 
ATOM 854  C CA  . SER A 1 104 ? 15.375  11.857  0.567   1.00 19.47 ? 103 SER A CA  1 
ATOM 855  C C   . SER A 1 104 ? 15.937  10.660  -0.172  1.00 19.59 ? 103 SER A C   1 
ATOM 856  O O   . SER A 1 104 ? 15.547  10.386  -1.307  1.00 20.66 ? 103 SER A O   1 
ATOM 857  C CB  . SER A 1 104 ? 14.035  11.500  1.194   1.00 21.62 ? 103 SER A CB  1 
ATOM 858  O OG  . SER A 1 104 ? 13.447  12.643  1.783   1.00 29.00 ? 103 SER A OG  1 
ATOM 859  N N   . GLU A 1 105 ? 16.870  9.962   0.460   1.00 20.09 ? 104 GLU A N   1 
ATOM 860  C CA  . GLU A 1 105 ? 17.475  8.787   -0.144  1.00 21.38 ? 104 GLU A CA  1 
ATOM 861  C C   . GLU A 1 105 ? 16.910  7.596   0.591   1.00 20.68 ? 104 GLU A C   1 
ATOM 862  O O   . GLU A 1 105 ? 17.181  7.399   1.769   1.00 21.45 ? 104 GLU A O   1 
ATOM 863  C CB  . GLU A 1 105 ? 18.995  8.815   0.016   1.00 24.53 ? 104 GLU A CB  1 
ATOM 864  C CG  . GLU A 1 105 ? 19.690  7.605   -0.563  1.00 30.52 ? 104 GLU A CG  1 
ATOM 865  C CD  . GLU A 1 105 ? 21.090  7.439   -0.030  1.00 33.57 ? 104 GLU A CD  1 
ATOM 866  O OE1 . GLU A 1 105 ? 21.959  8.278   -0.343  1.00 37.65 ? 104 GLU A OE1 1 
ATOM 867  O OE2 . GLU A 1 105 ? 21.320  6.466   0.716   1.00 34.91 ? 104 GLU A OE2 1 
ATOM 868  N N   . LEU A 1 106 ? 16.111  6.806   -0.109  1.00 19.23 ? 105 LEU A N   1 
ATOM 869  C CA  . LEU A 1 106 ? 15.500  5.639   0.487   1.00 18.80 ? 105 LEU A CA  1 
ATOM 870  C C   . LEU A 1 106 ? 16.256  4.365   0.111   1.00 19.95 ? 105 LEU A C   1 
ATOM 871  O O   . LEU A 1 106 ? 16.455  4.073   -1.072  1.00 19.13 ? 105 LEU A O   1 
ATOM 872  C CB  . LEU A 1 106 ? 14.044  5.534   0.027   1.00 18.38 ? 105 LEU A CB  1 
ATOM 873  C CG  . LEU A 1 106 ? 13.260  4.332   0.567   1.00 18.65 ? 105 LEU A CG  1 
ATOM 874  C CD1 . LEU A 1 106 ? 13.167  4.431   2.081   1.00 14.59 ? 105 LEU A CD1 1 
ATOM 875  C CD2 . LEU A 1 106 ? 11.874  4.269   -0.076  1.00 15.49 ? 105 LEU A CD2 1 
ATOM 876  N N   . SER A 1 107 ? 16.688  3.618   1.122   1.00 19.32 ? 106 SER A N   1 
ATOM 877  C CA  . SER A 1 107 ? 17.386  2.362   0.895   1.00 20.04 ? 106 SER A CA  1 
ATOM 878  C C   . SER A 1 107 ? 16.452  1.252   1.314   1.00 20.11 ? 106 SER A C   1 
ATOM 879  O O   . SER A 1 107 ? 15.939  1.267   2.431   1.00 23.24 ? 106 SER A O   1 
ATOM 880  C CB  . SER A 1 107 ? 18.657  2.275   1.732   1.00 19.29 ? 106 SER A CB  1 
ATOM 881  O OG  . SER A 1 107 ? 19.600  3.241   1.320   1.00 22.19 ? 106 SER A OG  1 
ATOM 882  N N   . VAL A 1 108 ? 16.219  0.298   0.422   1.00 17.78 ? 107 VAL A N   1 
ATOM 883  C CA  . VAL A 1 108 ? 15.346  -0.819  0.739   1.00 17.23 ? 107 VAL A CA  1 
ATOM 884  C C   . VAL A 1 108 ? 16.194  -2.083  0.812   1.00 19.13 ? 107 VAL A C   1 
ATOM 885  O O   . VAL A 1 108 ? 16.787  -2.510  -0.186  1.00 17.86 ? 107 VAL A O   1 
ATOM 886  C CB  . VAL A 1 108 ? 14.246  -0.980  -0.327  1.00 16.03 ? 107 VAL A CB  1 
ATOM 887  C CG1 . VAL A 1 108 ? 13.238  -2.016  0.113   1.00 13.68 ? 107 VAL A CG1 1 
ATOM 888  C CG2 . VAL A 1 108 ? 13.564  0.351   -0.558  1.00 15.91 ? 107 VAL A CG2 1 
ATOM 889  N N   . LEU A 1 109 ? 16.266  -2.667  2.004   1.00 19.74 ? 108 LEU A N   1 
ATOM 890  C CA  . LEU A 1 109 ? 17.056  -3.879  2.202   1.00 21.51 ? 108 LEU A CA  1 
ATOM 891  C C   . LEU A 1 109 ? 16.168  -5.105  2.119   1.00 22.13 ? 108 LEU A C   1 
ATOM 892  O O   . LEU A 1 109 ? 14.998  -5.059  2.491   1.00 21.68 ? 108 LEU A O   1 
ATOM 893  C CB  . LEU A 1 109 ? 17.755  -3.857  3.566   1.00 21.21 ? 108 LEU A CB  1 
ATOM 894  C CG  . LEU A 1 109 ? 18.318  -2.518  4.065   1.00 22.69 ? 108 LEU A CG  1 
ATOM 895  C CD1 . LEU A 1 109 ? 19.232  -2.763  5.259   1.00 18.15 ? 108 LEU A CD1 1 
ATOM 896  C CD2 . LEU A 1 109 ? 19.080  -1.826  2.953   1.00 20.03 ? 108 LEU A CD2 1 
ATOM 897  N N   . ALA A 1 110 ? 16.726  -6.201  1.624   1.00 23.91 ? 109 ALA A N   1 
ATOM 898  C CA  . ALA A 1 110 ? 15.964  -7.435  1.513   1.00 24.52 ? 109 ALA A CA  1 
ATOM 899  C C   . ALA A 1 110 ? 16.076  -8.189  2.818   1.00 25.70 ? 109 ALA A C   1 
ATOM 900  O O   . ALA A 1 110 ? 17.069  -7.954  3.540   1.00 24.00 ? 109 ALA A O   1 
ATOM 901  C CB  . ALA A 1 110 ? 16.498  -8.288  0.374   1.00 24.26 ? 109 ALA A CB  1 
ATOM 902  O OXT . ALA A 1 110 ? 15.174  -9.011  3.080   1.00 27.80 ? 109 ALA A OXT 1 
ATOM 903  N N   . MET B 1 1   ? -13.644 -17.466 14.660  1.00 45.39 ? 0   MET B N   1 
ATOM 904  C CA  . MET B 1 1   ? -13.511 -16.100 14.066  1.00 44.56 ? 0   MET B CA  1 
ATOM 905  C C   . MET B 1 1   ? -12.246 -15.443 14.580  1.00 42.33 ? 0   MET B C   1 
ATOM 906  O O   . MET B 1 1   ? -12.158 -15.076 15.750  1.00 41.92 ? 0   MET B O   1 
ATOM 907  C CB  . MET B 1 1   ? -14.716 -15.229 14.437  1.00 45.25 ? 0   MET B CB  1 
ATOM 908  C CG  . MET B 1 1   ? -14.688 -13.841 13.811  1.00 42.53 ? 0   MET B CG  1 
ATOM 909  S SD  . MET B 1 1   ? -14.670 -13.929 12.019  1.00 42.69 ? 0   MET B SD  1 
ATOM 910  C CE  . MET B 1 1   ? -16.385 -13.680 11.652  1.00 37.27 ? 0   MET B CE  1 
ATOM 911  N N   . LEU B 1 2   ? -11.275 -15.293 13.688  1.00 39.45 ? 1   LEU B N   1 
ATOM 912  C CA  . LEU B 1 2   ? -9.988  -14.694 14.013  1.00 36.27 ? 1   LEU B CA  1 
ATOM 913  C C   . LEU B 1 2   ? -10.091 -13.163 13.997  1.00 36.09 ? 1   LEU B C   1 
ATOM 914  O O   . LEU B 1 2   ? -10.402 -12.577 12.964  1.00 35.96 ? 1   LEU B O   1 
ATOM 915  C CB  . LEU B 1 2   ? -8.963  -15.169 12.982  1.00 36.15 ? 1   LEU B CB  1 
ATOM 916  C CG  . LEU B 1 2   ? -7.570  -15.530 13.478  1.00 37.19 ? 1   LEU B CG  1 
ATOM 917  C CD1 . LEU B 1 2   ? -6.883  -14.285 14.003  1.00 37.19 ? 1   LEU B CD1 1 
ATOM 918  C CD2 . LEU B 1 2   ? -7.677  -16.597 14.562  1.00 38.39 ? 1   LEU B CD2 1 
ATOM 919  N N   . LYS B 1 3   ? -9.830  -12.516 15.133  1.00 34.91 ? 2   LYS B N   1 
ATOM 920  C CA  . LYS B 1 3   ? -9.916  -11.054 15.215  1.00 33.76 ? 2   LYS B CA  1 
ATOM 921  C C   . LYS B 1 3   ? -8.570  -10.331 15.175  1.00 31.69 ? 2   LYS B C   1 
ATOM 922  O O   . LYS B 1 3   ? -7.742  -10.481 16.072  1.00 31.32 ? 2   LYS B O   1 
ATOM 923  C CB  . LYS B 1 3   ? -10.679 -10.637 16.473  1.00 35.70 ? 2   LYS B CB  1 
ATOM 924  C CG  . LYS B 1 3   ? -12.138 -11.079 16.471  1.00 38.86 ? 2   LYS B CG  1 
ATOM 925  C CD  . LYS B 1 3   ? -12.751 -10.900 17.846  1.00 42.69 ? 2   LYS B CD  1 
ATOM 926  C CE  . LYS B 1 3   ? -14.209 -11.329 17.878  1.00 46.29 ? 2   LYS B CE  1 
ATOM 927  N NZ  . LYS B 1 3   ? -14.780 -11.248 19.264  1.00 48.24 ? 2   LYS B NZ  1 
ATOM 928  N N   . ILE B 1 4   ? -8.383  -9.529  14.127  1.00 28.92 ? 3   ILE B N   1 
ATOM 929  C CA  . ILE B 1 4   ? -7.161  -8.775  13.916  1.00 26.84 ? 3   ILE B CA  1 
ATOM 930  C C   . ILE B 1 4   ? -7.361  -7.292  14.156  1.00 25.10 ? 3   ILE B C   1 
ATOM 931  O O   . ILE B 1 4   ? -8.397  -6.732  13.806  1.00 25.00 ? 3   ILE B O   1 
ATOM 932  C CB  . ILE B 1 4   ? -6.662  -8.913  12.472  1.00 28.29 ? 3   ILE B CB  1 
ATOM 933  C CG1 . ILE B 1 4   ? -6.566  -10.385 12.091  1.00 28.90 ? 3   ILE B CG1 1 
ATOM 934  C CG2 . ILE B 1 4   ? -5.315  -8.213  12.316  1.00 30.07 ? 3   ILE B CG2 1 
ATOM 935  C CD1 . ILE B 1 4   ? -5.593  -11.166 12.925  1.00 32.74 ? 3   ILE B CD1 1 
ATOM 936  N N   . GLN B 1 5   ? -6.343  -6.668  14.740  1.00 23.71 ? 4   GLN B N   1 
ATOM 937  C CA  . GLN B 1 5   ? -6.345  -5.241  15.014  1.00 22.02 ? 4   GLN B CA  1 
ATOM 938  C C   . GLN B 1 5   ? -5.114  -4.612  14.361  1.00 20.59 ? 4   GLN B C   1 
ATOM 939  O O   . GLN B 1 5   ? -4.033  -5.197  14.349  1.00 19.83 ? 4   GLN B O   1 
ATOM 940  C CB  . GLN B 1 5   ? -6.316  -4.987  16.521  1.00 23.58 ? 4   GLN B CB  1 
ATOM 941  C CG  . GLN B 1 5   ? -7.687  -4.886  17.156  1.00 26.63 ? 4   GLN B CG  1 
ATOM 942  C CD  . GLN B 1 5   ? -7.633  -4.507  18.623  1.00 27.54 ? 4   GLN B CD  1 
ATOM 943  O OE1 . GLN B 1 5   ? -8.641  -4.126  19.207  1.00 31.82 ? 4   GLN B OE1 1 
ATOM 944  N NE2 . GLN B 1 5   ? -6.460  -4.615  19.225  1.00 26.60 ? 4   GLN B NE2 1 
ATOM 945  N N   . ALA B 1 6   ? -5.285  -3.427  13.797  1.00 18.04 ? 5   ALA B N   1 
ATOM 946  C CA  . ALA B 1 6   ? -4.182  -2.736  13.162  1.00 16.69 ? 5   ALA B CA  1 
ATOM 947  C C   . ALA B 1 6   ? -4.466  -1.241  13.169  1.00 16.09 ? 5   ALA B C   1 
ATOM 948  O O   . ALA B 1 6   ? -5.614  -0.817  13.268  1.00 16.58 ? 5   ALA B O   1 
ATOM 949  C CB  . ALA B 1 6   ? -4.011  -3.232  11.756  1.00 17.78 ? 5   ALA B CB  1 
ATOM 950  N N   . TYR B 1 7   ? -3.419  -0.439  13.059  1.00 14.55 ? 6   TYR B N   1 
ATOM 951  C CA  . TYR B 1 7   ? -3.599  0.999   13.072  1.00 15.99 ? 6   TYR B CA  1 
ATOM 952  C C   . TYR B 1 7   ? -3.750  1.654   11.694  1.00 15.78 ? 6   TYR B C   1 
ATOM 953  O O   . TYR B 1 7   ? -3.196  1.185   10.694  1.00 14.80 ? 6   TYR B O   1 
ATOM 954  C CB  . TYR B 1 7   ? -2.450  1.657   13.847  1.00 16.60 ? 6   TYR B CB  1 
ATOM 955  C CG  . TYR B 1 7   ? -2.511  1.432   15.342  1.00 19.49 ? 6   TYR B CG  1 
ATOM 956  C CD1 . TYR B 1 7   ? -1.587  0.614   15.989  1.00 21.23 ? 6   TYR B CD1 1 
ATOM 957  C CD2 . TYR B 1 7   ? -3.497  2.045   16.114  1.00 21.93 ? 6   TYR B CD2 1 
ATOM 958  C CE1 . TYR B 1 7   ? -1.645  0.407   17.374  1.00 22.53 ? 6   TYR B CE1 1 
ATOM 959  C CE2 . TYR B 1 7   ? -3.565  1.848   17.492  1.00 23.04 ? 6   TYR B CE2 1 
ATOM 960  C CZ  . TYR B 1 7   ? -2.639  1.027   18.115  1.00 23.87 ? 6   TYR B CZ  1 
ATOM 961  O OH  . TYR B 1 7   ? -2.731  0.807   19.473  1.00 26.09 ? 6   TYR B OH  1 
ATOM 962  N N   . PHE B 1 8   ? -4.516  2.742   11.665  1.00 15.64 ? 7   PHE B N   1 
ATOM 963  C CA  . PHE B 1 8   ? -4.755  3.512   10.454  1.00 16.39 ? 7   PHE B CA  1 
ATOM 964  C C   . PHE B 1 8   ? -3.444  3.860   9.749   1.00 18.14 ? 7   PHE B C   1 
ATOM 965  O O   . PHE B 1 8   ? -2.447  4.157   10.402  1.00 17.48 ? 7   PHE B O   1 
ATOM 966  C CB  . PHE B 1 8   ? -5.483  4.800   10.811  1.00 16.28 ? 7   PHE B CB  1 
ATOM 967  C CG  . PHE B 1 8   ? -5.428  5.841   9.736   1.00 16.36 ? 7   PHE B CG  1 
ATOM 968  C CD1 . PHE B 1 8   ? -6.203  5.720   8.585   1.00 16.53 ? 7   PHE B CD1 1 
ATOM 969  C CD2 . PHE B 1 8   ? -4.570  6.924   9.854   1.00 15.52 ? 7   PHE B CD2 1 
ATOM 970  C CE1 . PHE B 1 8   ? -6.122  6.666   7.567   1.00 15.62 ? 7   PHE B CE1 1 
ATOM 971  C CE2 . PHE B 1 8   ? -4.480  7.870   8.845   1.00 17.09 ? 7   PHE B CE2 1 
ATOM 972  C CZ  . PHE B 1 8   ? -5.256  7.740   7.699   1.00 17.85 ? 7   PHE B CZ  1 
ATOM 973  N N   . ASN B 1 9   ? -3.461  3.838   8.417   1.00 18.68 ? 8   ASN B N   1 
ATOM 974  C CA  . ASN B 1 9   ? -2.286  4.162   7.607   1.00 20.15 ? 8   ASN B CA  1 
ATOM 975  C C   . ASN B 1 9   ? -1.093  3.235   7.864   1.00 19.52 ? 8   ASN B C   1 
ATOM 976  O O   . ASN B 1 9   ? 0.058   3.580   7.566   1.00 18.38 ? 8   ASN B O   1 
ATOM 977  C CB  . ASN B 1 9   ? -1.861  5.622   7.836   1.00 22.24 ? 8   ASN B CB  1 
ATOM 978  C CG  . ASN B 1 9   ? -0.918  6.134   6.755   1.00 27.18 ? 8   ASN B CG  1 
ATOM 979  O OD1 . ASN B 1 9   ? -0.086  7.009   6.999   1.00 28.75 ? 8   ASN B OD1 1 
ATOM 980  N ND2 . ASN B 1 9   ? -1.058  5.597   5.547   1.00 29.07 ? 8   ASN B ND2 1 
ATOM 981  N N   . GLU B 1 10  ? -1.368  2.057   8.413   1.00 18.96 ? 9   GLU B N   1 
ATOM 982  C CA  . GLU B 1 10  ? -0.319  1.082   8.693   1.00 18.75 ? 9   GLU B CA  1 
ATOM 983  C C   . GLU B 1 10  ? -0.620  -0.185  7.892   1.00 16.01 ? 9   GLU B C   1 
ATOM 984  O O   . GLU B 1 10  ? -1.133  -0.092  6.782   1.00 18.03 ? 9   GLU B O   1 
ATOM 985  C CB  . GLU B 1 10  ? -0.284  0.795   10.194  1.00 20.72 ? 9   GLU B CB  1 
ATOM 986  C CG  . GLU B 1 10  ? -0.333  2.065   11.032  1.00 25.56 ? 9   GLU B CG  1 
ATOM 987  C CD  . GLU B 1 10  ? 0.879   2.241   11.919  1.00 26.93 ? 9   GLU B CD  1 
ATOM 988  O OE1 . GLU B 1 10  ? 1.054   3.350   12.483  1.00 28.14 ? 9   GLU B OE1 1 
ATOM 989  O OE2 . GLU B 1 10  ? 1.648   1.266   12.057  1.00 25.96 ? 9   GLU B OE2 1 
ATOM 990  N N   . THR B 1 11  ? -0.295  -1.357  8.436   1.00 12.79 ? 10  THR B N   1 
ATOM 991  C CA  . THR B 1 11  ? -0.574  -2.620  7.746   1.00 11.23 ? 10  THR B CA  1 
ATOM 992  C C   . THR B 1 11  ? -1.200  -3.628  8.689   1.00 12.45 ? 10  THR B C   1 
ATOM 993  O O   . THR B 1 11  ? -1.046  -3.535  9.902   1.00 14.74 ? 10  THR B O   1 
ATOM 994  C CB  . THR B 1 11  ? 0.693   -3.299  7.163   1.00 9.72  ? 10  THR B CB  1 
ATOM 995  O OG1 . THR B 1 11  ? 1.628   -3.562  8.214   1.00 10.05 ? 10  THR B OG1 1 
ATOM 996  C CG2 . THR B 1 11  ? 1.324   -2.443  6.096   1.00 7.84  ? 10  THR B CG2 1 
ATOM 997  N N   . ALA B 1 12  ? -1.892  -4.601  8.111   1.00 12.08 ? 11  ALA B N   1 
ATOM 998  C CA  . ALA B 1 12  ? -2.552  -5.660  8.861   1.00 10.45 ? 11  ALA B CA  1 
ATOM 999  C C   . ALA B 1 12  ? -2.251  -7.008  8.219   1.00 12.58 ? 11  ALA B C   1 
ATOM 1000 O O   . ALA B 1 12  ? -2.344  -7.153  7.000   1.00 12.26 ? 11  ALA B O   1 
ATOM 1001 C CB  . ALA B 1 12  ? -4.039  -5.428  8.863   1.00 5.98  ? 11  ALA B CB  1 
ATOM 1002 N N   . ASP B 1 13  ? -1.878  -7.994  9.025   1.00 15.65 ? 12  ASP B N   1 
ATOM 1003 C CA  . ASP B 1 13  ? -1.617  -9.316  8.471   1.00 18.14 ? 12  ASP B CA  1 
ATOM 1004 C C   . ASP B 1 13  ? -2.863  -10.209 8.586   1.00 18.31 ? 12  ASP B C   1 
ATOM 1005 O O   . ASP B 1 13  ? -3.226  -10.639 9.682   1.00 20.12 ? 12  ASP B O   1 
ATOM 1006 C CB  . ASP B 1 13  ? -0.426  -9.982  9.171   1.00 18.64 ? 12  ASP B CB  1 
ATOM 1007 C CG  . ASP B 1 13  ? 0.907   -9.343  8.796   1.00 21.01 ? 12  ASP B CG  1 
ATOM 1008 O OD1 . ASP B 1 13  ? 1.069   -8.907  7.637   1.00 23.35 ? 12  ASP B OD1 1 
ATOM 1009 O OD2 . ASP B 1 13  ? 1.806   -9.290  9.658   1.00 24.00 ? 12  ASP B OD2 1 
ATOM 1010 N N   . LEU B 1 14  ? -3.525  -10.455 7.455   1.00 17.73 ? 13  LEU B N   1 
ATOM 1011 C CA  . LEU B 1 14  ? -4.710  -11.309 7.411   1.00 17.58 ? 13  LEU B CA  1 
ATOM 1012 C C   . LEU B 1 14  ? -4.247  -12.759 7.332   1.00 19.79 ? 13  LEU B C   1 
ATOM 1013 O O   . LEU B 1 14  ? -3.736  -13.206 6.306   1.00 20.91 ? 13  LEU B O   1 
ATOM 1014 C CB  . LEU B 1 14  ? -5.554  -10.955 6.197   1.00 15.85 ? 13  LEU B CB  1 
ATOM 1015 C CG  . LEU B 1 14  ? -6.621  -9.869  6.374   1.00 16.96 ? 13  LEU B CG  1 
ATOM 1016 C CD1 . LEU B 1 14  ? -6.362  -9.035  7.607   1.00 15.56 ? 13  LEU B CD1 1 
ATOM 1017 C CD2 . LEU B 1 14  ? -6.667  -9.005  5.123   1.00 15.96 ? 13  LEU B CD2 1 
ATOM 1018 N N   . PRO B 1 15  ? -4.424  -13.517 8.420   1.00 20.10 ? 14  PRO B N   1 
ATOM 1019 C CA  . PRO B 1 15  ? -4.010  -14.922 8.478   1.00 20.35 ? 14  PRO B CA  1 
ATOM 1020 C C   . PRO B 1 15  ? -4.897  -15.850 7.678   1.00 18.95 ? 14  PRO B C   1 
ATOM 1021 O O   . PRO B 1 15  ? -6.076  -15.578 7.491   1.00 18.70 ? 14  PRO B O   1 
ATOM 1022 C CB  . PRO B 1 15  ? -4.073  -15.227 9.967   1.00 20.43 ? 14  PRO B CB  1 
ATOM 1023 C CG  . PRO B 1 15  ? -5.313  -14.477 10.371  1.00 22.74 ? 14  PRO B CG  1 
ATOM 1024 C CD  . PRO B 1 15  ? -5.160  -13.137 9.639   1.00 20.97 ? 14  PRO B CD  1 
ATOM 1025 N N   . CYS B 1 16  ? -4.324  -16.951 7.214   1.00 20.52 ? 15  CYS B N   1 
ATOM 1026 C CA  . CYS B 1 16  ? -5.087  -17.922 6.455   1.00 22.87 ? 15  CYS B CA  1 
ATOM 1027 C C   . CYS B 1 16  ? -5.265  -19.174 7.318   1.00 24.85 ? 15  CYS B C   1 
ATOM 1028 O O   . CYS B 1 16  ? -6.207  -19.931 7.123   1.00 24.90 ? 15  CYS B O   1 
ATOM 1029 C CB  . CYS B 1 16  ? -4.375  -18.239 5.131   1.00 22.46 ? 15  CYS B CB  1 
ATOM 1030 S SG  . CYS B 1 16  ? -5.437  -19.096 3.926   1.00 28.70 ? 15  CYS B SG  1 
ATOM 1031 N N   . GLN B 1 17  ? -4.372  -19.364 8.293   1.00 26.35 ? 16  GLN B N   1 
ATOM 1032 C CA  . GLN B 1 17  ? -4.424  -20.506 9.217   1.00 27.40 ? 16  GLN B CA  1 
ATOM 1033 C C   . GLN B 1 17  ? -4.550  -21.832 8.486   1.00 27.13 ? 16  GLN B C   1 
ATOM 1034 O O   . GLN B 1 17  ? -5.403  -22.656 8.820   1.00 27.38 ? 16  GLN B O   1 
ATOM 1035 C CB  . GLN B 1 17  ? -5.610  -20.352 10.178  1.00 32.82 ? 16  GLN B CB  1 
ATOM 1036 C CG  . GLN B 1 17  ? -5.348  -19.429 11.364  1.00 41.46 ? 16  GLN B CG  1 
ATOM 1037 C CD  . GLN B 1 17  ? -6.629  -18.947 12.051  1.00 46.80 ? 16  GLN B CD  1 
ATOM 1038 O OE1 . GLN B 1 17  ? -7.327  -18.045 11.553  1.00 49.42 ? 16  GLN B OE1 1 
ATOM 1039 N NE2 . GLN B 1 17  ? -6.945  -19.550 13.198  1.00 47.37 ? 16  GLN B NE2 1 
ATOM 1040 N N   . PHE B 1 18  ? -3.690  -22.043 7.496   1.00 25.72 ? 17  PHE B N   1 
ATOM 1041 C CA  . PHE B 1 18  ? -3.730  -23.257 6.688   1.00 24.22 ? 17  PHE B CA  1 
ATOM 1042 C C   . PHE B 1 18  ? -2.646  -24.241 7.073   1.00 24.02 ? 17  PHE B C   1 
ATOM 1043 O O   . PHE B 1 18  ? -1.464  -23.926 7.030   1.00 26.73 ? 17  PHE B O   1 
ATOM 1044 C CB  . PHE B 1 18  ? -3.614  -22.888 5.206   1.00 22.34 ? 17  PHE B CB  1 
ATOM 1045 C CG  . PHE B 1 18  ? -3.637  -24.069 4.280   1.00 20.15 ? 17  PHE B CG  1 
ATOM 1046 C CD1 . PHE B 1 18  ? -4.642  -25.028 4.374   1.00 18.47 ? 17  PHE B CD1 1 
ATOM 1047 C CD2 . PHE B 1 18  ? -2.665  -24.214 3.297   1.00 19.06 ? 17  PHE B CD2 1 
ATOM 1048 C CE1 . PHE B 1 18  ? -4.674  -26.111 3.505   1.00 17.21 ? 17  PHE B CE1 1 
ATOM 1049 C CE2 . PHE B 1 18  ? -2.691  -25.297 2.423   1.00 19.28 ? 17  PHE B CE2 1 
ATOM 1050 C CZ  . PHE B 1 18  ? -3.699  -26.246 2.528   1.00 18.11 ? 17  PHE B CZ  1 
ATOM 1051 N N   . ALA B 1 19  ? -3.065  -25.445 7.431   1.00 23.60 ? 18  ALA B N   1 
ATOM 1052 C CA  . ALA B 1 19  ? -2.151  -26.492 7.853   1.00 26.01 ? 18  ALA B CA  1 
ATOM 1053 C C   . ALA B 1 19  ? -1.489  -27.261 6.716   1.00 28.29 ? 18  ALA B C   1 
ATOM 1054 O O   . ALA B 1 19  ? -0.465  -27.914 6.919   1.00 28.65 ? 18  ALA B O   1 
ATOM 1055 C CB  . ALA B 1 19  ? -2.880  -27.461 8.763   1.00 26.18 ? 18  ALA B CB  1 
ATOM 1056 N N   . ASN B 1 20  ? -2.069  -27.203 5.525   1.00 29.18 ? 19  ASN B N   1 
ATOM 1057 C CA  . ASN B 1 20  ? -1.497  -27.909 4.390   1.00 30.62 ? 19  ASN B CA  1 
ATOM 1058 C C   . ASN B 1 20  ? -1.012  -29.303 4.801   1.00 31.18 ? 19  ASN B C   1 
ATOM 1059 O O   . ASN B 1 20  ? 0.104   -29.715 4.456   1.00 29.58 ? 19  ASN B O   1 
ATOM 1060 C CB  . ASN B 1 20  ? -0.325  -27.111 3.831   1.00 29.31 ? 19  ASN B CB  1 
ATOM 1061 C CG  . ASN B 1 20  ? 0.097   -27.592 2.468   1.00 31.61 ? 19  ASN B CG  1 
ATOM 1062 O OD1 . ASN B 1 20  ? 1.123   -27.158 1.942   1.00 31.57 ? 19  ASN B OD1 1 
ATOM 1063 N ND2 . ASN B 1 20  ? -0.700  -28.488 1.873   1.00 32.42 ? 19  ASN B ND2 1 
ATOM 1064 N N   . SER B 1 21  ? -1.855  -30.023 5.537   1.00 32.88 ? 20  SER B N   1 
ATOM 1065 C CA  . SER B 1 21  ? -1.511  -31.366 6.018   1.00 34.67 ? 20  SER B CA  1 
ATOM 1066 C C   . SER B 1 21  ? -1.073  -32.340 4.921   1.00 33.89 ? 20  SER B C   1 
ATOM 1067 O O   . SER B 1 21  ? -0.387  -33.323 5.189   1.00 32.83 ? 20  SER B O   1 
ATOM 1068 C CB  . SER B 1 21  ? -2.689  -31.966 6.804   1.00 35.09 ? 20  SER B CB  1 
ATOM 1069 O OG  . SER B 1 21  ? -3.860  -32.060 6.008   1.00 35.80 ? 20  SER B OG  1 
ATOM 1070 N N   . GLN B 1 22  ? -1.470  -32.069 3.686   1.00 33.78 ? 21  GLN B N   1 
ATOM 1071 C CA  . GLN B 1 22  ? -1.096  -32.929 2.580   1.00 33.04 ? 21  GLN B CA  1 
ATOM 1072 C C   . GLN B 1 22  ? 0.231   -32.476 1.977   1.00 32.32 ? 21  GLN B C   1 
ATOM 1073 O O   . GLN B 1 22  ? 0.704   -33.040 0.987   1.00 32.19 ? 21  GLN B O   1 
ATOM 1074 C CB  . GLN B 1 22  ? -2.204  -32.921 1.529   1.00 34.74 ? 21  GLN B CB  1 
ATOM 1075 C CG  . GLN B 1 22  ? -3.446  -33.664 1.977   1.00 37.35 ? 21  GLN B CG  1 
ATOM 1076 C CD  . GLN B 1 22  ? -3.211  -35.163 2.092   1.00 41.61 ? 21  GLN B CD  1 
ATOM 1077 O OE1 . GLN B 1 22  ? -3.098  -35.865 1.085   1.00 42.07 ? 21  GLN B OE1 1 
ATOM 1078 N NE2 . GLN B 1 22  ? -3.123  -35.658 3.322   1.00 42.67 ? 21  GLN B NE2 1 
ATOM 1079 N N   . ASN B 1 23  ? 0.832   -31.458 2.585   1.00 30.94 ? 22  ASN B N   1 
ATOM 1080 C CA  . ASN B 1 23  ? 2.118   -30.947 2.122   1.00 31.23 ? 22  ASN B CA  1 
ATOM 1081 C C   . ASN B 1 23  ? 2.148   -30.599 0.645   1.00 29.79 ? 22  ASN B C   1 
ATOM 1082 O O   . ASN B 1 23  ? 2.983   -31.104 -0.105  1.00 31.02 ? 22  ASN B O   1 
ATOM 1083 C CB  . ASN B 1 23  ? 3.213   -31.972 2.415   1.00 31.73 ? 22  ASN B CB  1 
ATOM 1084 C CG  . ASN B 1 23  ? 3.860   -31.751 3.753   1.00 32.94 ? 22  ASN B CG  1 
ATOM 1085 O OD1 . ASN B 1 23  ? 4.741   -30.899 3.893   1.00 32.27 ? 22  ASN B OD1 1 
ATOM 1086 N ND2 . ASN B 1 23  ? 3.415   -32.504 4.760   1.00 35.65 ? 22  ASN B ND2 1 
ATOM 1087 N N   . GLN B 1 24  ? 1.249   -29.720 0.232   1.00 28.16 ? 23  GLN B N   1 
ATOM 1088 C CA  . GLN B 1 24  ? 1.183   -29.336 -1.161  1.00 27.25 ? 23  GLN B CA  1 
ATOM 1089 C C   . GLN B 1 24  ? 2.015   -28.110 -1.508  1.00 25.29 ? 23  GLN B C   1 
ATOM 1090 O O   . GLN B 1 24  ? 2.316   -27.280 -0.652  1.00 24.17 ? 23  GLN B O   1 
ATOM 1091 C CB  . GLN B 1 24  ? -0.276  -29.125 -1.558  1.00 28.37 ? 23  GLN B CB  1 
ATOM 1092 C CG  . GLN B 1 24  ? -1.060  -30.422 -1.581  1.00 31.71 ? 23  GLN B CG  1 
ATOM 1093 C CD  . GLN B 1 24  ? -2.464  -30.244 -2.104  1.00 34.07 ? 23  GLN B CD  1 
ATOM 1094 O OE1 . GLN B 1 24  ? -3.301  -29.632 -1.450  1.00 36.80 ? 23  GLN B OE1 1 
ATOM 1095 N NE2 . GLN B 1 24  ? -2.729  -30.771 -3.296  1.00 35.14 ? 23  GLN B NE2 1 
ATOM 1096 N N   . SER B 1 25  ? 2.414   -28.029 -2.772  1.00 23.62 ? 24  SER B N   1 
ATOM 1097 C CA  . SER B 1 25  ? 3.194   -26.900 -3.248  1.00 22.35 ? 24  SER B CA  1 
ATOM 1098 C C   . SER B 1 25  ? 2.209   -25.825 -3.668  1.00 21.52 ? 24  SER B C   1 
ATOM 1099 O O   . SER B 1 25  ? 1.106   -26.110 -4.127  1.00 21.19 ? 24  SER B O   1 
ATOM 1100 C CB  . SER B 1 25  ? 4.049   -27.289 -4.453  1.00 21.71 ? 24  SER B CB  1 
ATOM 1101 O OG  . SER B 1 25  ? 3.236   -27.513 -5.591  1.00 20.22 ? 24  SER B OG  1 
ATOM 1102 N N   . LEU B 1 26  ? 2.617   -24.583 -3.512  1.00 19.99 ? 25  LEU B N   1 
ATOM 1103 C CA  . LEU B 1 26  ? 1.762   -23.485 -3.872  1.00 20.03 ? 25  LEU B CA  1 
ATOM 1104 C C   . LEU B 1 26  ? 1.309   -23.607 -5.335  1.00 20.97 ? 25  LEU B C   1 
ATOM 1105 O O   . LEU B 1 26  ? 0.178   -23.263 -5.673  1.00 20.89 ? 25  LEU B O   1 
ATOM 1106 C CB  . LEU B 1 26  ? 2.516   -22.192 -3.625  1.00 19.77 ? 25  LEU B CB  1 
ATOM 1107 C CG  . LEU B 1 26  ? 1.672   -20.992 -3.223  1.00 20.78 ? 25  LEU B CG  1 
ATOM 1108 C CD1 . LEU B 1 26  ? 0.723   -21.376 -2.101  1.00 18.22 ? 25  LEU B CD1 1 
ATOM 1109 C CD2 . LEU B 1 26  ? 2.600   -19.852 -2.811  1.00 16.80 ? 25  LEU B CD2 1 
ATOM 1110 N N   . SER B 1 27  ? 2.178   -24.136 -6.189  1.00 22.69 ? 26  SER B N   1 
ATOM 1111 C CA  . SER B 1 27  ? 1.874   -24.293 -7.612  1.00 22.81 ? 26  SER B CA  1 
ATOM 1112 C C   . SER B 1 27  ? 0.673   -25.190 -7.924  1.00 22.28 ? 26  SER B C   1 
ATOM 1113 O O   . SER B 1 27  ? 0.244   -25.270 -9.075  1.00 23.29 ? 26  SER B O   1 
ATOM 1114 C CB  . SER B 1 27  ? 3.099   -24.829 -8.350  1.00 23.55 ? 26  SER B CB  1 
ATOM 1115 O OG  . SER B 1 27  ? 3.400   -26.141 -7.926  1.00 25.90 ? 26  SER B OG  1 
ATOM 1116 N N   . GLU B 1 28  ? 0.144   -25.872 -6.909  1.00 23.33 ? 27  GLU B N   1 
ATOM 1117 C CA  . GLU B 1 28  ? -1.019  -26.746 -7.080  1.00 21.46 ? 27  GLU B CA  1 
ATOM 1118 C C   . GLU B 1 28  ? -2.259  -26.042 -6.561  1.00 19.81 ? 27  GLU B C   1 
ATOM 1119 O O   . GLU B 1 28  ? -3.365  -26.564 -6.657  1.00 20.32 ? 27  GLU B O   1 
ATOM 1120 C CB  . GLU B 1 28  ? -0.898  -28.029 -6.254  1.00 22.76 ? 27  GLU B CB  1 
ATOM 1121 C CG  . GLU B 1 28  ? 0.290   -28.914 -6.493  1.00 28.05 ? 27  GLU B CG  1 
ATOM 1122 C CD  . GLU B 1 28  ? 0.117   -30.255 -5.800  1.00 31.90 ? 27  GLU B CD  1 
ATOM 1123 O OE1 . GLU B 1 28  ? -0.643  -31.112 -6.315  1.00 37.24 ? 27  GLU B OE1 1 
ATOM 1124 O OE2 . GLU B 1 28  ? 0.724   -30.449 -4.729  1.00 32.65 ? 27  GLU B OE2 1 
ATOM 1125 N N   . LEU B 1 29  ? -2.073  -24.857 -5.998  1.00 18.19 ? 28  LEU B N   1 
ATOM 1126 C CA  . LEU B 1 29  ? -3.188  -24.150 -5.405  1.00 16.83 ? 28  LEU B CA  1 
ATOM 1127 C C   . LEU B 1 29  ? -3.579  -22.808 -5.996  1.00 17.16 ? 28  LEU B C   1 
ATOM 1128 O O   . LEU B 1 29  ? -2.821  -22.152 -6.714  1.00 18.66 ? 28  LEU B O   1 
ATOM 1129 C CB  . LEU B 1 29  ? -2.894  -23.965 -3.923  1.00 16.15 ? 28  LEU B CB  1 
ATOM 1130 C CG  . LEU B 1 29  ? -2.447  -25.241 -3.215  1.00 17.18 ? 28  LEU B CG  1 
ATOM 1131 C CD1 . LEU B 1 29  ? -2.018  -24.921 -1.794  1.00 15.97 ? 28  LEU B CD1 1 
ATOM 1132 C CD2 . LEU B 1 29  ? -3.598  -26.254 -3.238  1.00 12.71 ? 28  LEU B CD2 1 
ATOM 1133 N N   . VAL B 1 30  ? -4.797  -22.413 -5.672  1.00 14.97 ? 29  VAL B N   1 
ATOM 1134 C CA  . VAL B 1 30  ? -5.343  -21.136 -6.082  1.00 14.02 ? 29  VAL B CA  1 
ATOM 1135 C C   . VAL B 1 30  ? -5.794  -20.551 -4.752  1.00 14.44 ? 29  VAL B C   1 
ATOM 1136 O O   . VAL B 1 30  ? -6.693  -21.084 -4.104  1.00 14.26 ? 29  VAL B O   1 
ATOM 1137 C CB  . VAL B 1 30  ? -6.557  -21.310 -6.997  1.00 13.88 ? 29  VAL B CB  1 
ATOM 1138 C CG1 . VAL B 1 30  ? -7.128  -19.957 -7.363  1.00 9.42  ? 29  VAL B CG1 1 
ATOM 1139 C CG2 . VAL B 1 30  ? -6.154  -22.089 -8.246  1.00 12.39 ? 29  VAL B CG2 1 
ATOM 1140 N N   . VAL B 1 31  ? -5.147  -19.476 -4.329  1.00 14.40 ? 30  VAL B N   1 
ATOM 1141 C CA  . VAL B 1 31  ? -5.486  -18.844 -3.065  1.00 15.22 ? 30  VAL B CA  1 
ATOM 1142 C C   . VAL B 1 31  ? -6.199  -17.521 -3.296  1.00 15.98 ? 30  VAL B C   1 
ATOM 1143 O O   . VAL B 1 31  ? -5.657  -16.632 -3.929  1.00 19.01 ? 30  VAL B O   1 
ATOM 1144 C CB  . VAL B 1 31  ? -4.215  -18.580 -2.244  1.00 14.45 ? 30  VAL B CB  1 
ATOM 1145 C CG1 . VAL B 1 31  ? -4.587  -18.139 -0.824  1.00 14.49 ? 30  VAL B CG1 1 
ATOM 1146 C CG2 . VAL B 1 31  ? -3.344  -19.829 -2.235  1.00 11.99 ? 30  VAL B CG2 1 
ATOM 1147 N N   . PHE B 1 32  ? -7.415  -17.394 -2.784  1.00 18.61 ? 31  PHE B N   1 
ATOM 1148 C CA  . PHE B 1 32  ? -8.185  -16.163 -2.941  1.00 20.32 ? 31  PHE B CA  1 
ATOM 1149 C C   . PHE B 1 32  ? -8.280  -15.458 -1.599  1.00 19.62 ? 31  PHE B C   1 
ATOM 1150 O O   . PHE B 1 32  ? -8.084  -16.068 -0.560  1.00 19.17 ? 31  PHE B O   1 
ATOM 1151 C CB  . PHE B 1 32  ? -9.617  -16.465 -3.407  1.00 24.13 ? 31  PHE B CB  1 
ATOM 1152 C CG  . PHE B 1 32  ? -9.740  -16.777 -4.862  1.00 28.27 ? 31  PHE B CG  1 
ATOM 1153 C CD1 . PHE B 1 32  ? -9.374  -15.838 -5.825  1.00 31.65 ? 31  PHE B CD1 1 
ATOM 1154 C CD2 . PHE B 1 32  ? -10.269 -17.993 -5.283  1.00 29.51 ? 31  PHE B CD2 1 
ATOM 1155 C CE1 . PHE B 1 32  ? -9.537  -16.103 -7.202  1.00 32.55 ? 31  PHE B CE1 1 
ATOM 1156 C CE2 . PHE B 1 32  ? -10.434 -18.267 -6.653  1.00 31.41 ? 31  PHE B CE2 1 
ATOM 1157 C CZ  . PHE B 1 32  ? -10.066 -17.316 -7.613  1.00 31.46 ? 31  PHE B CZ  1 
ATOM 1158 N N   . TRP B 1 33  ? -8.596  -14.173 -1.637  1.00 20.12 ? 32  TRP B N   1 
ATOM 1159 C CA  . TRP B 1 33  ? -8.780  -13.362 -0.440  1.00 18.49 ? 32  TRP B CA  1 
ATOM 1160 C C   . TRP B 1 33  ? -9.838  -12.345 -0.817  1.00 18.16 ? 32  TRP B C   1 
ATOM 1161 O O   . TRP B 1 33  ? -9.629  -11.567 -1.748  1.00 16.96 ? 32  TRP B O   1 
ATOM 1162 C CB  . TRP B 1 33  ? -7.516  -12.594 -0.070  1.00 17.06 ? 32  TRP B CB  1 
ATOM 1163 C CG  . TRP B 1 33  ? -6.399  -13.394 0.483   1.00 16.95 ? 32  TRP B CG  1 
ATOM 1164 C CD1 . TRP B 1 33  ? -5.377  -13.989 -0.211  1.00 18.68 ? 32  TRP B CD1 1 
ATOM 1165 C CD2 . TRP B 1 33  ? -6.147  -13.645 1.859   1.00 17.09 ? 32  TRP B CD2 1 
ATOM 1166 N NE1 . TRP B 1 33  ? -4.500  -14.590 0.661   1.00 16.81 ? 32  TRP B NE1 1 
ATOM 1167 C CE2 . TRP B 1 33  ? -4.952  -14.395 1.938   1.00 16.90 ? 32  TRP B CE2 1 
ATOM 1168 C CE3 . TRP B 1 33  ? -6.819  -13.312 3.039   1.00 19.24 ? 32  TRP B CE3 1 
ATOM 1169 C CZ2 . TRP B 1 33  ? -4.414  -14.817 3.154   1.00 21.38 ? 32  TRP B CZ2 1 
ATOM 1170 C CZ3 . TRP B 1 33  ? -6.288  -13.730 4.251   1.00 21.08 ? 32  TRP B CZ3 1 
ATOM 1171 C CH2 . TRP B 1 33  ? -5.095  -14.476 4.299   1.00 23.77 ? 32  TRP B CH2 1 
ATOM 1172 N N   . GLN B 1 34  ? -10.964 -12.334 -0.112  1.00 18.52 ? 33  GLN B N   1 
ATOM 1173 C CA  . GLN B 1 34  ? -12.012 -11.374 -0.428  1.00 20.75 ? 33  GLN B CA  1 
ATOM 1174 C C   . GLN B 1 34  ? -12.580 -10.673 0.799   1.00 20.71 ? 33  GLN B C   1 
ATOM 1175 O O   . GLN B 1 34  ? -12.534 -11.196 1.896   1.00 22.58 ? 33  GLN B O   1 
ATOM 1176 C CB  . GLN B 1 34  ? -13.120 -12.055 -1.234  1.00 22.41 ? 33  GLN B CB  1 
ATOM 1177 C CG  . GLN B 1 34  ? -13.556 -13.404 -0.705  1.00 29.36 ? 33  GLN B CG  1 
ATOM 1178 C CD  . GLN B 1 34  ? -14.622 -14.061 -1.575  1.00 31.23 ? 33  GLN B CD  1 
ATOM 1179 O OE1 . GLN B 1 34  ? -14.340 -14.542 -2.677  1.00 33.42 ? 33  GLN B OE1 1 
ATOM 1180 N NE2 . GLN B 1 34  ? -15.855 -14.080 -1.081  1.00 31.86 ? 33  GLN B NE2 1 
ATOM 1181 N N   . ASP B 1 35  ? -13.093 -9.466  0.618   1.00 21.61 ? 34  ASP B N   1 
ATOM 1182 C CA  . ASP B 1 35  ? -13.644 -8.721  1.736   1.00 22.61 ? 34  ASP B CA  1 
ATOM 1183 C C   . ASP B 1 35  ? -15.118 -9.052  1.872   1.00 24.31 ? 34  ASP B C   1 
ATOM 1184 O O   . ASP B 1 35  ? -15.631 -9.885  1.132   1.00 26.18 ? 34  ASP B O   1 
ATOM 1185 C CB  . ASP B 1 35  ? -13.430 -7.214  1.531   1.00 21.31 ? 34  ASP B CB  1 
ATOM 1186 C CG  . ASP B 1 35  ? -14.024 -6.701  0.226   1.00 20.11 ? 34  ASP B CG  1 
ATOM 1187 O OD1 . ASP B 1 35  ? -13.701 -5.557  -0.161  1.00 18.78 ? 34  ASP B OD1 1 
ATOM 1188 O OD2 . ASP B 1 35  ? -14.817 -7.435  -0.405  1.00 21.65 ? 34  ASP B OD2 1 
ATOM 1189 N N   . GLN B 1 36  ? -15.798 -8.407  2.815   1.00 24.75 ? 35  GLN B N   1 
ATOM 1190 C CA  . GLN B 1 36  ? -17.215 -8.665  3.029   1.00 25.92 ? 35  GLN B CA  1 
ATOM 1191 C C   . GLN B 1 36  ? -18.057 -8.486  1.779   1.00 26.29 ? 35  GLN B C   1 
ATOM 1192 O O   . GLN B 1 36  ? -19.158 -9.022  1.688   1.00 28.25 ? 35  GLN B O   1 
ATOM 1193 C CB  . GLN B 1 36  ? -17.794 -7.740  4.088   1.00 27.87 ? 35  GLN B CB  1 
ATOM 1194 C CG  . GLN B 1 36  ? -17.163 -7.801  5.440   1.00 32.95 ? 35  GLN B CG  1 
ATOM 1195 C CD  . GLN B 1 36  ? -18.137 -7.364  6.502   1.00 34.87 ? 35  GLN B CD  1 
ATOM 1196 O OE1 . GLN B 1 36  ? -19.028 -6.560  6.243   1.00 35.62 ? 35  GLN B OE1 1 
ATOM 1197 N NE2 . GLN B 1 36  ? -17.974 -7.889  7.708   1.00 39.37 ? 35  GLN B NE2 1 
ATOM 1198 N N   . GLU B 1 37  ? -17.568 -7.705  0.827   1.00 26.05 ? 36  GLU B N   1 
ATOM 1199 C CA  . GLU B 1 37  ? -18.327 -7.471  -0.385  1.00 26.98 ? 36  GLU B CA  1 
ATOM 1200 C C   . GLU B 1 37  ? -17.939 -8.422  -1.496  1.00 27.50 ? 36  GLU B C   1 
ATOM 1201 O O   . GLU B 1 37  ? -18.393 -8.273  -2.624  1.00 28.91 ? 36  GLU B O   1 
ATOM 1202 C CB  . GLU B 1 37  ? -18.147 -6.035  -0.848  1.00 27.69 ? 36  GLU B CB  1 
ATOM 1203 C CG  . GLU B 1 37  ? -18.755 -5.032  0.094   1.00 29.23 ? 36  GLU B CG  1 
ATOM 1204 C CD  . GLU B 1 37  ? -18.478 -3.604  -0.325  1.00 32.68 ? 36  GLU B CD  1 
ATOM 1205 O OE1 . GLU B 1 37  ? -19.006 -2.679  0.334   1.00 34.29 ? 36  GLU B OE1 1 
ATOM 1206 O OE2 . GLU B 1 37  ? -17.729 -3.406  -1.308  1.00 30.26 ? 36  GLU B OE2 1 
ATOM 1207 N N   . ASN B 1 38  ? -17.104 -9.402  -1.169  1.00 27.69 ? 37  ASN B N   1 
ATOM 1208 C CA  . ASN B 1 38  ? -16.654 -10.397 -2.139  1.00 25.54 ? 37  ASN B CA  1 
ATOM 1209 C C   . ASN B 1 38  ? -15.728 -9.811  -3.194  1.00 25.19 ? 37  ASN B C   1 
ATOM 1210 O O   . ASN B 1 38  ? -15.671 -10.299 -4.324  1.00 26.38 ? 37  ASN B O   1 
ATOM 1211 C CB  . ASN B 1 38  ? -17.850 -11.053 -2.826  1.00 24.15 ? 37  ASN B CB  1 
ATOM 1212 C CG  . ASN B 1 38  ? -18.700 -11.838 -1.873  1.00 26.24 ? 37  ASN B CG  1 
ATOM 1213 O OD1 . ASN B 1 38  ? -18.277 -12.873 -1.364  1.00 26.61 ? 37  ASN B OD1 1 
ATOM 1214 N ND2 . ASN B 1 38  ? -19.908 -11.343 -1.606  1.00 28.09 ? 37  ASN B ND2 1 
ATOM 1215 N N   . LEU B 1 39  ? -15.015 -8.751  -2.841  1.00 22.43 ? 38  LEU B N   1 
ATOM 1216 C CA  . LEU B 1 39  ? -14.083 -8.160  -3.782  1.00 18.90 ? 38  LEU B CA  1 
ATOM 1217 C C   . LEU B 1 39  ? -12.765 -8.875  -3.529  1.00 16.70 ? 38  LEU B C   1 
ATOM 1218 O O   . LEU B 1 39  ? -12.419 -9.142  -2.388  1.00 14.71 ? 38  LEU B O   1 
ATOM 1219 C CB  . LEU B 1 39  ? -13.947 -6.660  -3.523  1.00 19.31 ? 38  LEU B CB  1 
ATOM 1220 C CG  . LEU B 1 39  ? -15.286 -5.915  -3.499  1.00 21.04 ? 38  LEU B CG  1 
ATOM 1221 C CD1 . LEU B 1 39  ? -15.032 -4.424  -3.400  1.00 20.51 ? 38  LEU B CD1 1 
ATOM 1222 C CD2 . LEU B 1 39  ? -16.078 -6.237  -4.762  1.00 19.46 ? 38  LEU B CD2 1 
ATOM 1223 N N   . VAL B 1 40  ? -12.038 -9.206  -4.586  1.00 15.71 ? 39  VAL B N   1 
ATOM 1224 C CA  . VAL B 1 40  ? -10.770 -9.897  -4.420  1.00 13.27 ? 39  VAL B CA  1 
ATOM 1225 C C   . VAL B 1 40  ? -9.625  -8.954  -4.054  1.00 12.48 ? 39  VAL B C   1 
ATOM 1226 O O   . VAL B 1 40  ? -9.444  -7.905  -4.678  1.00 12.48 ? 39  VAL B O   1 
ATOM 1227 C CB  . VAL B 1 40  ? -10.393 -10.651 -5.692  1.00 12.38 ? 39  VAL B CB  1 
ATOM 1228 C CG1 . VAL B 1 40  ? -9.093  -11.410 -5.472  1.00 11.02 ? 39  VAL B CG1 1 
ATOM 1229 C CG2 . VAL B 1 40  ? -11.510 -11.600 -6.078  1.00 10.60 ? 39  VAL B CG2 1 
ATOM 1230 N N   . LEU B 1 41  ? -8.860  -9.341  -3.032  1.00 12.38 ? 40  LEU B N   1 
ATOM 1231 C CA  . LEU B 1 41  ? -7.707  -8.565  -2.558  1.00 11.22 ? 40  LEU B CA  1 
ATOM 1232 C C   . LEU B 1 41  ? -6.480  -9.026  -3.317  1.00 11.87 ? 40  LEU B C   1 
ATOM 1233 O O   . LEU B 1 41  ? -5.689  -8.221  -3.789  1.00 14.21 ? 40  LEU B O   1 
ATOM 1234 C CB  . LEU B 1 41  ? -7.428  -8.834  -1.084  1.00 9.69  ? 40  LEU B CB  1 
ATOM 1235 C CG  . LEU B 1 41  ? -8.322  -8.460  0.093   1.00 8.36  ? 40  LEU B CG  1 
ATOM 1236 C CD1 . LEU B 1 41  ? -7.909  -7.125  0.628   1.00 7.81  ? 40  LEU B CD1 1 
ATOM 1237 C CD2 . LEU B 1 41  ? -9.766  -8.505  -0.321  1.00 10.07 ? 40  LEU B CD2 1 
ATOM 1238 N N   . ASN B 1 42  ? -6.328  -10.342 -3.415  1.00 12.67 ? 41  ASN B N   1 
ATOM 1239 C CA  . ASN B 1 42  ? -5.180  -10.947 -4.076  1.00 13.39 ? 41  ASN B CA  1 
ATOM 1240 C C   . ASN B 1 42  ? -5.497  -12.374 -4.528  1.00 12.99 ? 41  ASN B C   1 
ATOM 1241 O O   . ASN B 1 42  ? -6.330  -13.056 -3.927  1.00 12.07 ? 41  ASN B O   1 
ATOM 1242 C CB  . ASN B 1 42  ? -3.998  -10.986 -3.100  1.00 14.35 ? 41  ASN B CB  1 
ATOM 1243 C CG  . ASN B 1 42  ? -2.691  -11.310 -3.783  1.00 16.58 ? 41  ASN B CG  1 
ATOM 1244 O OD1 . ASN B 1 42  ? -1.789  -10.476 -3.845  1.00 19.06 ? 41  ASN B OD1 1 
ATOM 1245 N ND2 . ASN B 1 42  ? -2.581  -12.519 -4.305  1.00 17.53 ? 41  ASN B ND2 1 
ATOM 1246 N N   . GLU B 1 43  ? -4.815  -12.826 -5.575  1.00 12.96 ? 42  GLU B N   1 
ATOM 1247 C CA  . GLU B 1 43  ? -5.023  -14.175 -6.095  1.00 12.99 ? 42  GLU B CA  1 
ATOM 1248 C C   . GLU B 1 43  ? -3.696  -14.803 -6.502  1.00 13.57 ? 42  GLU B C   1 
ATOM 1249 O O   . GLU B 1 43  ? -2.998  -14.294 -7.383  1.00 13.29 ? 42  GLU B O   1 
ATOM 1250 C CB  . GLU B 1 43  ? -5.977  -14.149 -7.303  1.00 12.53 ? 42  GLU B CB  1 
ATOM 1251 C CG  . GLU B 1 43  ? -6.276  -15.506 -7.950  1.00 14.93 ? 42  GLU B CG  1 
ATOM 1252 C CD  . GLU B 1 43  ? -7.208  -15.382 -9.167  1.00 19.56 ? 42  GLU B CD  1 
ATOM 1253 O OE1 . GLU B 1 43  ? -7.579  -14.239 -9.508  1.00 20.48 ? 42  GLU B OE1 1 
ATOM 1254 O OE2 . GLU B 1 43  ? -7.574  -16.410 -9.789  1.00 21.08 ? 42  GLU B OE2 1 
ATOM 1255 N N   . VAL B 1 44  ? -3.342  -15.904 -5.841  1.00 12.34 ? 43  VAL B N   1 
ATOM 1256 C CA  . VAL B 1 44  ? -2.114  -16.609 -6.164  1.00 12.87 ? 43  VAL B CA  1 
ATOM 1257 C C   . VAL B 1 44  ? -2.513  -17.830 -6.970  1.00 14.34 ? 43  VAL B C   1 
ATOM 1258 O O   . VAL B 1 44  ? -2.818  -18.888 -6.419  1.00 15.83 ? 43  VAL B O   1 
ATOM 1259 C CB  . VAL B 1 44  ? -1.368  -17.063 -4.909  1.00 12.17 ? 43  VAL B CB  1 
ATOM 1260 C CG1 . VAL B 1 44  ? 0.020   -17.542 -5.295  1.00 7.74  ? 43  VAL B CG1 1 
ATOM 1261 C CG2 . VAL B 1 44  ? -1.291  -15.926 -3.911  1.00 11.64 ? 43  VAL B CG2 1 
ATOM 1262 N N   . TYR B 1 45  ? -2.515  -17.661 -8.285  1.00 15.71 ? 44  TYR B N   1 
ATOM 1263 C CA  . TYR B 1 45  ? -2.902  -18.712 -9.206  1.00 15.89 ? 44  TYR B CA  1 
ATOM 1264 C C   . TYR B 1 45  ? -1.746  -19.641 -9.505  1.00 16.46 ? 44  TYR B C   1 
ATOM 1265 O O   . TYR B 1 45  ? -0.782  -19.263 -10.169 1.00 17.07 ? 44  TYR B O   1 
ATOM 1266 C CB  . TYR B 1 45  ? -3.398  -18.102 -10.512 1.00 18.21 ? 44  TYR B CB  1 
ATOM 1267 C CG  . TYR B 1 45  ? -4.194  -19.066 -11.332 1.00 22.16 ? 44  TYR B CG  1 
ATOM 1268 C CD1 . TYR B 1 45  ? -5.520  -19.335 -11.013 1.00 24.74 ? 44  TYR B CD1 1 
ATOM 1269 C CD2 . TYR B 1 45  ? -3.618  -19.741 -12.410 1.00 24.81 ? 44  TYR B CD2 1 
ATOM 1270 C CE1 . TYR B 1 45  ? -6.265  -20.253 -11.744 1.00 28.49 ? 44  TYR B CE1 1 
ATOM 1271 C CE2 . TYR B 1 45  ? -4.350  -20.669 -13.154 1.00 28.44 ? 44  TYR B CE2 1 
ATOM 1272 C CZ  . TYR B 1 45  ? -5.677  -20.918 -12.814 1.00 28.99 ? 44  TYR B CZ  1 
ATOM 1273 O OH  . TYR B 1 45  ? -6.430  -21.819 -13.537 1.00 30.23 ? 44  TYR B OH  1 
ATOM 1274 N N   . LEU B 1 46  ? -1.852  -20.864 -9.017  1.00 17.47 ? 45  LEU B N   1 
ATOM 1275 C CA  . LEU B 1 46  ? -0.816  -21.859 -9.237  1.00 18.10 ? 45  LEU B CA  1 
ATOM 1276 C C   . LEU B 1 46  ? 0.588   -21.280 -9.046  1.00 17.71 ? 45  LEU B C   1 
ATOM 1277 O O   . LEU B 1 46  ? 1.485   -21.532 -9.848  1.00 16.81 ? 45  LEU B O   1 
ATOM 1278 C CB  . LEU B 1 46  ? -0.963  -22.462 -10.638 1.00 16.75 ? 45  LEU B CB  1 
ATOM 1279 C CG  . LEU B 1 46  ? -2.386  -22.942 -10.966 1.00 16.71 ? 45  LEU B CG  1 
ATOM 1280 C CD1 . LEU B 1 46  ? -2.460  -23.399 -12.410 1.00 14.72 ? 45  LEU B CD1 1 
ATOM 1281 C CD2 . LEU B 1 46  ? -2.794  -24.068 -10.024 1.00 15.31 ? 45  LEU B CD2 1 
ATOM 1282 N N   . GLY B 1 47  ? 0.763   -20.488 -7.991  1.00 18.28 ? 46  GLY B N   1 
ATOM 1283 C CA  . GLY B 1 47  ? 2.070   -19.936 -7.686  1.00 18.33 ? 46  GLY B CA  1 
ATOM 1284 C C   . GLY B 1 47  ? 2.374   -18.501 -8.062  1.00 19.49 ? 46  GLY B C   1 
ATOM 1285 O O   . GLY B 1 47  ? 3.288   -17.901 -7.496  1.00 19.58 ? 46  GLY B O   1 
ATOM 1286 N N   . LYS B 1 48  ? 1.640   -17.942 -9.015  1.00 20.21 ? 47  LYS B N   1 
ATOM 1287 C CA  . LYS B 1 48  ? 1.886   -16.561 -9.424  1.00 21.06 ? 47  LYS B CA  1 
ATOM 1288 C C   . LYS B 1 48  ? 0.734   -15.664 -9.028  1.00 19.81 ? 47  LYS B C   1 
ATOM 1289 O O   . LYS B 1 48  ? -0.415  -16.107 -8.997  1.00 18.88 ? 47  LYS B O   1 
ATOM 1290 C CB  . LYS B 1 48  ? 2.058   -16.464 -10.940 1.00 21.53 ? 47  LYS B CB  1 
ATOM 1291 C CG  . LYS B 1 48  ? 3.043   -17.433 -11.544 1.00 24.34 ? 47  LYS B CG  1 
ATOM 1292 C CD  . LYS B 1 48  ? 3.083   -17.265 -13.061 1.00 26.94 ? 47  LYS B CD  1 
ATOM 1293 C CE  . LYS B 1 48  ? 4.112   -18.184 -13.691 1.00 27.29 ? 47  LYS B CE  1 
ATOM 1294 N NZ  . LYS B 1 48  ? 3.851   -19.592 -13.301 1.00 27.67 ? 47  LYS B NZ  1 
ATOM 1295 N N   . GLU B 1 49  ? 1.039   -14.406 -8.726  1.00 20.09 ? 48  GLU B N   1 
ATOM 1296 C CA  . GLU B 1 49  ? -0.006  -13.457 -8.387  1.00 21.58 ? 48  GLU B CA  1 
ATOM 1297 C C   . GLU B 1 49  ? -0.797  -13.186 -9.660  1.00 19.36 ? 48  GLU B C   1 
ATOM 1298 O O   . GLU B 1 49  ? -0.231  -12.991 -10.731 1.00 19.47 ? 48  GLU B O   1 
ATOM 1299 C CB  . GLU B 1 49  ? 0.575   -12.148 -7.852  1.00 25.84 ? 48  GLU B CB  1 
ATOM 1300 C CG  . GLU B 1 49  ? 1.293   -12.296 -6.518  1.00 34.16 ? 48  GLU B CG  1 
ATOM 1301 C CD  . GLU B 1 49  ? 1.152   -11.071 -5.624  1.00 37.70 ? 48  GLU B CD  1 
ATOM 1302 O OE1 . GLU B 1 49  ? 1.840   -11.021 -4.582  1.00 39.58 ? 48  GLU B OE1 1 
ATOM 1303 O OE2 . GLU B 1 49  ? 0.349   -10.168 -5.956  1.00 41.76 ? 48  GLU B OE2 1 
ATOM 1304 N N   . LYS B 1 50  ? -2.113  -13.202 -9.534  1.00 19.57 ? 49  LYS B N   1 
ATOM 1305 C CA  . LYS B 1 50  ? -3.001  -12.969 -10.655 1.00 18.54 ? 49  LYS B CA  1 
ATOM 1306 C C   . LYS B 1 50  ? -3.709  -11.675 -10.289 1.00 19.46 ? 49  LYS B C   1 
ATOM 1307 O O   . LYS B 1 50  ? -4.044  -11.466 -9.122  1.00 19.09 ? 49  LYS B O   1 
ATOM 1308 C CB  . LYS B 1 50  ? -3.988  -14.123 -10.749 1.00 15.45 ? 49  LYS B CB  1 
ATOM 1309 C CG  . LYS B 1 50  ? -4.694  -14.279 -12.070 1.00 16.23 ? 49  LYS B CG  1 
ATOM 1310 C CD  . LYS B 1 50  ? -5.492  -15.576 -12.021 1.00 19.00 ? 49  LYS B CD  1 
ATOM 1311 C CE  . LYS B 1 50  ? -6.286  -15.857 -13.273 1.00 20.78 ? 49  LYS B CE  1 
ATOM 1312 N NZ  . LYS B 1 50  ? -7.188  -17.027 -13.029 1.00 21.86 ? 49  LYS B NZ  1 
ATOM 1313 N N   . PHE B 1 51  ? -3.922  -10.804 -11.273 1.00 18.71 ? 50  PHE B N   1 
ATOM 1314 C CA  . PHE B 1 51  ? -4.571  -9.524  -11.018 1.00 17.33 ? 50  PHE B CA  1 
ATOM 1315 C C   . PHE B 1 51  ? -5.885  -9.320  -11.737 1.00 17.16 ? 50  PHE B C   1 
ATOM 1316 O O   . PHE B 1 51  ? -6.480  -8.248  -11.643 1.00 19.20 ? 50  PHE B O   1 
ATOM 1317 C CB  . PHE B 1 51  ? -3.615  -8.389  -11.378 1.00 19.40 ? 50  PHE B CB  1 
ATOM 1318 C CG  . PHE B 1 51  ? -2.487  -8.233  -10.415 1.00 19.83 ? 50  PHE B CG  1 
ATOM 1319 C CD1 . PHE B 1 51  ? -1.231  -7.853  -10.857 1.00 22.03 ? 50  PHE B CD1 1 
ATOM 1320 C CD2 . PHE B 1 51  ? -2.678  -8.482  -9.057  1.00 21.67 ? 50  PHE B CD2 1 
ATOM 1321 C CE1 . PHE B 1 51  ? -0.168  -7.724  -9.959  1.00 23.74 ? 50  PHE B CE1 1 
ATOM 1322 C CE2 . PHE B 1 51  ? -1.627  -8.357  -8.144  1.00 22.40 ? 50  PHE B CE2 1 
ATOM 1323 C CZ  . PHE B 1 51  ? -0.366  -7.977  -8.598  1.00 23.02 ? 50  PHE B CZ  1 
ATOM 1324 N N   . ASP B 1 52  ? -6.347  -10.349 -12.433 1.00 15.23 ? 51  ASP B N   1 
ATOM 1325 C CA  . ASP B 1 52  ? -7.594  -10.276 -13.185 1.00 14.71 ? 51  ASP B CA  1 
ATOM 1326 C C   . ASP B 1 52  ? -8.839  -9.900  -12.388 1.00 13.73 ? 51  ASP B C   1 
ATOM 1327 O O   . ASP B 1 52  ? -9.741  -9.265  -12.927 1.00 14.76 ? 51  ASP B O   1 
ATOM 1328 C CB  . ASP B 1 52  ? -7.863  -11.612 -13.863 1.00 18.43 ? 51  ASP B CB  1 
ATOM 1329 C CG  . ASP B 1 52  ? -6.767  -12.014 -14.826 1.00 22.12 ? 51  ASP B CG  1 
ATOM 1330 O OD1 . ASP B 1 52  ? -5.587  -11.671 -14.581 1.00 20.29 ? 51  ASP B OD1 1 
ATOM 1331 O OD2 . ASP B 1 52  ? -7.093  -12.698 -15.824 1.00 28.16 ? 51  ASP B OD2 1 
ATOM 1332 N N   . SER B 1 53  ? -8.898  -10.293 -11.117 1.00 11.13 ? 52  SER B N   1 
ATOM 1333 C CA  . SER B 1 53  ? -10.082 -10.030 -10.301 1.00 12.05 ? 52  SER B CA  1 
ATOM 1334 C C   . SER B 1 53  ? -9.867  -9.140  -9.087  1.00 14.06 ? 52  SER B C   1 
ATOM 1335 O O   . SER B 1 53  ? -10.794 -8.944  -8.297  1.00 14.92 ? 52  SER B O   1 
ATOM 1336 C CB  . SER B 1 53  ? -10.699 -11.356 -9.820  1.00 13.35 ? 52  SER B CB  1 
ATOM 1337 O OG  . SER B 1 53  ? -11.224 -12.136 -10.886 1.00 15.04 ? 52  SER B OG  1 
ATOM 1338 N N   . VAL B 1 54  ? -8.653  -8.620  -8.928  1.00 14.72 ? 53  VAL B N   1 
ATOM 1339 C CA  . VAL B 1 54  ? -8.334  -7.761  -7.797  1.00 12.50 ? 53  VAL B CA  1 
ATOM 1340 C C   . VAL B 1 54  ? -8.982  -6.411  -8.019  1.00 14.42 ? 53  VAL B C   1 
ATOM 1341 O O   . VAL B 1 54  ? -8.689  -5.719  -8.981  1.00 17.09 ? 53  VAL B O   1 
ATOM 1342 C CB  . VAL B 1 54  ? -6.809  -7.555  -7.647  1.00 13.01 ? 53  VAL B CB  1 
ATOM 1343 C CG1 . VAL B 1 54  ? -6.523  -6.520  -6.562  1.00 10.47 ? 53  VAL B CG1 1 
ATOM 1344 C CG2 . VAL B 1 54  ? -6.133  -8.869  -7.330  1.00 10.03 ? 53  VAL B CG2 1 
ATOM 1345 N N   . HIS B 1 55  ? -9.874  -6.035  -7.124  1.00 17.12 ? 54  HIS B N   1 
ATOM 1346 C CA  . HIS B 1 55  ? -10.553 -4.761  -7.251  1.00 18.60 ? 54  HIS B CA  1 
ATOM 1347 C C   . HIS B 1 55  ? -9.490  -3.678  -7.223  1.00 19.00 ? 54  HIS B C   1 
ATOM 1348 O O   . HIS B 1 55  ? -8.448  -3.857  -6.608  1.00 21.52 ? 54  HIS B O   1 
ATOM 1349 C CB  . HIS B 1 55  ? -11.532 -4.594  -6.099  1.00 17.76 ? 54  HIS B CB  1 
ATOM 1350 C CG  . HIS B 1 55  ? -12.407 -3.401  -6.232  1.00 18.86 ? 54  HIS B CG  1 
ATOM 1351 N ND1 . HIS B 1 55  ? -11.923 -2.117  -6.143  1.00 20.01 ? 54  HIS B ND1 1 
ATOM 1352 C CD2 . HIS B 1 55  ? -13.730 -3.292  -6.482  1.00 20.09 ? 54  HIS B CD2 1 
ATOM 1353 C CE1 . HIS B 1 55  ? -12.913 -1.266  -6.333  1.00 20.64 ? 54  HIS B CE1 1 
ATOM 1354 N NE2 . HIS B 1 55  ? -14.021 -1.953  -6.542  1.00 21.19 ? 54  HIS B NE2 1 
ATOM 1355 N N   . SER B 1 56  ? -9.728  -2.554  -7.881  1.00 21.01 ? 55  SER B N   1 
ATOM 1356 C CA  . SER B 1 56  ? -8.702  -1.517  -7.882  1.00 21.79 ? 55  SER B CA  1 
ATOM 1357 C C   . SER B 1 56  ? -8.457  -0.915  -6.499  1.00 19.92 ? 55  SER B C   1 
ATOM 1358 O O   . SER B 1 56  ? -7.369  -0.424  -6.224  1.00 19.86 ? 55  SER B O   1 
ATOM 1359 C CB  . SER B 1 56  ? -9.025  -0.431  -8.919  1.00 20.76 ? 55  SER B CB  1 
ATOM 1360 O OG  . SER B 1 56  ? -10.412 -0.218  -9.011  1.00 25.81 ? 55  SER B OG  1 
ATOM 1361 N N   . LYS B 1 57  ? -9.450  -0.982  -5.620  1.00 19.52 ? 56  LYS B N   1 
ATOM 1362 C CA  . LYS B 1 57  ? -9.276  -0.446  -4.278  1.00 17.25 ? 56  LYS B CA  1 
ATOM 1363 C C   . LYS B 1 57  ? -8.166  -1.206  -3.520  1.00 16.96 ? 56  LYS B C   1 
ATOM 1364 O O   . LYS B 1 57  ? -7.698  -0.751  -2.471  1.00 17.38 ? 56  LYS B O   1 
ATOM 1365 C CB  . LYS B 1 57  ? -10.584 -0.534  -3.479  1.00 18.47 ? 56  LYS B CB  1 
ATOM 1366 C CG  . LYS B 1 57  ? -10.749 -1.824  -2.689  1.00 20.55 ? 56  LYS B CG  1 
ATOM 1367 C CD  . LYS B 1 57  ? -11.697 -1.685  -1.513  1.00 19.74 ? 56  LYS B CD  1 
ATOM 1368 C CE  . LYS B 1 57  ? -13.135 -1.619  -1.944  1.00 22.21 ? 56  LYS B CE  1 
ATOM 1369 N NZ  . LYS B 1 57  ? -14.034 -1.823  -0.779  1.00 24.76 ? 56  LYS B NZ  1 
ATOM 1370 N N   . TYR B 1 58  ? -7.738  -2.358  -4.034  1.00 13.02 ? 57  TYR B N   1 
ATOM 1371 C CA  . TYR B 1 58  ? -6.700  -3.124  -3.341  1.00 13.18 ? 57  TYR B CA  1 
ATOM 1372 C C   . TYR B 1 58  ? -5.374  -3.195  -4.090  1.00 13.48 ? 57  TYR B C   1 
ATOM 1373 O O   . TYR B 1 58  ? -4.342  -3.510  -3.503  1.00 10.15 ? 57  TYR B O   1 
ATOM 1374 C CB  . TYR B 1 58  ? -7.193  -4.549  -3.045  1.00 11.82 ? 57  TYR B CB  1 
ATOM 1375 C CG  . TYR B 1 58  ? -8.324  -4.611  -2.047  1.00 13.45 ? 57  TYR B CG  1 
ATOM 1376 C CD1 . TYR B 1 58  ? -9.528  -5.243  -2.363  1.00 13.19 ? 57  TYR B CD1 1 
ATOM 1377 C CD2 . TYR B 1 58  ? -8.190  -4.054  -0.777  1.00 10.91 ? 57  TYR B CD2 1 
ATOM 1378 C CE1 . TYR B 1 58  ? -10.569 -5.324  -1.438  1.00 11.48 ? 57  TYR B CE1 1 
ATOM 1379 C CE2 . TYR B 1 58  ? -9.221  -4.129  0.149   1.00 10.55 ? 57  TYR B CE2 1 
ATOM 1380 C CZ  . TYR B 1 58  ? -10.404 -4.764  -0.185  1.00 12.71 ? 57  TYR B CZ  1 
ATOM 1381 O OH  . TYR B 1 58  ? -11.417 -4.848  0.745   1.00 13.77 ? 57  TYR B OH  1 
ATOM 1382 N N   . MET B 1 59  ? -5.408  -2.897  -5.384  1.00 14.08 ? 58  MET B N   1 
ATOM 1383 C CA  . MET B 1 59  ? -4.210  -2.941  -6.208  1.00 12.93 ? 58  MET B CA  1 
ATOM 1384 C C   . MET B 1 59  ? -3.080  -2.118  -5.570  1.00 14.54 ? 58  MET B C   1 
ATOM 1385 O O   . MET B 1 59  ? -3.288  -0.979  -5.131  1.00 13.93 ? 58  MET B O   1 
ATOM 1386 C CB  . MET B 1 59  ? -4.547  -2.428  -7.599  1.00 13.16 ? 58  MET B CB  1 
ATOM 1387 C CG  . MET B 1 59  ? -3.836  -3.150  -8.720  1.00 17.01 ? 58  MET B CG  1 
ATOM 1388 S SD  . MET B 1 59  ? -4.179  -4.918  -8.866  1.00 8.09  ? 58  MET B SD  1 
ATOM 1389 C CE  . MET B 1 59  ? -3.675  -5.135  -10.502 1.00 18.93 ? 58  MET B CE  1 
ATOM 1390 N N   . GLY B 1 60  ? -1.892  -2.718  -5.499  1.00 13.35 ? 59  GLY B N   1 
ATOM 1391 C CA  . GLY B 1 60  ? -0.749  -2.052  -4.899  1.00 12.36 ? 59  GLY B CA  1 
ATOM 1392 C C   . GLY B 1 60  ? -0.638  -2.221  -3.385  1.00 13.92 ? 59  GLY B C   1 
ATOM 1393 O O   . GLY B 1 60  ? 0.457   -2.123  -2.829  1.00 13.14 ? 59  GLY B O   1 
ATOM 1394 N N   . ARG B 1 61  ? -1.763  -2.498  -2.723  1.00 14.53 ? 60  ARG B N   1 
ATOM 1395 C CA  . ARG B 1 61  ? -1.820  -2.657  -1.261  1.00 13.12 ? 60  ARG B CA  1 
ATOM 1396 C C   . ARG B 1 61  ? -1.720  -4.060  -0.640  1.00 13.05 ? 60  ARG B C   1 
ATOM 1397 O O   . ARG B 1 61  ? -1.844  -4.187  0.582   1.00 12.72 ? 60  ARG B O   1 
ATOM 1398 C CB  . ARG B 1 61  ? -3.116  -2.055  -0.718  1.00 12.44 ? 60  ARG B CB  1 
ATOM 1399 C CG  . ARG B 1 61  ? -3.417  -0.671  -1.141  1.00 9.11  ? 60  ARG B CG  1 
ATOM 1400 C CD  . ARG B 1 61  ? -4.358  -0.067  -0.140  1.00 7.61  ? 60  ARG B CD  1 
ATOM 1401 N NE  . ARG B 1 61  ? -5.698  -0.634  -0.166  1.00 7.41  ? 60  ARG B NE  1 
ATOM 1402 C CZ  . ARG B 1 61  ? -6.478  -0.704  0.910   1.00 11.53 ? 60  ARG B CZ  1 
ATOM 1403 N NH1 . ARG B 1 61  ? -6.031  -0.255  2.080   1.00 12.20 ? 60  ARG B NH1 1 
ATOM 1404 N NH2 . ARG B 1 61  ? -7.706  -1.190  0.826   1.00 8.93  ? 60  ARG B NH2 1 
ATOM 1405 N N   . THR B 1 62  ? -1.553  -5.111  -1.437  1.00 11.66 ? 61  THR B N   1 
ATOM 1406 C CA  . THR B 1 62  ? -1.466  -6.429  -0.828  1.00 12.57 ? 61  THR B CA  1 
ATOM 1407 C C   . THR B 1 62  ? -0.155  -7.156  -1.073  1.00 13.50 ? 61  THR B C   1 
ATOM 1408 O O   . THR B 1 62  ? 0.541   -6.912  -2.054  1.00 12.93 ? 61  THR B O   1 
ATOM 1409 C CB  . THR B 1 62  ? -2.635  -7.328  -1.247  1.00 12.06 ? 61  THR B CB  1 
ATOM 1410 O OG1 . THR B 1 62  ? -2.560  -7.600  -2.646  1.00 13.26 ? 61  THR B OG1 1 
ATOM 1411 C CG2 . THR B 1 62  ? -3.954  -6.648  -0.927  1.00 9.24  ? 61  THR B CG2 1 
ATOM 1412 N N   . SER B 1 63  ? 0.182   -8.044  -0.147  1.00 15.10 ? 62  SER B N   1 
ATOM 1413 C CA  . SER B 1 63  ? 1.413   -8.808  -0.230  1.00 17.95 ? 62  SER B CA  1 
ATOM 1414 C C   . SER B 1 63  ? 1.184   -10.144 0.458   1.00 18.64 ? 62  SER B C   1 
ATOM 1415 O O   . SER B 1 63  ? 0.758   -10.183 1.614   1.00 18.07 ? 62  SER B O   1 
ATOM 1416 C CB  . SER B 1 63  ? 2.534   -8.039  0.469   1.00 20.97 ? 62  SER B CB  1 
ATOM 1417 O OG  . SER B 1 63  ? 3.791   -8.615  0.198   1.00 24.57 ? 62  SER B OG  1 
ATOM 1418 N N   . PHE B 1 64  ? 1.470   -11.234 -0.257  1.00 21.10 ? 63  PHE B N   1 
ATOM 1419 C CA  . PHE B 1 64  ? 1.275   -12.583 0.272   1.00 22.40 ? 63  PHE B CA  1 
ATOM 1420 C C   . PHE B 1 64  ? 2.558   -13.240 0.702   1.00 23.54 ? 63  PHE B C   1 
ATOM 1421 O O   . PHE B 1 64  ? 3.548   -13.189 -0.020  1.00 24.06 ? 63  PHE B O   1 
ATOM 1422 C CB  . PHE B 1 64  ? 0.621   -13.477 -0.773  1.00 22.84 ? 63  PHE B CB  1 
ATOM 1423 C CG  . PHE B 1 64  ? 0.279   -14.840 -0.265  1.00 24.57 ? 63  PHE B CG  1 
ATOM 1424 C CD1 . PHE B 1 64  ? -0.626  -14.996 0.781   1.00 27.20 ? 63  PHE B CD1 1 
ATOM 1425 C CD2 . PHE B 1 64  ? 0.837   -15.973 -0.845  1.00 25.64 ? 63  PHE B CD2 1 
ATOM 1426 C CE1 . PHE B 1 64  ? -0.975  -16.264 1.242   1.00 28.50 ? 63  PHE B CE1 1 
ATOM 1427 C CE2 . PHE B 1 64  ? 0.497   -17.249 -0.391  1.00 27.08 ? 63  PHE B CE2 1 
ATOM 1428 C CZ  . PHE B 1 64  ? -0.411  -17.393 0.653   1.00 27.61 ? 63  PHE B CZ  1 
ATOM 1429 N N   . ASP B 1 65  ? 2.530   -13.864 1.878   1.00 23.78 ? 64  ASP B N   1 
ATOM 1430 C CA  . ASP B 1 65  ? 3.695   -14.563 2.414   1.00 23.62 ? 64  ASP B CA  1 
ATOM 1431 C C   . ASP B 1 65  ? 3.425   -16.059 2.551   1.00 24.54 ? 64  ASP B C   1 
ATOM 1432 O O   . ASP B 1 65  ? 2.781   -16.496 3.506   1.00 26.47 ? 64  ASP B O   1 
ATOM 1433 C CB  . ASP B 1 65  ? 4.089   -13.985 3.770   1.00 24.49 ? 64  ASP B CB  1 
ATOM 1434 C CG  . ASP B 1 65  ? 5.140   -14.834 4.488   1.00 27.41 ? 64  ASP B CG  1 
ATOM 1435 O OD1 . ASP B 1 65  ? 5.931   -15.531 3.811   1.00 28.51 ? 64  ASP B OD1 1 
ATOM 1436 O OD2 . ASP B 1 65  ? 5.182   -14.794 5.736   1.00 28.05 ? 64  ASP B OD2 1 
ATOM 1437 N N   . SER B 1 66  ? 3.935   -16.839 1.603   1.00 24.62 ? 65  SER B N   1 
ATOM 1438 C CA  . SER B 1 66  ? 3.738   -18.285 1.592   1.00 26.26 ? 65  SER B CA  1 
ATOM 1439 C C   . SER B 1 66  ? 4.216   -19.027 2.841   1.00 26.93 ? 65  SER B C   1 
ATOM 1440 O O   . SER B 1 66  ? 3.660   -20.062 3.194   1.00 26.84 ? 65  SER B O   1 
ATOM 1441 C CB  . SER B 1 66  ? 4.410   -18.886 0.364   1.00 26.67 ? 65  SER B CB  1 
ATOM 1442 O OG  . SER B 1 66  ? 5.806   -18.660 0.393   1.00 27.25 ? 65  SER B OG  1 
ATOM 1443 N N   . ASP B 1 67  ? 5.239   -18.514 3.512   1.00 28.04 ? 66  ASP B N   1 
ATOM 1444 C CA  . ASP B 1 67  ? 5.737   -19.177 4.711   1.00 29.14 ? 66  ASP B CA  1 
ATOM 1445 C C   . ASP B 1 67  ? 4.718   -19.240 5.828   1.00 28.70 ? 66  ASP B C   1 
ATOM 1446 O O   . ASP B 1 67  ? 4.694   -20.199 6.600   1.00 29.98 ? 66  ASP B O   1 
ATOM 1447 C CB  . ASP B 1 67  ? 6.986   -18.485 5.243   1.00 30.63 ? 66  ASP B CB  1 
ATOM 1448 C CG  . ASP B 1 67  ? 8.211   -18.831 4.450   1.00 33.26 ? 66  ASP B CG  1 
ATOM 1449 O OD1 . ASP B 1 67  ? 8.142   -19.812 3.670   1.00 32.82 ? 66  ASP B OD1 1 
ATOM 1450 O OD2 . ASP B 1 67  ? 9.238   -18.130 4.615   1.00 35.65 ? 66  ASP B OD2 1 
ATOM 1451 N N   . SER B 1 68  ? 3.884   -18.216 5.931   1.00 26.68 ? 67  SER B N   1 
ATOM 1452 C CA  . SER B 1 68  ? 2.884   -18.191 6.987   1.00 23.37 ? 67  SER B CA  1 
ATOM 1453 C C   . SER B 1 68  ? 1.477   -18.165 6.429   1.00 21.08 ? 67  SER B C   1 
ATOM 1454 O O   . SER B 1 68  ? 0.507   -18.173 7.181   1.00 22.80 ? 67  SER B O   1 
ATOM 1455 C CB  . SER B 1 68  ? 3.108   -16.974 7.890   1.00 23.61 ? 67  SER B CB  1 
ATOM 1456 O OG  . SER B 1 68  ? 3.148   -15.777 7.134   1.00 23.69 ? 67  SER B OG  1 
ATOM 1457 N N   . TRP B 1 69  ? 1.358   -18.150 5.109   1.00 18.18 ? 68  TRP B N   1 
ATOM 1458 C CA  . TRP B 1 69  ? 0.044   -18.106 4.503   1.00 16.44 ? 68  TRP B CA  1 
ATOM 1459 C C   . TRP B 1 69  ? -0.653  -16.883 5.056   1.00 14.60 ? 68  TRP B C   1 
ATOM 1460 O O   . TRP B 1 69  ? -1.683  -16.972 5.719   1.00 12.56 ? 68  TRP B O   1 
ATOM 1461 C CB  . TRP B 1 69  ? -0.756  -19.353 4.859   1.00 16.51 ? 68  TRP B CB  1 
ATOM 1462 C CG  . TRP B 1 69  ? -0.155  -20.582 4.326   1.00 17.44 ? 68  TRP B CG  1 
ATOM 1463 C CD1 . TRP B 1 69  ? 0.798   -21.363 4.923   1.00 17.47 ? 68  TRP B CD1 1 
ATOM 1464 C CD2 . TRP B 1 69  ? -0.400  -21.152 3.044   1.00 17.42 ? 68  TRP B CD2 1 
ATOM 1465 N NE1 . TRP B 1 69  ? 1.160   -22.384 4.082   1.00 18.69 ? 68  TRP B NE1 1 
ATOM 1466 C CE2 . TRP B 1 69  ? 0.441   -22.278 2.920   1.00 18.60 ? 68  TRP B CE2 1 
ATOM 1467 C CE3 . TRP B 1 69  ? -1.247  -20.819 1.983   1.00 15.87 ? 68  TRP B CE3 1 
ATOM 1468 C CZ2 . TRP B 1 69  ? 0.460   -23.072 1.775   1.00 18.87 ? 68  TRP B CZ2 1 
ATOM 1469 C CZ3 . TRP B 1 69  ? -1.228  -21.611 0.841   1.00 15.58 ? 68  TRP B CZ3 1 
ATOM 1470 C CH2 . TRP B 1 69  ? -0.380  -22.723 0.746   1.00 17.62 ? 68  TRP B CH2 1 
ATOM 1471 N N   . THR B 1 70  ? -0.073  -15.728 4.794   1.00 14.17 ? 69  THR B N   1 
ATOM 1472 C CA  . THR B 1 70  ? -0.654  -14.503 5.277   1.00 14.64 ? 69  THR B CA  1 
ATOM 1473 C C   . THR B 1 70  ? -0.674  -13.430 4.215   1.00 15.18 ? 69  THR B C   1 
ATOM 1474 O O   . THR B 1 70  ? 0.257   -13.311 3.415   1.00 16.36 ? 69  THR B O   1 
ATOM 1475 C CB  . THR B 1 70  ? 0.128   -13.973 6.462   1.00 12.60 ? 69  THR B CB  1 
ATOM 1476 O OG1 . THR B 1 70  ? 0.041   -14.913 7.537   1.00 14.87 ? 69  THR B OG1 1 
ATOM 1477 C CG2 . THR B 1 70  ? -0.423  -12.630 6.901   1.00 13.46 ? 69  THR B CG2 1 
ATOM 1478 N N   . LEU B 1 71  ? -1.754  -12.657 4.202   1.00 14.60 ? 70  LEU B N   1 
ATOM 1479 C CA  . LEU B 1 71  ? -1.864  -11.555 3.271   1.00 11.98 ? 70  LEU B CA  1 
ATOM 1480 C C   . LEU B 1 71  ? -1.680  -10.299 4.093   1.00 10.59 ? 70  LEU B C   1 
ATOM 1481 O O   . LEU B 1 71  ? -2.356  -10.097 5.089   1.00 12.99 ? 70  LEU B O   1 
ATOM 1482 C CB  . LEU B 1 71  ? -3.236  -11.514 2.606   1.00 12.81 ? 70  LEU B CB  1 
ATOM 1483 C CG  . LEU B 1 71  ? -3.232  -10.586 1.385   1.00 13.15 ? 70  LEU B CG  1 
ATOM 1484 C CD1 . LEU B 1 71  ? -2.318  -11.197 0.319   1.00 9.08  ? 70  LEU B CD1 1 
ATOM 1485 C CD2 . LEU B 1 71  ? -4.642  -10.392 0.837   1.00 13.40 ? 70  LEU B CD2 1 
ATOM 1486 N N   . ARG B 1 72  ? -0.735  -9.468  3.700   1.00 10.64 ? 71  ARG B N   1 
ATOM 1487 C CA  . ARG B 1 72  ? -0.528  -8.233  4.414   1.00 10.53 ? 71  ARG B CA  1 
ATOM 1488 C C   . ARG B 1 72  ? -1.200  -7.167  3.573   1.00 11.63 ? 71  ARG B C   1 
ATOM 1489 O O   . ARG B 1 72  ? -0.917  -7.035  2.383   1.00 9.61  ? 71  ARG B O   1 
ATOM 1490 C CB  . ARG B 1 72  ? 0.955   -7.940  4.551   1.00 10.36 ? 71  ARG B CB  1 
ATOM 1491 C CG  . ARG B 1 72  ? 1.244   -6.582  5.116   1.00 12.24 ? 71  ARG B CG  1 
ATOM 1492 C CD  . ARG B 1 72  ? 2.732   -6.405  5.353   1.00 17.03 ? 71  ARG B CD  1 
ATOM 1493 N NE  . ARG B 1 72  ? 3.250   -7.465  6.202   1.00 18.22 ? 71  ARG B NE  1 
ATOM 1494 C CZ  . ARG B 1 72  ? 4.353   -7.364  6.931   1.00 21.55 ? 71  ARG B CZ  1 
ATOM 1495 N NH1 . ARG B 1 72  ? 5.060   -6.239  6.913   1.00 22.43 ? 71  ARG B NH1 1 
ATOM 1496 N NH2 . ARG B 1 72  ? 4.739   -8.384  7.691   1.00 23.94 ? 71  ARG B NH2 1 
ATOM 1497 N N   . LEU B 1 73  ? -2.119  -6.438  4.189   1.00 13.74 ? 72  LEU B N   1 
ATOM 1498 C CA  . LEU B 1 73  ? -2.844  -5.366  3.514   1.00 14.28 ? 72  LEU B CA  1 
ATOM 1499 C C   . LEU B 1 73  ? -2.157  -4.087  3.954   1.00 13.45 ? 72  LEU B C   1 
ATOM 1500 O O   . LEU B 1 73  ? -2.102  -3.790  5.146   1.00 15.01 ? 72  LEU B O   1 
ATOM 1501 C CB  . LEU B 1 73  ? -4.316  -5.370  3.956   1.00 13.17 ? 72  LEU B CB  1 
ATOM 1502 C CG  . LEU B 1 73  ? -5.183  -4.178  3.557   1.00 14.58 ? 72  LEU B CG  1 
ATOM 1503 C CD1 . LEU B 1 73  ? -5.239  -4.040  2.049   1.00 13.44 ? 72  LEU B CD1 1 
ATOM 1504 C CD2 . LEU B 1 73  ? -6.565  -4.364  4.121   1.00 13.75 ? 72  LEU B CD2 1 
ATOM 1505 N N   . HIS B 1 74  ? -1.621  -3.333  3.004   1.00 12.82 ? 73  HIS B N   1 
ATOM 1506 C CA  . HIS B 1 74  ? -0.920  -2.101  3.350   1.00 11.87 ? 73  HIS B CA  1 
ATOM 1507 C C   . HIS B 1 74  ? -1.782  -0.837  3.255   1.00 12.91 ? 73  HIS B C   1 
ATOM 1508 O O   . HIS B 1 74  ? -2.887  -0.856  2.707   1.00 12.46 ? 73  HIS B O   1 
ATOM 1509 C CB  . HIS B 1 74  ? 0.320   -1.919  2.458   1.00 12.07 ? 73  HIS B CB  1 
ATOM 1510 C CG  . HIS B 1 74  ? 1.302   -3.053  2.515   1.00 12.49 ? 73  HIS B CG  1 
ATOM 1511 N ND1 . HIS B 1 74  ? 1.073   -4.274  1.914   1.00 13.42 ? 73  HIS B ND1 1 
ATOM 1512 C CD2 . HIS B 1 74  ? 2.538   -3.131  3.058   1.00 13.04 ? 73  HIS B CD2 1 
ATOM 1513 C CE1 . HIS B 1 74  ? 2.128   -5.051  2.082   1.00 11.52 ? 73  HIS B CE1 1 
ATOM 1514 N NE2 . HIS B 1 74  ? 3.032   -4.382  2.772   1.00 8.91  ? 73  HIS B NE2 1 
ATOM 1515 N N   . ASN B 1 75  ? -1.261  0.260   3.799   1.00 12.60 ? 74  ASN B N   1 
ATOM 1516 C CA  . ASN B 1 75  ? -1.937  1.549   3.752   1.00 11.81 ? 74  ASN B CA  1 
ATOM 1517 C C   . ASN B 1 75  ? -3.386  1.416   4.217   1.00 14.35 ? 74  ASN B C   1 
ATOM 1518 O O   . ASN B 1 75  ? -4.329  1.726   3.479   1.00 13.34 ? 74  ASN B O   1 
ATOM 1519 C CB  . ASN B 1 75  ? -1.877  2.080   2.319   1.00 11.16 ? 74  ASN B CB  1 
ATOM 1520 C CG  . ASN B 1 75  ? -2.102  3.575   2.232   1.00 11.92 ? 74  ASN B CG  1 
ATOM 1521 O OD1 . ASN B 1 75  ? -2.059  4.147   1.144   1.00 10.96 ? 74  ASN B OD1 1 
ATOM 1522 N ND2 . ASN B 1 75  ? -2.341  4.219   3.378   1.00 13.10 ? 74  ASN B ND2 1 
ATOM 1523 N N   . LEU B 1 76  ? -3.561  0.952   5.448   1.00 16.11 ? 75  LEU B N   1 
ATOM 1524 C CA  . LEU B 1 76  ? -4.898  0.765   5.986   1.00 17.65 ? 75  LEU B CA  1 
ATOM 1525 C C   . LEU B 1 76  ? -5.734  2.040   6.045   1.00 17.94 ? 75  LEU B C   1 
ATOM 1526 O O   . LEU B 1 76  ? -5.237  3.119   6.365   1.00 17.81 ? 75  LEU B O   1 
ATOM 1527 C CB  . LEU B 1 76  ? -4.819  0.126   7.376   1.00 18.57 ? 75  LEU B CB  1 
ATOM 1528 C CG  . LEU B 1 76  ? -4.438  -1.359  7.414   1.00 19.63 ? 75  LEU B CG  1 
ATOM 1529 C CD1 . LEU B 1 76  ? -4.412  -1.864  8.860   1.00 18.78 ? 75  LEU B CD1 1 
ATOM 1530 C CD2 . LEU B 1 76  ? -5.437  -2.154  6.590   1.00 15.35 ? 75  LEU B CD2 1 
ATOM 1531 N N   . GLN B 1 77  ? -7.012  1.894   5.724   1.00 19.25 ? 76  GLN B N   1 
ATOM 1532 C CA  . GLN B 1 77  ? -7.961  2.994   5.739   1.00 21.16 ? 76  GLN B CA  1 
ATOM 1533 C C   . GLN B 1 77  ? -9.004  2.659   6.795   1.00 21.44 ? 76  GLN B C   1 
ATOM 1534 O O   . GLN B 1 77  ? -9.262  1.492   7.062   1.00 21.62 ? 76  GLN B O   1 
ATOM 1535 C CB  . GLN B 1 77  ? -8.660  3.109   4.385   1.00 22.63 ? 76  GLN B CB  1 
ATOM 1536 C CG  . GLN B 1 77  ? -7.747  3.362   3.212   1.00 29.22 ? 76  GLN B CG  1 
ATOM 1537 C CD  . GLN B 1 77  ? -7.108  4.724   3.283   1.00 33.65 ? 76  GLN B CD  1 
ATOM 1538 O OE1 . GLN B 1 77  ? -7.800  5.738   3.405   1.00 35.87 ? 76  GLN B OE1 1 
ATOM 1539 N NE2 . GLN B 1 77  ? -5.780  4.763   3.209   1.00 36.68 ? 76  GLN B NE2 1 
ATOM 1540 N N   . ILE B 1 78  ? -9.613  3.673   7.392   1.00 21.27 ? 77  ILE B N   1 
ATOM 1541 C CA  . ILE B 1 78  ? -10.640 3.430   8.391   1.00 22.67 ? 77  ILE B CA  1 
ATOM 1542 C C   . ILE B 1 78  ? -11.728 2.530   7.797   1.00 22.35 ? 77  ILE B C   1 
ATOM 1543 O O   . ILE B 1 78  ? -12.347 1.729   8.501   1.00 21.97 ? 77  ILE B O   1 
ATOM 1544 C CB  . ILE B 1 78  ? -11.264 4.762   8.867   1.00 22.45 ? 77  ILE B CB  1 
ATOM 1545 C CG1 . ILE B 1 78  ? -10.222 5.572   9.636   1.00 22.68 ? 77  ILE B CG1 1 
ATOM 1546 C CG2 . ILE B 1 78  ? -12.458 4.501   9.746   1.00 20.35 ? 77  ILE B CG2 1 
ATOM 1547 C CD1 . ILE B 1 78  ? -9.690  4.869   10.884  1.00 26.47 ? 77  ILE B CD1 1 
ATOM 1548 N N   . LYS B 1 79  ? -11.937 2.660   6.494   1.00 24.66 ? 78  LYS B N   1 
ATOM 1549 C CA  . LYS B 1 79  ? -12.945 1.880   5.784   1.00 26.44 ? 78  LYS B CA  1 
ATOM 1550 C C   . LYS B 1 79  ? -12.520 0.427   5.542   1.00 26.09 ? 78  LYS B C   1 
ATOM 1551 O O   . LYS B 1 79  ? -13.343 -0.414  5.185   1.00 28.56 ? 78  LYS B O   1 
ATOM 1552 C CB  . LYS B 1 79  ? -13.261 2.535   4.437   1.00 29.88 ? 78  LYS B CB  1 
ATOM 1553 C CG  . LYS B 1 79  ? -13.678 4.005   4.515   1.00 34.56 ? 78  LYS B CG  1 
ATOM 1554 C CD  . LYS B 1 79  ? -14.003 4.588   3.127   1.00 36.51 ? 78  LYS B CD  1 
ATOM 1555 C CE  . LYS B 1 79  ? -12.774 4.689   2.219   1.00 36.71 ? 78  LYS B CE  1 
ATOM 1556 N NZ  . LYS B 1 79  ? -11.729 5.589   2.781   1.00 37.54 ? 78  LYS B NZ  1 
ATOM 1557 N N   . ASP B 1 80  ? -11.243 0.121   5.724   1.00 23.54 ? 79  ASP B N   1 
ATOM 1558 C CA  . ASP B 1 80  ? -10.795 -1.249  5.503   1.00 22.45 ? 79  ASP B CA  1 
ATOM 1559 C C   . ASP B 1 80  ? -11.345 -2.210  6.553   1.00 20.86 ? 79  ASP B C   1 
ATOM 1560 O O   . ASP B 1 80  ? -11.263 -3.424  6.393   1.00 21.33 ? 79  ASP B O   1 
ATOM 1561 C CB  . ASP B 1 80  ? -9.261  -1.347  5.508   1.00 21.76 ? 79  ASP B CB  1 
ATOM 1562 C CG  . ASP B 1 80  ? -8.619  -0.754  4.259   1.00 21.54 ? 79  ASP B CG  1 
ATOM 1563 O OD1 . ASP B 1 80  ? -9.166  -0.940  3.139   1.00 19.39 ? 79  ASP B OD1 1 
ATOM 1564 O OD2 . ASP B 1 80  ? -7.547  -0.118  4.410   1.00 18.10 ? 79  ASP B OD2 1 
ATOM 1565 N N   . LYS B 1 81  ? -11.902 -1.676  7.633   1.00 18.36 ? 80  LYS B N   1 
ATOM 1566 C CA  . LYS B 1 81  ? -12.416 -2.539  8.679   1.00 18.90 ? 80  LYS B CA  1 
ATOM 1567 C C   . LYS B 1 81  ? -13.570 -3.387  8.187   1.00 18.77 ? 80  LYS B C   1 
ATOM 1568 O O   . LYS B 1 81  ? -14.438 -2.910  7.459   1.00 20.38 ? 80  LYS B O   1 
ATOM 1569 C CB  . LYS B 1 81  ? -12.854 -1.720  9.888   1.00 21.44 ? 80  LYS B CB  1 
ATOM 1570 C CG  . LYS B 1 81  ? -14.044 -0.835  9.660   1.00 24.86 ? 80  LYS B CG  1 
ATOM 1571 C CD  . LYS B 1 81  ? -14.480 -0.229  10.979  1.00 30.87 ? 80  LYS B CD  1 
ATOM 1572 C CE  . LYS B 1 81  ? -15.792 0.525   10.858  1.00 34.25 ? 80  LYS B CE  1 
ATOM 1573 N NZ  . LYS B 1 81  ? -16.324 0.910   12.201  1.00 37.20 ? 80  LYS B NZ  1 
ATOM 1574 N N   . GLY B 1 82  ? -13.571 -4.652  8.584   1.00 17.67 ? 81  GLY B N   1 
ATOM 1575 C CA  . GLY B 1 82  ? -14.626 -5.555  8.178   1.00 17.34 ? 81  GLY B CA  1 
ATOM 1576 C C   . GLY B 1 82  ? -14.164 -6.997  8.186   1.00 17.29 ? 81  GLY B C   1 
ATOM 1577 O O   . GLY B 1 82  ? -13.107 -7.316  8.728   1.00 16.30 ? 81  GLY B O   1 
ATOM 1578 N N   . LEU B 1 83  ? -14.955 -7.875  7.579   1.00 16.74 ? 82  LEU B N   1 
ATOM 1579 C CA  . LEU B 1 83  ? -14.595 -9.280  7.520   1.00 16.03 ? 82  LEU B CA  1 
ATOM 1580 C C   . LEU B 1 83  ? -13.799 -9.561  6.260   1.00 14.62 ? 82  LEU B C   1 
ATOM 1581 O O   . LEU B 1 83  ? -14.045 -8.970  5.208   1.00 13.93 ? 82  LEU B O   1 
ATOM 1582 C CB  . LEU B 1 83  ? -15.839 -10.155 7.525   1.00 16.72 ? 82  LEU B CB  1 
ATOM 1583 C CG  . LEU B 1 83  ? -15.515 -11.646 7.626   1.00 18.86 ? 82  LEU B CG  1 
ATOM 1584 C CD1 . LEU B 1 83  ? -14.912 -11.946 8.995   1.00 22.34 ? 82  LEU B CD1 1 
ATOM 1585 C CD2 . LEU B 1 83  ? -16.784 -12.466 7.429   1.00 21.71 ? 82  LEU B CD2 1 
ATOM 1586 N N   . TYR B 1 84  ? -12.823 -10.446 6.385   1.00 12.82 ? 83  TYR B N   1 
ATOM 1587 C CA  . TYR B 1 84  ? -11.997 -10.835 5.261   1.00 11.62 ? 83  TYR B CA  1 
ATOM 1588 C C   . TYR B 1 84  ? -12.034 -12.334 5.229   1.00 13.21 ? 83  TYR B C   1 
ATOM 1589 O O   . TYR B 1 84  ? -12.387 -12.967 6.223   1.00 14.75 ? 83  TYR B O   1 
ATOM 1590 C CB  . TYR B 1 84  ? -10.564 -10.321 5.410   1.00 9.82  ? 83  TYR B CB  1 
ATOM 1591 C CG  . TYR B 1 84  ? -10.487 -8.839  5.165   1.00 9.79  ? 83  TYR B CG  1 
ATOM 1592 C CD1 . TYR B 1 84  ? -10.669 -7.936  6.203   1.00 9.00  ? 83  TYR B CD1 1 
ATOM 1593 C CD2 . TYR B 1 84  ? -10.339 -8.336  3.875   1.00 9.74  ? 83  TYR B CD2 1 
ATOM 1594 C CE1 . TYR B 1 84  ? -10.715 -6.582  5.967   1.00 9.90  ? 83  TYR B CE1 1 
ATOM 1595 C CE2 . TYR B 1 84  ? -10.387 -6.974  3.630   1.00 8.73  ? 83  TYR B CE2 1 
ATOM 1596 C CZ  . TYR B 1 84  ? -10.577 -6.110  4.683   1.00 9.28  ? 83  TYR B CZ  1 
ATOM 1597 O OH  . TYR B 1 84  ? -10.642 -4.764  4.459   1.00 13.56 ? 83  TYR B OH  1 
ATOM 1598 N N   . GLN B 1 85  ? -11.661 -12.917 4.106   1.00 13.59 ? 84  GLN B N   1 
ATOM 1599 C CA  . GLN B 1 85  ? -11.746 -14.352 4.012   1.00 16.69 ? 84  GLN B CA  1 
ATOM 1600 C C   . GLN B 1 85  ? -10.682 -15.011 3.145   1.00 16.33 ? 84  GLN B C   1 
ATOM 1601 O O   . GLN B 1 85  ? -10.372 -14.535 2.040   1.00 15.51 ? 84  GLN B O   1 
ATOM 1602 C CB  . GLN B 1 85  ? -13.145 -14.684 3.513   1.00 18.22 ? 84  GLN B CB  1 
ATOM 1603 C CG  . GLN B 1 85  ? -13.354 -16.107 3.118   1.00 25.78 ? 84  GLN B CG  1 
ATOM 1604 C CD  . GLN B 1 85  ? -14.763 -16.341 2.622   1.00 27.83 ? 84  GLN B CD  1 
ATOM 1605 O OE1 . GLN B 1 85  ? -15.294 -15.564 1.819   1.00 30.20 ? 84  GLN B OE1 1 
ATOM 1606 N NE2 . GLN B 1 85  ? -15.376 -17.416 3.092   1.00 29.10 ? 84  GLN B NE2 1 
ATOM 1607 N N   . CYS B 1 86  ? -10.116 -16.103 3.662   1.00 16.01 ? 85  CYS B N   1 
ATOM 1608 C CA  . CYS B 1 86  ? -9.098  -16.851 2.926   1.00 16.10 ? 85  CYS B CA  1 
ATOM 1609 C C   . CYS B 1 86  ? -9.744  -18.094 2.347   1.00 14.44 ? 85  CYS B C   1 
ATOM 1610 O O   . CYS B 1 86  ? -10.417 -18.840 3.062   1.00 13.97 ? 85  CYS B O   1 
ATOM 1611 C CB  . CYS B 1 86  ? -7.939  -17.280 3.829   1.00 17.76 ? 85  CYS B CB  1 
ATOM 1612 S SG  . CYS B 1 86  ? -6.427  -17.655 2.884   1.00 18.43 ? 85  CYS B SG  1 
ATOM 1613 N N   . ILE B 1 87  ? -9.554  -18.304 1.053   1.00 12.67 ? 86  ILE B N   1 
ATOM 1614 C CA  . ILE B 1 87  ? -10.109 -19.475 0.400   1.00 13.99 ? 86  ILE B CA  1 
ATOM 1615 C C   . ILE B 1 87  ? -9.016  -20.182 -0.389  1.00 14.13 ? 86  ILE B C   1 
ATOM 1616 O O   . ILE B 1 87  ? -8.320  -19.567 -1.206  1.00 14.34 ? 86  ILE B O   1 
ATOM 1617 C CB  . ILE B 1 87  ? -11.278 -19.090 -0.538  1.00 15.17 ? 86  ILE B CB  1 
ATOM 1618 C CG1 . ILE B 1 87  ? -12.359 -18.347 0.264   1.00 15.13 ? 86  ILE B CG1 1 
ATOM 1619 C CG2 . ILE B 1 87  ? -11.856 -20.349 -1.187  1.00 13.16 ? 86  ILE B CG2 1 
ATOM 1620 C CD1 . ILE B 1 87  ? -13.622 -18.045 -0.516  1.00 13.24 ? 86  ILE B CD1 1 
ATOM 1621 N N   . ILE B 1 88  ? -8.844  -21.473 -0.133  1.00 14.46 ? 87  ILE B N   1 
ATOM 1622 C CA  . ILE B 1 88  ? -7.808  -22.221 -0.835  1.00 13.13 ? 87  ILE B CA  1 
ATOM 1623 C C   . ILE B 1 88  ? -8.360  -23.400 -1.611  1.00 13.73 ? 87  ILE B C   1 
ATOM 1624 O O   . ILE B 1 88  ? -9.144  -24.193 -1.090  1.00 14.70 ? 87  ILE B O   1 
ATOM 1625 C CB  . ILE B 1 88  ? -6.725  -22.696 0.138   1.00 11.20 ? 87  ILE B CB  1 
ATOM 1626 C CG1 . ILE B 1 88  ? -6.076  -21.471 0.796   1.00 10.37 ? 87  ILE B CG1 1 
ATOM 1627 C CG2 . ILE B 1 88  ? -5.684  -23.524 -0.606  1.00 10.16 ? 87  ILE B CG2 1 
ATOM 1628 C CD1 . ILE B 1 88  ? -5.059  -21.790 1.866   1.00 8.53  ? 87  ILE B CD1 1 
ATOM 1629 N N   . HIS B 1 89  ? -7.963  -23.487 -2.875  1.00 14.87 ? 88  HIS B N   1 
ATOM 1630 C CA  . HIS B 1 89  ? -8.410  -24.565 -3.735  1.00 15.48 ? 88  HIS B CA  1 
ATOM 1631 C C   . HIS B 1 89  ? -7.268  -25.379 -4.269  1.00 15.98 ? 88  HIS B C   1 
ATOM 1632 O O   . HIS B 1 89  ? -6.166  -24.870 -4.460  1.00 15.70 ? 88  HIS B O   1 
ATOM 1633 C CB  . HIS B 1 89  ? -9.153  -24.050 -4.958  1.00 15.81 ? 88  HIS B CB  1 
ATOM 1634 C CG  . HIS B 1 89  ? -10.445 -23.368 -4.652  1.00 18.78 ? 88  HIS B CG  1 
ATOM 1635 N ND1 . HIS B 1 89  ? -10.513 -22.071 -4.194  1.00 18.99 ? 88  HIS B ND1 1 
ATOM 1636 C CD2 . HIS B 1 89  ? -11.724 -23.791 -4.788  1.00 17.38 ? 88  HIS B CD2 1 
ATOM 1637 C CE1 . HIS B 1 89  ? -11.779 -21.721 -4.065  1.00 18.39 ? 88  HIS B CE1 1 
ATOM 1638 N NE2 . HIS B 1 89  ? -12.534 -22.747 -4.419  1.00 19.18 ? 88  HIS B NE2 1 
ATOM 1639 N N   . HIS B 1 90  ? -7.549  -26.655 -4.508  1.00 19.13 ? 89  HIS B N   1 
ATOM 1640 C CA  . HIS B 1 90  ? -6.584  -27.551 -5.114  1.00 19.16 ? 89  HIS B CA  1 
ATOM 1641 C C   . HIS B 1 90  ? -7.081  -27.521 -6.544  1.00 18.43 ? 89  HIS B C   1 
ATOM 1642 O O   . HIS B 1 90  ? -8.259  -27.766 -6.797  1.00 14.84 ? 89  HIS B O   1 
ATOM 1643 C CB  . HIS B 1 90  ? -6.700  -28.972 -4.572  1.00 22.31 ? 89  HIS B CB  1 
ATOM 1644 C CG  . HIS B 1 90  ? -5.711  -29.925 -5.178  1.00 26.25 ? 89  HIS B CG  1 
ATOM 1645 N ND1 . HIS B 1 90  ? -5.761  -31.285 -4.967  1.00 28.65 ? 89  HIS B ND1 1 
ATOM 1646 C CD2 . HIS B 1 90  ? -4.631  -29.707 -5.968  1.00 27.83 ? 89  HIS B CD2 1 
ATOM 1647 C CE1 . HIS B 1 90  ? -4.756  -31.864 -5.600  1.00 30.30 ? 89  HIS B CE1 1 
ATOM 1648 N NE2 . HIS B 1 90  ? -4.055  -30.928 -6.214  1.00 28.98 ? 89  HIS B NE2 1 
ATOM 1649 N N   . LYS B 1 91  ? -6.206  -27.189 -7.477  1.00 18.92 ? 90  LYS B N   1 
ATOM 1650 C CA  . LYS B 1 91  ? -6.611  -27.112 -8.870  1.00 20.39 ? 90  LYS B CA  1 
ATOM 1651 C C   . LYS B 1 91  ? -6.703  -28.494 -9.499  1.00 20.09 ? 90  LYS B C   1 
ATOM 1652 O O   . LYS B 1 91  ? -5.905  -29.379 -9.193  1.00 21.18 ? 90  LYS B O   1 
ATOM 1653 C CB  . LYS B 1 91  ? -5.608  -26.261 -9.658  1.00 22.78 ? 90  LYS B CB  1 
ATOM 1654 C CG  . LYS B 1 91  ? -5.928  -26.100 -11.139 1.00 24.19 ? 90  LYS B CG  1 
ATOM 1655 C CD  . LYS B 1 91  ? -6.796  -24.882 -11.394 1.00 25.44 ? 90  LYS B CD  1 
ATOM 1656 C CE  . LYS B 1 91  ? -7.163  -24.759 -12.858 1.00 26.49 ? 90  LYS B CE  1 
ATOM 1657 N NZ  . LYS B 1 91  ? -8.085  -25.848 -13.283 1.00 31.49 ? 90  LYS B NZ  1 
ATOM 1658 N N   . LYS B 1 92  ? -7.689  -28.671 -10.372 1.00 20.18 ? 91  LYS B N   1 
ATOM 1659 C CA  . LYS B 1 92  ? -7.867  -29.933 -11.083 1.00 21.95 ? 91  LYS B CA  1 
ATOM 1660 C C   . LYS B 1 92  ? -8.015  -29.631 -12.577 1.00 21.85 ? 91  LYS B C   1 
ATOM 1661 O O   . LYS B 1 92  ? -8.368  -28.514 -12.958 1.00 22.48 ? 91  LYS B O   1 
ATOM 1662 C CB  . LYS B 1 92  ? -9.082  -30.711 -10.544 1.00 20.91 ? 91  LYS B CB  1 
ATOM 1663 C CG  . LYS B 1 92  ? -10.423 -29.992 -10.585 1.00 22.58 ? 91  LYS B CG  1 
ATOM 1664 C CD  . LYS B 1 92  ? -11.516 -30.894 -10.004 1.00 22.64 ? 91  LYS B CD  1 
ATOM 1665 C CE  . LYS B 1 92  ? -12.881 -30.235 -10.052 1.00 23.06 ? 91  LYS B CE  1 
ATOM 1666 N NZ  . LYS B 1 92  ? -13.978 -31.218 -9.829  1.00 26.56 ? 91  LYS B NZ  1 
ATOM 1667 N N   . PRO B 1 93  ? -7.728  -30.620 -13.439 1.00 21.03 ? 92  PRO B N   1 
ATOM 1668 C CA  . PRO B 1 93  ? -7.810  -30.495 -14.900 1.00 22.98 ? 92  PRO B CA  1 
ATOM 1669 C C   . PRO B 1 93  ? -8.949  -29.616 -15.393 1.00 24.84 ? 92  PRO B C   1 
ATOM 1670 O O   . PRO B 1 93  ? -8.815  -28.885 -16.374 1.00 25.60 ? 92  PRO B O   1 
ATOM 1671 C CB  . PRO B 1 93  ? -7.957  -31.936 -15.354 1.00 23.98 ? 92  PRO B CB  1 
ATOM 1672 C CG  . PRO B 1 93  ? -7.103  -32.670 -14.356 1.00 23.76 ? 92  PRO B CG  1 
ATOM 1673 C CD  . PRO B 1 93  ? -7.471  -32.018 -13.046 1.00 21.87 ? 92  PRO B CD  1 
ATOM 1674 N N   . THR B 1 94  ? -10.075 -29.693 -14.704 1.00 27.09 ? 93  THR B N   1 
ATOM 1675 C CA  . THR B 1 94  ? -11.230 -28.903 -15.074 1.00 28.73 ? 93  THR B CA  1 
ATOM 1676 C C   . THR B 1 94  ? -11.964 -28.451 -13.833 1.00 28.01 ? 93  THR B C   1 
ATOM 1677 O O   . THR B 1 94  ? -12.887 -29.113 -13.364 1.00 30.17 ? 93  THR B O   1 
ATOM 1678 C CB  . THR B 1 94  ? -12.197 -29.704 -15.966 1.00 31.84 ? 93  THR B CB  1 
ATOM 1679 O OG1 . THR B 1 94  ? -11.599 -29.908 -17.253 1.00 34.51 ? 93  THR B OG1 1 
ATOM 1680 C CG2 . THR B 1 94  ? -13.515 -28.960 -16.123 1.00 31.93 ? 93  THR B CG2 1 
ATOM 1681 N N   . GLY B 1 95  ? -11.539 -27.314 -13.304 1.00 28.24 ? 94  GLY B N   1 
ATOM 1682 C CA  . GLY B 1 95  ? -12.172 -26.775 -12.125 1.00 26.50 ? 94  GLY B CA  1 
ATOM 1683 C C   . GLY B 1 95  ? -11.245 -26.697 -10.935 1.00 25.19 ? 94  GLY B C   1 
ATOM 1684 O O   . GLY B 1 95  ? -10.019 -26.776 -11.059 1.00 23.91 ? 94  GLY B O   1 
ATOM 1685 N N   . MET B 1 96  ? -11.859 -26.548 -9.771  1.00 23.68 ? 95  MET B N   1 
ATOM 1686 C CA  . MET B 1 96  ? -11.150 -26.437 -8.512  1.00 21.95 ? 95  MET B CA  1 
ATOM 1687 C C   . MET B 1 96  ? -11.863 -27.248 -7.444  1.00 19.99 ? 95  MET B C   1 
ATOM 1688 O O   . MET B 1 96  ? -13.001 -27.673 -7.619  1.00 21.52 ? 95  MET B O   1 
ATOM 1689 C CB  . MET B 1 96  ? -11.090 -24.970 -8.068  1.00 20.75 ? 95  MET B CB  1 
ATOM 1690 C CG  . MET B 1 96  ? -9.997  -24.157 -8.720  1.00 20.25 ? 95  MET B CG  1 
ATOM 1691 S SD  . MET B 1 96  ? -9.985  -22.449 -8.141  1.00 18.37 ? 95  MET B SD  1 
ATOM 1692 C CE  . MET B 1 96  ? -10.469 -21.659 -9.578  1.00 21.13 ? 95  MET B CE  1 
ATOM 1693 N N   . ILE B 1 97  ? -11.175 -27.459 -6.333  1.00 18.81 ? 96  ILE B N   1 
ATOM 1694 C CA  . ILE B 1 97  ? -11.724 -28.199 -5.217  1.00 16.11 ? 96  ILE B CA  1 
ATOM 1695 C C   . ILE B 1 97  ? -11.389 -27.381 -3.994  1.00 15.70 ? 96  ILE B C   1 
ATOM 1696 O O   . ILE B 1 97  ? -10.212 -27.118 -3.735  1.00 15.27 ? 96  ILE B O   1 
ATOM 1697 C CB  . ILE B 1 97  ? -11.068 -29.576 -5.105  1.00 15.37 ? 96  ILE B CB  1 
ATOM 1698 C CG1 . ILE B 1 97  ? -11.507 -30.432 -6.297  1.00 17.50 ? 96  ILE B CG1 1 
ATOM 1699 C CG2 . ILE B 1 97  ? -11.406 -30.213 -3.774  1.00 10.39 ? 96  ILE B CG2 1 
ATOM 1700 C CD1 . ILE B 1 97  ? -10.670 -31.662 -6.505  1.00 22.50 ? 96  ILE B CD1 1 
ATOM 1701 N N   . ARG B 1 98  ? -12.418 -26.962 -3.259  1.00 13.13 ? 97  ARG B N   1 
ATOM 1702 C CA  . ARG B 1 98  ? -12.203 -26.167 -2.064  1.00 11.25 ? 97  ARG B CA  1 
ATOM 1703 C C   . ARG B 1 98  ? -11.605 -27.056 -0.983  1.00 9.44  ? 97  ARG B C   1 
ATOM 1704 O O   . ARG B 1 98  ? -12.108 -28.136 -0.708  1.00 10.12 ? 97  ARG B O   1 
ATOM 1705 C CB  . ARG B 1 98  ? -13.518 -25.545 -1.577  1.00 10.95 ? 97  ARG B CB  1 
ATOM 1706 C CG  . ARG B 1 98  ? -13.343 -24.659 -0.344  1.00 14.94 ? 97  ARG B CG  1 
ATOM 1707 C CD  . ARG B 1 98  ? -14.370 -23.510 -0.252  1.00 19.55 ? 97  ARG B CD  1 
ATOM 1708 N NE  . ARG B 1 98  ? -15.528 -23.831 0.577   1.00 19.28 ? 97  ARG B NE  1 
ATOM 1709 C CZ  . ARG B 1 98  ? -16.498 -24.655 0.207   1.00 20.08 ? 97  ARG B CZ  1 
ATOM 1710 N NH1 . ARG B 1 98  ? -16.462 -25.244 -0.983  1.00 22.68 ? 97  ARG B NH1 1 
ATOM 1711 N NH2 . ARG B 1 98  ? -17.500 -24.900 1.031   1.00 19.26 ? 97  ARG B NH2 1 
ATOM 1712 N N   . ILE B 1 99  ? -10.517 -26.607 -0.379  1.00 7.62  ? 98  ILE B N   1 
ATOM 1713 C CA  . ILE B 1 99  ? -9.888  -27.387 0.663   1.00 7.89  ? 98  ILE B CA  1 
ATOM 1714 C C   . ILE B 1 99  ? -9.653  -26.614 1.944   1.00 8.45  ? 98  ILE B C   1 
ATOM 1715 O O   . ILE B 1 99  ? -9.144  -27.173 2.909   1.00 9.44  ? 98  ILE B O   1 
ATOM 1716 C CB  . ILE B 1 99  ? -8.534  -27.953 0.194   1.00 7.93  ? 98  ILE B CB  1 
ATOM 1717 C CG1 . ILE B 1 99  ? -7.567  -26.811 -0.094  1.00 3.20  ? 98  ILE B CG1 1 
ATOM 1718 C CG2 . ILE B 1 99  ? -8.728  -28.810 -1.045  1.00 5.94  ? 98  ILE B CG2 1 
ATOM 1719 C CD1 . ILE B 1 99  ? -6.224  -27.289 -0.532  1.00 5.02  ? 98  ILE B CD1 1 
ATOM 1720 N N   . HIS B 1 100 ? -10.026 -25.340 1.979   1.00 10.52 ? 99  HIS B N   1 
ATOM 1721 C CA  . HIS B 1 100 ? -9.801  -24.555 3.186   1.00 11.57 ? 99  HIS B CA  1 
ATOM 1722 C C   . HIS B 1 100 ? -10.340 -23.130 3.140   1.00 14.32 ? 99  HIS B C   1 
ATOM 1723 O O   . HIS B 1 100 ? -10.322 -22.468 2.100   1.00 14.44 ? 99  HIS B O   1 
ATOM 1724 C CB  . HIS B 1 100 ? -8.301  -24.536 3.481   1.00 13.52 ? 99  HIS B CB  1 
ATOM 1725 C CG  . HIS B 1 100 ? -7.936  -23.816 4.737   1.00 14.05 ? 99  HIS B CG  1 
ATOM 1726 N ND1 . HIS B 1 100 ? -7.933  -22.442 4.830   1.00 16.95 ? 99  HIS B ND1 1 
ATOM 1727 C CD2 . HIS B 1 100 ? -7.569  -24.278 5.953   1.00 14.16 ? 99  HIS B CD2 1 
ATOM 1728 C CE1 . HIS B 1 100 ? -7.579  -22.089 6.052   1.00 17.39 ? 99  HIS B CE1 1 
ATOM 1729 N NE2 . HIS B 1 100 ? -7.353  -23.184 6.753   1.00 15.43 ? 99  HIS B NE2 1 
ATOM 1730 N N   . GLN B 1 101 ? -10.824 -22.670 4.286   1.00 17.40 ? 100 GLN B N   1 
ATOM 1731 C CA  . GLN B 1 101 ? -11.367 -21.327 4.428   1.00 20.26 ? 100 GLN B CA  1 
ATOM 1732 C C   . GLN B 1 101 ? -11.084 -20.805 5.825   1.00 20.87 ? 100 GLN B C   1 
ATOM 1733 O O   . GLN B 1 101 ? -11.020 -21.568 6.789   1.00 21.51 ? 100 GLN B O   1 
ATOM 1734 C CB  . GLN B 1 101 ? -12.880 -21.322 4.204   1.00 22.75 ? 100 GLN B CB  1 
ATOM 1735 C CG  . GLN B 1 101 ? -13.314 -21.277 2.757   1.00 30.51 ? 100 GLN B CG  1 
ATOM 1736 C CD  . GLN B 1 101 ? -14.828 -21.272 2.595   1.00 31.81 ? 100 GLN B CD  1 
ATOM 1737 O OE1 . GLN B 1 101 ? -15.517 -22.209 2.998   1.00 32.52 ? 100 GLN B OE1 1 
ATOM 1738 N NE2 . GLN B 1 101 ? -15.347 -20.212 2.000   1.00 36.21 ? 100 GLN B NE2 1 
ATOM 1739 N N   . MET B 1 102 ? -10.916 -19.497 5.935   1.00 20.55 ? 101 MET B N   1 
ATOM 1740 C CA  . MET B 1 102 ? -10.668 -18.885 7.224   1.00 19.80 ? 101 MET B CA  1 
ATOM 1741 C C   . MET B 1 102 ? -11.117 -17.436 7.169   1.00 20.57 ? 101 MET B C   1 
ATOM 1742 O O   . MET B 1 102 ? -10.765 -16.702 6.239   1.00 19.52 ? 101 MET B O   1 
ATOM 1743 C CB  . MET B 1 102 ? -9.179  -18.967 7.581   1.00 20.80 ? 101 MET B CB  1 
ATOM 1744 C CG  . MET B 1 102 ? -8.821  -18.487 8.987   1.00 19.20 ? 101 MET B CG  1 
ATOM 1745 S SD  . MET B 1 102 ? -9.380  -19.559 10.323  1.00 19.35 ? 101 MET B SD  1 
ATOM 1746 C CE  . MET B 1 102 ? -11.174 -19.242 10.320  1.00 19.48 ? 101 MET B CE  1 
ATOM 1747 N N   . ASN B 1 103 ? -11.920 -17.033 8.152   1.00 20.15 ? 102 ASN B N   1 
ATOM 1748 C CA  . ASN B 1 103 ? -12.390 -15.661 8.216   1.00 19.76 ? 102 ASN B CA  1 
ATOM 1749 C C   . ASN B 1 103 ? -11.566 -14.893 9.218   1.00 18.50 ? 102 ASN B C   1 
ATOM 1750 O O   . ASN B 1 103 ? -10.988 -15.472 10.141  1.00 16.43 ? 102 ASN B O   1 
ATOM 1751 C CB  . ASN B 1 103 ? -13.852 -15.587 8.643   1.00 21.82 ? 102 ASN B CB  1 
ATOM 1752 C CG  . ASN B 1 103 ? -14.773 -16.223 7.650   1.00 26.62 ? 102 ASN B CG  1 
ATOM 1753 O OD1 . ASN B 1 103 ? -14.652 -16.010 6.446   1.00 28.85 ? 102 ASN B OD1 1 
ATOM 1754 N ND2 . ASN B 1 103 ? -15.716 -17.005 8.147   1.00 31.26 ? 102 ASN B ND2 1 
ATOM 1755 N N   . SER B 1 104 ? -11.528 -13.580 9.022   1.00 17.92 ? 103 SER B N   1 
ATOM 1756 C CA  . SER B 1 104 ? -10.805 -12.678 9.894   1.00 17.16 ? 103 SER B CA  1 
ATOM 1757 C C   . SER B 1 104 ? -11.641 -11.420 10.041  1.00 17.60 ? 103 SER B C   1 
ATOM 1758 O O   . SER B 1 104 ? -12.290 -10.970 9.101   1.00 16.13 ? 103 SER B O   1 
ATOM 1759 C CB  . SER B 1 104 ? -9.450  -12.315 9.287   1.00 18.69 ? 103 SER B CB  1 
ATOM 1760 O OG  . SER B 1 104 ? -8.691  -13.476 9.001   1.00 26.46 ? 103 SER B OG  1 
ATOM 1761 N N   . GLU B 1 105 ? -11.640 -10.861 11.235  1.00 20.57 ? 104 GLU B N   1 
ATOM 1762 C CA  . GLU B 1 105 ? -12.373 -9.637  11.476  1.00 21.75 ? 104 GLU B CA  1 
ATOM 1763 C C   . GLU B 1 105 ? -11.333 -8.567  11.799  1.00 20.21 ? 104 GLU B C   1 
ATOM 1764 O O   . GLU B 1 105 ? -10.726 -8.571  12.872  1.00 21.35 ? 104 GLU B O   1 
ATOM 1765 C CB  . GLU B 1 105 ? -13.333 -9.811  12.645  1.00 26.06 ? 104 GLU B CB  1 
ATOM 1766 C CG  . GLU B 1 105 ? -14.124 -8.555  12.969  1.00 33.04 ? 104 GLU B CG  1 
ATOM 1767 C CD  . GLU B 1 105 ? -14.646 -8.558  14.388  1.00 37.06 ? 104 GLU B CD  1 
ATOM 1768 O OE1 . GLU B 1 105 ? -15.455 -9.457  14.720  1.00 37.85 ? 104 GLU B OE1 1 
ATOM 1769 O OE2 . GLU B 1 105 ? -14.233 -7.666  15.168  1.00 39.51 ? 104 GLU B OE2 1 
ATOM 1770 N N   . LEU B 1 106 ? -11.134 -7.657  10.856  1.00 19.28 ? 105 LEU B N   1 
ATOM 1771 C CA  . LEU B 1 106 ? -10.169 -6.580  11.002  1.00 18.31 ? 105 LEU B CA  1 
ATOM 1772 C C   . LEU B 1 106 ? -10.744 -5.300  11.590  1.00 18.01 ? 105 LEU B C   1 
ATOM 1773 O O   . LEU B 1 106 ? -11.795 -4.821  11.157  1.00 16.46 ? 105 LEU B O   1 
ATOM 1774 C CB  . LEU B 1 106 ? -9.560  -6.255  9.641   1.00 17.30 ? 105 LEU B CB  1 
ATOM 1775 C CG  . LEU B 1 106 ? -8.671  -5.018  9.644   1.00 15.26 ? 105 LEU B CG  1 
ATOM 1776 C CD1 . LEU B 1 106 ? -7.500  -5.272  10.562  1.00 14.06 ? 105 LEU B CD1 1 
ATOM 1777 C CD2 . LEU B 1 106 ? -8.232  -4.679  8.240   1.00 12.81 ? 105 LEU B CD2 1 
ATOM 1778 N N   . SER B 1 107 ? -10.039 -4.748  12.574  1.00 17.61 ? 106 SER B N   1 
ATOM 1779 C CA  . SER B 1 107 ? -10.435 -3.492  13.201  1.00 18.36 ? 106 SER B CA  1 
ATOM 1780 C C   . SER B 1 107 ? -9.346  -2.490  12.879  1.00 17.91 ? 106 SER B C   1 
ATOM 1781 O O   . SER B 1 107 ? -8.163  -2.780  13.045  1.00 18.49 ? 106 SER B O   1 
ATOM 1782 C CB  . SER B 1 107 ? -10.541 -3.638  14.715  1.00 17.49 ? 106 SER B CB  1 
ATOM 1783 O OG  . SER B 1 107 ? -11.477 -4.637  15.049  1.00 21.76 ? 106 SER B OG  1 
ATOM 1784 N N   . VAL B 1 108 ? -9.739  -1.314  12.409  1.00 18.18 ? 107 VAL B N   1 
ATOM 1785 C CA  . VAL B 1 108 ? -8.778  -0.268  12.068  1.00 18.11 ? 107 VAL B CA  1 
ATOM 1786 C C   . VAL B 1 108 ? -8.980  0.913   12.991  1.00 18.56 ? 107 VAL B C   1 
ATOM 1787 O O   . VAL B 1 108 ? -10.020 1.563   12.945  1.00 20.39 ? 107 VAL B O   1 
ATOM 1788 C CB  . VAL B 1 108 ? -8.959  0.199   10.620  1.00 17.01 ? 107 VAL B CB  1 
ATOM 1789 C CG1 . VAL B 1 108 ? -7.887  1.218   10.263  1.00 15.96 ? 107 VAL B CG1 1 
ATOM 1790 C CG2 . VAL B 1 108 ? -8.904  -1.004  9.693   1.00 16.33 ? 107 VAL B CG2 1 
ATOM 1791 N N   . LEU B 1 109 ? -7.981  1.194   13.819  1.00 19.20 ? 108 LEU B N   1 
ATOM 1792 C CA  . LEU B 1 109 ? -8.085  2.288   14.777  1.00 20.38 ? 108 LEU B CA  1 
ATOM 1793 C C   . LEU B 1 109 ? -7.452  3.591   14.321  1.00 22.50 ? 108 LEU B C   1 
ATOM 1794 O O   . LEU B 1 109 ? -6.351  3.605   13.774  1.00 22.15 ? 108 LEU B O   1 
ATOM 1795 C CB  . LEU B 1 109 ? -7.465  1.876   16.112  1.00 20.10 ? 108 LEU B CB  1 
ATOM 1796 C CG  . LEU B 1 109 ? -7.815  0.497   16.684  1.00 18.29 ? 108 LEU B CG  1 
ATOM 1797 C CD1 . LEU B 1 109 ? -7.484  0.511   18.173  1.00 18.82 ? 108 LEU B CD1 1 
ATOM 1798 C CD2 . LEU B 1 109 ? -9.285  0.167   16.473  1.00 15.98 ? 108 LEU B CD2 1 
ATOM 1799 N N   . ALA B 1 110 ? -8.154  4.690   14.570  1.00 25.23 ? 109 ALA B N   1 
ATOM 1800 C CA  . ALA B 1 110 ? -7.665  6.008   14.193  1.00 29.11 ? 109 ALA B CA  1 
ATOM 1801 C C   . ALA B 1 110 ? -7.067  6.697   15.417  1.00 32.17 ? 109 ALA B C   1 
ATOM 1802 O O   . ALA B 1 110 ? -7.362  6.240   16.543  1.00 33.56 ? 109 ALA B O   1 
ATOM 1803 C CB  . ALA B 1 110 ? -8.809  6.848   13.627  1.00 29.13 ? 109 ALA B CB  1 
ATOM 1804 O OXT . ALA B 1 110 ? -6.323  7.688   15.238  1.00 33.52 ? 109 ALA B OXT 1 
# 
